data_6ADF
# 
_entry.id   6ADF 
# 
_audit_conform.dict_name       mmcif_pdbx.dic 
_audit_conform.dict_version    5.398 
_audit_conform.dict_location   http://mmcif.pdb.org/dictionaries/ascii/mmcif_pdbx.dic 
# 
loop_
_database_2.database_id 
_database_2.database_code 
_database_2.pdbx_database_accession 
_database_2.pdbx_DOI 
PDB   6ADF         pdb_00006adf 10.2210/pdb6adf/pdb 
WWPDB D_1300008585 ?            ?                   
# 
loop_
_pdbx_audit_revision_history.ordinal 
_pdbx_audit_revision_history.data_content_type 
_pdbx_audit_revision_history.major_revision 
_pdbx_audit_revision_history.minor_revision 
_pdbx_audit_revision_history.revision_date 
1 'Structure model' 1 0 2019-08-14 
2 'Structure model' 1 1 2020-06-03 
3 'Structure model' 1 2 2023-11-22 
4 'Structure model' 1 3 2024-11-20 
# 
_pdbx_audit_revision_details.ordinal             1 
_pdbx_audit_revision_details.revision_ordinal    1 
_pdbx_audit_revision_details.data_content_type   'Structure model' 
_pdbx_audit_revision_details.provider            repository 
_pdbx_audit_revision_details.type                'Initial release' 
_pdbx_audit_revision_details.description         ? 
_pdbx_audit_revision_details.details             ? 
# 
loop_
_pdbx_audit_revision_group.ordinal 
_pdbx_audit_revision_group.revision_ordinal 
_pdbx_audit_revision_group.data_content_type 
_pdbx_audit_revision_group.group 
1 2 'Structure model' 'Database references'    
2 3 'Structure model' 'Data collection'        
3 3 'Structure model' 'Database references'    
4 3 'Structure model' 'Refinement description' 
5 4 'Structure model' 'Structure summary'      
# 
loop_
_pdbx_audit_revision_category.ordinal 
_pdbx_audit_revision_category.revision_ordinal 
_pdbx_audit_revision_category.data_content_type 
_pdbx_audit_revision_category.category 
1 2 'Structure model' citation                      
2 2 'Structure model' citation_author               
3 3 'Structure model' chem_comp_atom                
4 3 'Structure model' chem_comp_bond                
5 3 'Structure model' database_2                    
6 3 'Structure model' pdbx_initial_refinement_model 
7 4 'Structure model' pdbx_entry_details            
8 4 'Structure model' pdbx_modification_feature     
# 
loop_
_pdbx_audit_revision_item.ordinal 
_pdbx_audit_revision_item.revision_ordinal 
_pdbx_audit_revision_item.data_content_type 
_pdbx_audit_revision_item.item 
1  2 'Structure model' '_citation.country'                   
2  2 'Structure model' '_citation.journal_abbrev'            
3  2 'Structure model' '_citation.journal_id_CSD'            
4  2 'Structure model' '_citation.journal_id_ISSN'           
5  2 'Structure model' '_citation.journal_volume'            
6  2 'Structure model' '_citation.page_first'                
7  2 'Structure model' '_citation.page_last'                 
8  2 'Structure model' '_citation.pdbx_database_id_DOI'      
9  2 'Structure model' '_citation.pdbx_database_id_PubMed'   
10 2 'Structure model' '_citation.title'                     
11 2 'Structure model' '_citation.year'                      
12 3 'Structure model' '_database_2.pdbx_DOI'                
13 3 'Structure model' '_database_2.pdbx_database_accession' 
# 
_pdbx_database_status.status_code                     REL 
_pdbx_database_status.status_code_sf                  REL 
_pdbx_database_status.status_code_mr                  ? 
_pdbx_database_status.entry_id                        6ADF 
_pdbx_database_status.recvd_initial_deposition_date   2018-07-31 
_pdbx_database_status.SG_entry                        N 
_pdbx_database_status.deposit_site                    PDBJ 
_pdbx_database_status.process_site                    PDBJ 
_pdbx_database_status.status_code_cs                  ? 
_pdbx_database_status.methods_development_category    ? 
_pdbx_database_status.pdb_format_compatible           Y 
_pdbx_database_status.status_code_nmr_data            ? 
# 
loop_
_pdbx_database_related.db_name 
_pdbx_database_related.details 
_pdbx_database_related.db_id 
_pdbx_database_related.content_type 
PDB . 6ABN unspecified 
PDB . 6ABZ unspecified 
PDB . 6AC2 unspecified 
PDB . 6AD5 unspecified 
# 
loop_
_audit_author.name 
_audit_author.pdbx_ordinal 
_audit_author.identifier_ORCID 
'Seyedarabi, A.' 1 0000-0003-4234-9799 
'Seraj, Z.'      2 0000-0003-2405-6212 
# 
_citation.abstract                  ? 
_citation.abstract_id_CAS           ? 
_citation.book_id_ISBN              ? 
_citation.book_publisher            ? 
_citation.book_publisher_city       ? 
_citation.book_title                ? 
_citation.coordinate_linkage        ? 
_citation.country                   US 
_citation.database_id_Medline       ? 
_citation.details                   ? 
_citation.id                        primary 
_citation.journal_abbrev            'Plos One' 
_citation.journal_id_ASTM           ? 
_citation.journal_id_CSD            ? 
_citation.journal_id_ISSN           1932-6203 
_citation.journal_full              ? 
_citation.journal_issue             ? 
_citation.journal_volume            15 
_citation.language                  ? 
_citation.page_first                e0232953 
_citation.page_last                 e0232953 
_citation.title                     'The aroma of TEMED as an activation and stabilizing signal for the antibacterial enzyme HEWL.' 
_citation.year                      2020 
_citation.database_id_CSD           ? 
_citation.pdbx_database_id_DOI      10.1371/journal.pone.0232953 
_citation.pdbx_database_id_PubMed   32428017 
_citation.unpublished_flag          ? 
# 
loop_
_citation_author.citation_id 
_citation_author.name 
_citation_author.ordinal 
_citation_author.identifier_ORCID 
primary 'Seraj, Z.'      1 ?                   
primary 'Ahmadian, S.'   2 ?                   
primary 'Groves, M.R.'   3 ?                   
primary 'Seyedarabi, A.' 4 0000-0003-4234-9799 
# 
loop_
_entity.id 
_entity.type 
_entity.src_method 
_entity.pdbx_description 
_entity.formula_weight 
_entity.pdbx_number_of_molecules 
_entity.pdbx_ec 
_entity.pdbx_mutation 
_entity.pdbx_fragment 
_entity.details 
1 polymer     nat 'Lysozyme C'                              14331.160 1   3.2.1.17 ? ? ? 
2 non-polymer syn "N,N,N',N'-tetramethylethane-1,2-diamine" 116.205   1   ?        ? ? ? 
3 non-polymer syn S-1,2-PROPANEDIOL                         76.094    3   ?        ? ? ? 
4 non-polymer syn 'CHLORIDE ION'                            35.453    3   ?        ? ? ? 
5 non-polymer syn 'SODIUM ION'                              22.990    1   ?        ? ? ? 
6 non-polymer syn 'ACETATE ION'                             59.044    1   ?        ? ? ? 
7 water       nat water                                     18.015    248 ?        ? ? ? 
# 
_entity_name_com.entity_id   1 
_entity_name_com.name        '1,4-beta-N-acetylmuramidase C,Allergen Gal d IV' 
# 
_entity_poly.entity_id                      1 
_entity_poly.type                           'polypeptide(L)' 
_entity_poly.nstd_linkage                   no 
_entity_poly.nstd_monomer                   no 
_entity_poly.pdbx_seq_one_letter_code       
;KVFGRCELAAAMKRHGLDNYRGYSLGNWVCAAKFESNFNTQATNRNTDGSTDYGILQINSRWWCNDGRTPGSRNLCNIPC
SALLSSDITASVNCAKKIVSDGNGMNAWVAWRNRCKGTDVQAWIRGCRL
;
_entity_poly.pdbx_seq_one_letter_code_can   
;KVFGRCELAAAMKRHGLDNYRGYSLGNWVCAAKFESNFNTQATNRNTDGSTDYGILQINSRWWCNDGRTPGSRNLCNIPC
SALLSSDITASVNCAKKIVSDGNGMNAWVAWRNRCKGTDVQAWIRGCRL
;
_entity_poly.pdbx_strand_id                 A 
_entity_poly.pdbx_target_identifier         ? 
# 
loop_
_pdbx_entity_nonpoly.entity_id 
_pdbx_entity_nonpoly.name 
_pdbx_entity_nonpoly.comp_id 
2 "N,N,N',N'-tetramethylethane-1,2-diamine" 9U3 
3 S-1,2-PROPANEDIOL                         PGO 
4 'CHLORIDE ION'                            CL  
5 'SODIUM ION'                              NA  
6 'ACETATE ION'                             ACT 
7 water                                     HOH 
# 
loop_
_entity_poly_seq.entity_id 
_entity_poly_seq.num 
_entity_poly_seq.mon_id 
_entity_poly_seq.hetero 
1 1   LYS n 
1 2   VAL n 
1 3   PHE n 
1 4   GLY n 
1 5   ARG n 
1 6   CYS n 
1 7   GLU n 
1 8   LEU n 
1 9   ALA n 
1 10  ALA n 
1 11  ALA n 
1 12  MET n 
1 13  LYS n 
1 14  ARG n 
1 15  HIS n 
1 16  GLY n 
1 17  LEU n 
1 18  ASP n 
1 19  ASN n 
1 20  TYR n 
1 21  ARG n 
1 22  GLY n 
1 23  TYR n 
1 24  SER n 
1 25  LEU n 
1 26  GLY n 
1 27  ASN n 
1 28  TRP n 
1 29  VAL n 
1 30  CYS n 
1 31  ALA n 
1 32  ALA n 
1 33  LYS n 
1 34  PHE n 
1 35  GLU n 
1 36  SER n 
1 37  ASN n 
1 38  PHE n 
1 39  ASN n 
1 40  THR n 
1 41  GLN n 
1 42  ALA n 
1 43  THR n 
1 44  ASN n 
1 45  ARG n 
1 46  ASN n 
1 47  THR n 
1 48  ASP n 
1 49  GLY n 
1 50  SER n 
1 51  THR n 
1 52  ASP n 
1 53  TYR n 
1 54  GLY n 
1 55  ILE n 
1 56  LEU n 
1 57  GLN n 
1 58  ILE n 
1 59  ASN n 
1 60  SER n 
1 61  ARG n 
1 62  TRP n 
1 63  TRP n 
1 64  CYS n 
1 65  ASN n 
1 66  ASP n 
1 67  GLY n 
1 68  ARG n 
1 69  THR n 
1 70  PRO n 
1 71  GLY n 
1 72  SER n 
1 73  ARG n 
1 74  ASN n 
1 75  LEU n 
1 76  CYS n 
1 77  ASN n 
1 78  ILE n 
1 79  PRO n 
1 80  CYS n 
1 81  SER n 
1 82  ALA n 
1 83  LEU n 
1 84  LEU n 
1 85  SER n 
1 86  SER n 
1 87  ASP n 
1 88  ILE n 
1 89  THR n 
1 90  ALA n 
1 91  SER n 
1 92  VAL n 
1 93  ASN n 
1 94  CYS n 
1 95  ALA n 
1 96  LYS n 
1 97  LYS n 
1 98  ILE n 
1 99  VAL n 
1 100 SER n 
1 101 ASP n 
1 102 GLY n 
1 103 ASN n 
1 104 GLY n 
1 105 MET n 
1 106 ASN n 
1 107 ALA n 
1 108 TRP n 
1 109 VAL n 
1 110 ALA n 
1 111 TRP n 
1 112 ARG n 
1 113 ASN n 
1 114 ARG n 
1 115 CYS n 
1 116 LYS n 
1 117 GLY n 
1 118 THR n 
1 119 ASP n 
1 120 VAL n 
1 121 GLN n 
1 122 ALA n 
1 123 TRP n 
1 124 ILE n 
1 125 ARG n 
1 126 GLY n 
1 127 CYS n 
1 128 ARG n 
1 129 LEU n 
# 
_entity_src_nat.entity_id                  1 
_entity_src_nat.pdbx_src_id                1 
_entity_src_nat.pdbx_alt_source_flag       sample 
_entity_src_nat.pdbx_beg_seq_num           1 
_entity_src_nat.pdbx_end_seq_num           129 
_entity_src_nat.common_name                Chicken 
_entity_src_nat.pdbx_organism_scientific   'Gallus gallus' 
_entity_src_nat.pdbx_ncbi_taxonomy_id      9031 
_entity_src_nat.genus                      ? 
_entity_src_nat.species                    ? 
_entity_src_nat.strain                     ? 
_entity_src_nat.tissue                     ? 
_entity_src_nat.tissue_fraction            ? 
_entity_src_nat.pdbx_secretion             ? 
_entity_src_nat.pdbx_fragment              ? 
_entity_src_nat.pdbx_variant               ? 
_entity_src_nat.pdbx_cell_line             ? 
_entity_src_nat.pdbx_atcc                  ? 
_entity_src_nat.pdbx_cellular_location     ? 
_entity_src_nat.pdbx_organ                 ? 
_entity_src_nat.pdbx_organelle             ? 
_entity_src_nat.pdbx_cell                  ? 
_entity_src_nat.pdbx_plasmid_name          ? 
_entity_src_nat.pdbx_plasmid_details       ? 
_entity_src_nat.details                    ? 
# 
loop_
_chem_comp.id 
_chem_comp.type 
_chem_comp.mon_nstd_flag 
_chem_comp.name 
_chem_comp.pdbx_synonyms 
_chem_comp.formula 
_chem_comp.formula_weight 
9U3 non-polymer         . "N,N,N',N'-tetramethylethane-1,2-diamine" ? 'C6 H16 N2'      116.205 
ACT non-polymer         . 'ACETATE ION'                             ? 'C2 H3 O2 -1'    59.044  
ALA 'L-peptide linking' y ALANINE                                   ? 'C3 H7 N O2'     89.093  
ARG 'L-peptide linking' y ARGININE                                  ? 'C6 H15 N4 O2 1' 175.209 
ASN 'L-peptide linking' y ASPARAGINE                                ? 'C4 H8 N2 O3'    132.118 
ASP 'L-peptide linking' y 'ASPARTIC ACID'                           ? 'C4 H7 N O4'     133.103 
CL  non-polymer         . 'CHLORIDE ION'                            ? 'Cl -1'          35.453  
CYS 'L-peptide linking' y CYSTEINE                                  ? 'C3 H7 N O2 S'   121.158 
GLN 'L-peptide linking' y GLUTAMINE                                 ? 'C5 H10 N2 O3'   146.144 
GLU 'L-peptide linking' y 'GLUTAMIC ACID'                           ? 'C5 H9 N O4'     147.129 
GLY 'peptide linking'   y GLYCINE                                   ? 'C2 H5 N O2'     75.067  
HIS 'L-peptide linking' y HISTIDINE                                 ? 'C6 H10 N3 O2 1' 156.162 
HOH non-polymer         . WATER                                     ? 'H2 O'           18.015  
ILE 'L-peptide linking' y ISOLEUCINE                                ? 'C6 H13 N O2'    131.173 
LEU 'L-peptide linking' y LEUCINE                                   ? 'C6 H13 N O2'    131.173 
LYS 'L-peptide linking' y LYSINE                                    ? 'C6 H15 N2 O2 1' 147.195 
MET 'L-peptide linking' y METHIONINE                                ? 'C5 H11 N O2 S'  149.211 
NA  non-polymer         . 'SODIUM ION'                              ? 'Na 1'           22.990  
PGO non-polymer         . S-1,2-PROPANEDIOL                         ? 'C3 H8 O2'       76.094  
PHE 'L-peptide linking' y PHENYLALANINE                             ? 'C9 H11 N O2'    165.189 
PRO 'L-peptide linking' y PROLINE                                   ? 'C5 H9 N O2'     115.130 
SER 'L-peptide linking' y SERINE                                    ? 'C3 H7 N O3'     105.093 
THR 'L-peptide linking' y THREONINE                                 ? 'C4 H9 N O3'     119.119 
TRP 'L-peptide linking' y TRYPTOPHAN                                ? 'C11 H12 N2 O2'  204.225 
TYR 'L-peptide linking' y TYROSINE                                  ? 'C9 H11 N O3'    181.189 
VAL 'L-peptide linking' y VALINE                                    ? 'C5 H11 N O2'    117.146 
# 
loop_
_pdbx_poly_seq_scheme.asym_id 
_pdbx_poly_seq_scheme.entity_id 
_pdbx_poly_seq_scheme.seq_id 
_pdbx_poly_seq_scheme.mon_id 
_pdbx_poly_seq_scheme.ndb_seq_num 
_pdbx_poly_seq_scheme.pdb_seq_num 
_pdbx_poly_seq_scheme.auth_seq_num 
_pdbx_poly_seq_scheme.pdb_mon_id 
_pdbx_poly_seq_scheme.auth_mon_id 
_pdbx_poly_seq_scheme.pdb_strand_id 
_pdbx_poly_seq_scheme.pdb_ins_code 
_pdbx_poly_seq_scheme.hetero 
A 1 1   LYS 1   1   1   LYS LYS A . n 
A 1 2   VAL 2   2   2   VAL VAL A . n 
A 1 3   PHE 3   3   3   PHE PHE A . n 
A 1 4   GLY 4   4   4   GLY GLY A . n 
A 1 5   ARG 5   5   5   ARG ARG A . n 
A 1 6   CYS 6   6   6   CYS CYS A . n 
A 1 7   GLU 7   7   7   GLU GLU A . n 
A 1 8   LEU 8   8   8   LEU LEU A . n 
A 1 9   ALA 9   9   9   ALA ALA A . n 
A 1 10  ALA 10  10  10  ALA ALA A . n 
A 1 11  ALA 11  11  11  ALA ALA A . n 
A 1 12  MET 12  12  12  MET MET A . n 
A 1 13  LYS 13  13  13  LYS LYS A . n 
A 1 14  ARG 14  14  14  ARG ARG A . n 
A 1 15  HIS 15  15  15  HIS HIS A . n 
A 1 16  GLY 16  16  16  GLY GLY A . n 
A 1 17  LEU 17  17  17  LEU LEU A . n 
A 1 18  ASP 18  18  18  ASP ASP A . n 
A 1 19  ASN 19  19  19  ASN ASN A . n 
A 1 20  TYR 20  20  20  TYR TYR A . n 
A 1 21  ARG 21  21  21  ARG ARG A . n 
A 1 22  GLY 22  22  22  GLY GLY A . n 
A 1 23  TYR 23  23  23  TYR TYR A . n 
A 1 24  SER 24  24  24  SER SER A . n 
A 1 25  LEU 25  25  25  LEU LEU A . n 
A 1 26  GLY 26  26  26  GLY GLY A . n 
A 1 27  ASN 27  27  27  ASN ASN A . n 
A 1 28  TRP 28  28  28  TRP TRP A . n 
A 1 29  VAL 29  29  29  VAL VAL A . n 
A 1 30  CYS 30  30  30  CYS CYS A . n 
A 1 31  ALA 31  31  31  ALA ALA A . n 
A 1 32  ALA 32  32  32  ALA ALA A . n 
A 1 33  LYS 33  33  33  LYS LYS A . n 
A 1 34  PHE 34  34  34  PHE PHE A . n 
A 1 35  GLU 35  35  35  GLU GLU A . n 
A 1 36  SER 36  36  36  SER SER A . n 
A 1 37  ASN 37  37  37  ASN ASN A . n 
A 1 38  PHE 38  38  38  PHE PHE A . n 
A 1 39  ASN 39  39  39  ASN ASN A . n 
A 1 40  THR 40  40  40  THR THR A . n 
A 1 41  GLN 41  41  41  GLN GLN A . n 
A 1 42  ALA 42  42  42  ALA ALA A . n 
A 1 43  THR 43  43  43  THR THR A . n 
A 1 44  ASN 44  44  44  ASN ASN A . n 
A 1 45  ARG 45  45  45  ARG ARG A . n 
A 1 46  ASN 46  46  46  ASN ASN A . n 
A 1 47  THR 47  47  47  THR THR A . n 
A 1 48  ASP 48  48  48  ASP ASP A . n 
A 1 49  GLY 49  49  49  GLY GLY A . n 
A 1 50  SER 50  50  50  SER SER A . n 
A 1 51  THR 51  51  51  THR THR A . n 
A 1 52  ASP 52  52  52  ASP ASP A . n 
A 1 53  TYR 53  53  53  TYR TYR A . n 
A 1 54  GLY 54  54  54  GLY GLY A . n 
A 1 55  ILE 55  55  55  ILE ILE A . n 
A 1 56  LEU 56  56  56  LEU LEU A . n 
A 1 57  GLN 57  57  57  GLN GLN A . n 
A 1 58  ILE 58  58  58  ILE ILE A . n 
A 1 59  ASN 59  59  59  ASN ASN A . n 
A 1 60  SER 60  60  60  SER SER A . n 
A 1 61  ARG 61  61  61  ARG ARG A . n 
A 1 62  TRP 62  62  62  TRP TRP A . n 
A 1 63  TRP 63  63  63  TRP TRP A . n 
A 1 64  CYS 64  64  64  CYS CYS A . n 
A 1 65  ASN 65  65  65  ASN ASN A . n 
A 1 66  ASP 66  66  66  ASP ASP A . n 
A 1 67  GLY 67  67  67  GLY GLY A . n 
A 1 68  ARG 68  68  68  ARG ARG A . n 
A 1 69  THR 69  69  69  THR THR A . n 
A 1 70  PRO 70  70  70  PRO PRO A . n 
A 1 71  GLY 71  71  71  GLY GLY A . n 
A 1 72  SER 72  72  72  SER SER A . n 
A 1 73  ARG 73  73  73  ARG ARG A . n 
A 1 74  ASN 74  74  74  ASN ASN A . n 
A 1 75  LEU 75  75  75  LEU LEU A . n 
A 1 76  CYS 76  76  76  CYS CYS A . n 
A 1 77  ASN 77  77  77  ASN ASN A . n 
A 1 78  ILE 78  78  78  ILE ILE A . n 
A 1 79  PRO 79  79  79  PRO PRO A . n 
A 1 80  CYS 80  80  80  CYS CYS A . n 
A 1 81  SER 81  81  81  SER SER A . n 
A 1 82  ALA 82  82  82  ALA ALA A . n 
A 1 83  LEU 83  83  83  LEU LEU A . n 
A 1 84  LEU 84  84  84  LEU LEU A . n 
A 1 85  SER 85  85  85  SER SER A . n 
A 1 86  SER 86  86  86  SER SER A . n 
A 1 87  ASP 87  87  87  ASP ASP A . n 
A 1 88  ILE 88  88  88  ILE ILE A . n 
A 1 89  THR 89  89  89  THR THR A . n 
A 1 90  ALA 90  90  90  ALA ALA A . n 
A 1 91  SER 91  91  91  SER SER A . n 
A 1 92  VAL 92  92  92  VAL VAL A . n 
A 1 93  ASN 93  93  93  ASN ASN A . n 
A 1 94  CYS 94  94  94  CYS CYS A . n 
A 1 95  ALA 95  95  95  ALA ALA A . n 
A 1 96  LYS 96  96  96  LYS LYS A . n 
A 1 97  LYS 97  97  97  LYS LYS A . n 
A 1 98  ILE 98  98  98  ILE ILE A . n 
A 1 99  VAL 99  99  99  VAL VAL A . n 
A 1 100 SER 100 100 100 SER SER A . n 
A 1 101 ASP 101 101 101 ASP ASP A . n 
A 1 102 GLY 102 102 102 GLY GLY A . n 
A 1 103 ASN 103 103 103 ASN ASN A . n 
A 1 104 GLY 104 104 104 GLY GLY A . n 
A 1 105 MET 105 105 105 MET MET A . n 
A 1 106 ASN 106 106 106 ASN ASN A . n 
A 1 107 ALA 107 107 107 ALA ALA A . n 
A 1 108 TRP 108 108 108 TRP TRP A . n 
A 1 109 VAL 109 109 109 VAL VAL A . n 
A 1 110 ALA 110 110 110 ALA ALA A . n 
A 1 111 TRP 111 111 111 TRP TRP A . n 
A 1 112 ARG 112 112 112 ARG ARG A . n 
A 1 113 ASN 113 113 113 ASN ASN A . n 
A 1 114 ARG 114 114 114 ARG ARG A . n 
A 1 115 CYS 115 115 115 CYS CYS A . n 
A 1 116 LYS 116 116 116 LYS LYS A . n 
A 1 117 GLY 117 117 117 GLY GLY A . n 
A 1 118 THR 118 118 118 THR THR A . n 
A 1 119 ASP 119 119 119 ASP ASP A . n 
A 1 120 VAL 120 120 120 VAL VAL A . n 
A 1 121 GLN 121 121 121 GLN GLN A . n 
A 1 122 ALA 122 122 122 ALA ALA A . n 
A 1 123 TRP 123 123 123 TRP TRP A . n 
A 1 124 ILE 124 124 124 ILE ILE A . n 
A 1 125 ARG 125 125 125 ARG ARG A . n 
A 1 126 GLY 126 126 126 GLY GLY A . n 
A 1 127 CYS 127 127 127 CYS CYS A . n 
A 1 128 ARG 128 128 128 ARG ARG A . n 
A 1 129 LEU 129 129 129 LEU LEU A . n 
# 
loop_
_pdbx_nonpoly_scheme.asym_id 
_pdbx_nonpoly_scheme.entity_id 
_pdbx_nonpoly_scheme.mon_id 
_pdbx_nonpoly_scheme.ndb_seq_num 
_pdbx_nonpoly_scheme.pdb_seq_num 
_pdbx_nonpoly_scheme.auth_seq_num 
_pdbx_nonpoly_scheme.pdb_mon_id 
_pdbx_nonpoly_scheme.auth_mon_id 
_pdbx_nonpoly_scheme.pdb_strand_id 
_pdbx_nonpoly_scheme.pdb_ins_code 
B 2 9U3 1   201 1   9U3 TEM A . 
C 3 PGO 1   202 1   PGO PGO A . 
D 3 PGO 1   203 2   PGO PGO A . 
E 3 PGO 1   204 3   PGO PGO A . 
F 4 CL  1   205 1   CL  CL  A . 
G 4 CL  1   206 2   CL  CL  A . 
H 4 CL  1   207 3   CL  CL  A . 
I 5 NA  1   208 1   NA  NA  A . 
J 6 ACT 1   209 221 ACT ACT A . 
K 7 HOH 1   301 197 HOH HOH A . 
K 7 HOH 2   302 223 HOH HOH A . 
K 7 HOH 3   303 185 HOH HOH A . 
K 7 HOH 4   304 184 HOH HOH A . 
K 7 HOH 5   305 216 HOH HOH A . 
K 7 HOH 6   306 155 HOH HOH A . 
K 7 HOH 7   307 73  HOH HOH A . 
K 7 HOH 8   308 118 HOH HOH A . 
K 7 HOH 9   309 99  HOH HOH A . 
K 7 HOH 10  310 229 HOH HOH A . 
K 7 HOH 11  311 146 HOH HOH A . 
K 7 HOH 12  312 157 HOH HOH A . 
K 7 HOH 13  313 227 HOH HOH A . 
K 7 HOH 14  314 90  HOH HOH A . 
K 7 HOH 15  315 53  HOH HOH A . 
K 7 HOH 16  316 156 HOH HOH A . 
K 7 HOH 17  317 32  HOH HOH A . 
K 7 HOH 18  318 83  HOH HOH A . 
K 7 HOH 19  319 3   HOH HOH A . 
K 7 HOH 20  320 178 HOH HOH A . 
K 7 HOH 21  321 149 HOH HOH A . 
K 7 HOH 22  322 168 HOH HOH A . 
K 7 HOH 23  323 29  HOH HOH A . 
K 7 HOH 24  324 10  HOH HOH A . 
K 7 HOH 25  325 217 HOH HOH A . 
K 7 HOH 26  326 46  HOH HOH A . 
K 7 HOH 27  327 39  HOH HOH A . 
K 7 HOH 28  328 36  HOH HOH A . 
K 7 HOH 29  329 137 HOH HOH A . 
K 7 HOH 30  330 14  HOH HOH A . 
K 7 HOH 31  331 30  HOH HOH A . 
K 7 HOH 32  332 25  HOH HOH A . 
K 7 HOH 33  333 77  HOH HOH A . 
K 7 HOH 34  334 26  HOH HOH A . 
K 7 HOH 35  335 170 HOH HOH A . 
K 7 HOH 36  336 78  HOH HOH A . 
K 7 HOH 37  337 117 HOH HOH A . 
K 7 HOH 38  338 133 HOH HOH A . 
K 7 HOH 39  339 15  HOH HOH A . 
K 7 HOH 40  340 94  HOH HOH A . 
K 7 HOH 41  341 200 HOH HOH A . 
K 7 HOH 42  342 80  HOH HOH A . 
K 7 HOH 43  343 96  HOH HOH A . 
K 7 HOH 44  344 218 HOH HOH A . 
K 7 HOH 45  345 214 HOH HOH A . 
K 7 HOH 46  346 107 HOH HOH A . 
K 7 HOH 47  347 58  HOH HOH A . 
K 7 HOH 48  348 86  HOH HOH A . 
K 7 HOH 49  349 93  HOH HOH A . 
K 7 HOH 50  350 204 HOH HOH A . 
K 7 HOH 51  351 68  HOH HOH A . 
K 7 HOH 52  352 248 HOH HOH A . 
K 7 HOH 53  353 45  HOH HOH A . 
K 7 HOH 54  354 70  HOH HOH A . 
K 7 HOH 55  355 191 HOH HOH A . 
K 7 HOH 56  356 166 HOH HOH A . 
K 7 HOH 57  357 65  HOH HOH A . 
K 7 HOH 58  358 169 HOH HOH A . 
K 7 HOH 59  359 9   HOH HOH A . 
K 7 HOH 60  360 72  HOH HOH A . 
K 7 HOH 61  361 141 HOH HOH A . 
K 7 HOH 62  362 208 HOH HOH A . 
K 7 HOH 63  363 18  HOH HOH A . 
K 7 HOH 64  364 19  HOH HOH A . 
K 7 HOH 65  365 105 HOH HOH A . 
K 7 HOH 66  366 143 HOH HOH A . 
K 7 HOH 67  367 40  HOH HOH A . 
K 7 HOH 68  368 7   HOH HOH A . 
K 7 HOH 69  369 66  HOH HOH A . 
K 7 HOH 70  370 37  HOH HOH A . 
K 7 HOH 71  371 136 HOH HOH A . 
K 7 HOH 72  372 52  HOH HOH A . 
K 7 HOH 73  373 55  HOH HOH A . 
K 7 HOH 74  374 24  HOH HOH A . 
K 7 HOH 75  375 175 HOH HOH A . 
K 7 HOH 76  376 5   HOH HOH A . 
K 7 HOH 77  377 43  HOH HOH A . 
K 7 HOH 78  378 34  HOH HOH A . 
K 7 HOH 79  379 91  HOH HOH A . 
K 7 HOH 80  380 224 HOH HOH A . 
K 7 HOH 81  381 233 HOH HOH A . 
K 7 HOH 82  382 57  HOH HOH A . 
K 7 HOH 83  383 64  HOH HOH A . 
K 7 HOH 84  384 54  HOH HOH A . 
K 7 HOH 85  385 20  HOH HOH A . 
K 7 HOH 86  386 2   HOH HOH A . 
K 7 HOH 87  387 240 HOH HOH A . 
K 7 HOH 88  388 48  HOH HOH A . 
K 7 HOH 89  389 104 HOH HOH A . 
K 7 HOH 90  390 60  HOH HOH A . 
K 7 HOH 91  391 13  HOH HOH A . 
K 7 HOH 92  392 145 HOH HOH A . 
K 7 HOH 93  393 75  HOH HOH A . 
K 7 HOH 94  394 147 HOH HOH A . 
K 7 HOH 95  395 114 HOH HOH A . 
K 7 HOH 96  396 81  HOH HOH A . 
K 7 HOH 97  397 71  HOH HOH A . 
K 7 HOH 98  398 246 HOH HOH A . 
K 7 HOH 99  399 11  HOH HOH A . 
K 7 HOH 100 400 50  HOH HOH A . 
K 7 HOH 101 401 61  HOH HOH A . 
K 7 HOH 102 402 95  HOH HOH A . 
K 7 HOH 103 403 49  HOH HOH A . 
K 7 HOH 104 404 27  HOH HOH A . 
K 7 HOH 105 405 207 HOH HOH A . 
K 7 HOH 106 406 42  HOH HOH A . 
K 7 HOH 107 407 87  HOH HOH A . 
K 7 HOH 108 408 84  HOH HOH A . 
K 7 HOH 109 409 6   HOH HOH A . 
K 7 HOH 110 410 4   HOH HOH A . 
K 7 HOH 111 411 187 HOH HOH A . 
K 7 HOH 112 412 8   HOH HOH A . 
K 7 HOH 113 413 182 HOH HOH A . 
K 7 HOH 114 414 35  HOH HOH A . 
K 7 HOH 115 415 211 HOH HOH A . 
K 7 HOH 116 416 67  HOH HOH A . 
K 7 HOH 117 417 151 HOH HOH A . 
K 7 HOH 118 418 209 HOH HOH A . 
K 7 HOH 119 419 92  HOH HOH A . 
K 7 HOH 120 420 38  HOH HOH A . 
K 7 HOH 121 421 69  HOH HOH A . 
K 7 HOH 122 422 21  HOH HOH A . 
K 7 HOH 123 423 97  HOH HOH A . 
K 7 HOH 124 424 28  HOH HOH A . 
K 7 HOH 125 425 231 HOH HOH A . 
K 7 HOH 126 426 111 HOH HOH A . 
K 7 HOH 127 427 22  HOH HOH A . 
K 7 HOH 128 428 17  HOH HOH A . 
K 7 HOH 129 429 140 HOH HOH A . 
K 7 HOH 130 430 103 HOH HOH A . 
K 7 HOH 131 431 108 HOH HOH A . 
K 7 HOH 132 432 192 HOH HOH A . 
K 7 HOH 133 433 23  HOH HOH A . 
K 7 HOH 134 434 179 HOH HOH A . 
K 7 HOH 135 435 56  HOH HOH A . 
K 7 HOH 136 436 74  HOH HOH A . 
K 7 HOH 137 437 16  HOH HOH A . 
K 7 HOH 138 438 201 HOH HOH A . 
K 7 HOH 139 439 163 HOH HOH A . 
K 7 HOH 140 440 51  HOH HOH A . 
K 7 HOH 141 441 194 HOH HOH A . 
K 7 HOH 142 442 31  HOH HOH A . 
K 7 HOH 143 443 150 HOH HOH A . 
K 7 HOH 144 444 219 HOH HOH A . 
K 7 HOH 145 445 154 HOH HOH A . 
K 7 HOH 146 446 238 HOH HOH A . 
K 7 HOH 147 447 106 HOH HOH A . 
K 7 HOH 148 448 1   HOH HOH A . 
K 7 HOH 149 449 193 HOH HOH A . 
K 7 HOH 150 450 148 HOH HOH A . 
K 7 HOH 151 451 33  HOH HOH A . 
K 7 HOH 152 452 220 HOH HOH A . 
K 7 HOH 153 453 245 HOH HOH A . 
K 7 HOH 154 454 122 HOH HOH A . 
K 7 HOH 155 455 189 HOH HOH A . 
K 7 HOH 156 456 235 HOH HOH A . 
K 7 HOH 157 457 110 HOH HOH A . 
K 7 HOH 158 458 232 HOH HOH A . 
K 7 HOH 159 459 144 HOH HOH A . 
K 7 HOH 160 460 222 HOH HOH A . 
K 7 HOH 161 461 12  HOH HOH A . 
K 7 HOH 162 462 134 HOH HOH A . 
K 7 HOH 163 463 59  HOH HOH A . 
K 7 HOH 164 464 230 HOH HOH A . 
K 7 HOH 165 465 44  HOH HOH A . 
K 7 HOH 166 466 100 HOH HOH A . 
K 7 HOH 167 467 142 HOH HOH A . 
K 7 HOH 168 468 161 HOH HOH A . 
K 7 HOH 169 469 195 HOH HOH A . 
K 7 HOH 170 470 198 HOH HOH A . 
K 7 HOH 171 471 158 HOH HOH A . 
K 7 HOH 172 472 139 HOH HOH A . 
K 7 HOH 173 473 131 HOH HOH A . 
K 7 HOH 174 474 180 HOH HOH A . 
K 7 HOH 175 475 128 HOH HOH A . 
K 7 HOH 176 476 119 HOH HOH A . 
K 7 HOH 177 477 221 HOH HOH A . 
K 7 HOH 178 478 244 HOH HOH A . 
K 7 HOH 179 479 181 HOH HOH A . 
K 7 HOH 180 480 98  HOH HOH A . 
K 7 HOH 181 481 115 HOH HOH A . 
K 7 HOH 182 482 132 HOH HOH A . 
K 7 HOH 183 483 41  HOH HOH A . 
K 7 HOH 184 484 196 HOH HOH A . 
K 7 HOH 185 485 243 HOH HOH A . 
K 7 HOH 186 486 76  HOH HOH A . 
K 7 HOH 187 487 199 HOH HOH A . 
K 7 HOH 188 488 162 HOH HOH A . 
K 7 HOH 189 489 226 HOH HOH A . 
K 7 HOH 190 490 82  HOH HOH A . 
K 7 HOH 191 491 121 HOH HOH A . 
K 7 HOH 192 492 116 HOH HOH A . 
K 7 HOH 193 493 186 HOH HOH A . 
K 7 HOH 194 494 129 HOH HOH A . 
K 7 HOH 195 495 225 HOH HOH A . 
K 7 HOH 196 496 120 HOH HOH A . 
K 7 HOH 197 497 241 HOH HOH A . 
K 7 HOH 198 498 62  HOH HOH A . 
K 7 HOH 199 499 210 HOH HOH A . 
K 7 HOH 200 500 247 HOH HOH A . 
K 7 HOH 201 501 113 HOH HOH A . 
K 7 HOH 202 502 203 HOH HOH A . 
K 7 HOH 203 503 127 HOH HOH A . 
K 7 HOH 204 504 234 HOH HOH A . 
K 7 HOH 205 505 171 HOH HOH A . 
K 7 HOH 206 506 172 HOH HOH A . 
K 7 HOH 207 507 126 HOH HOH A . 
K 7 HOH 208 508 125 HOH HOH A . 
K 7 HOH 209 509 160 HOH HOH A . 
K 7 HOH 210 510 109 HOH HOH A . 
K 7 HOH 211 511 89  HOH HOH A . 
K 7 HOH 212 512 165 HOH HOH A . 
K 7 HOH 213 513 135 HOH HOH A . 
K 7 HOH 214 514 212 HOH HOH A . 
K 7 HOH 215 515 63  HOH HOH A . 
K 7 HOH 216 516 213 HOH HOH A . 
K 7 HOH 217 517 173 HOH HOH A . 
K 7 HOH 218 518 174 HOH HOH A . 
K 7 HOH 219 519 85  HOH HOH A . 
K 7 HOH 220 520 239 HOH HOH A . 
K 7 HOH 221 521 130 HOH HOH A . 
K 7 HOH 222 522 236 HOH HOH A . 
K 7 HOH 223 523 202 HOH HOH A . 
K 7 HOH 224 524 79  HOH HOH A . 
K 7 HOH 225 525 112 HOH HOH A . 
K 7 HOH 226 526 183 HOH HOH A . 
K 7 HOH 227 527 152 HOH HOH A . 
K 7 HOH 228 528 176 HOH HOH A . 
K 7 HOH 229 529 153 HOH HOH A . 
K 7 HOH 230 530 124 HOH HOH A . 
K 7 HOH 231 531 215 HOH HOH A . 
K 7 HOH 232 532 228 HOH HOH A . 
K 7 HOH 233 533 138 HOH HOH A . 
K 7 HOH 234 534 188 HOH HOH A . 
K 7 HOH 235 535 47  HOH HOH A . 
K 7 HOH 236 536 164 HOH HOH A . 
K 7 HOH 237 537 242 HOH HOH A . 
K 7 HOH 238 538 159 HOH HOH A . 
K 7 HOH 239 539 205 HOH HOH A . 
K 7 HOH 240 540 206 HOH HOH A . 
K 7 HOH 241 541 167 HOH HOH A . 
K 7 HOH 242 542 190 HOH HOH A . 
K 7 HOH 243 543 123 HOH HOH A . 
K 7 HOH 244 544 88  HOH HOH A . 
K 7 HOH 245 545 102 HOH HOH A . 
K 7 HOH 246 546 101 HOH HOH A . 
K 7 HOH 247 547 237 HOH HOH A . 
K 7 HOH 248 548 177 HOH HOH A . 
# 
loop_
_software.citation_id 
_software.classification 
_software.compiler_name 
_software.compiler_version 
_software.contact_author 
_software.contact_author_email 
_software.date 
_software.description 
_software.dependencies 
_software.hardware 
_software.language 
_software.location 
_software.mods 
_software.name 
_software.os 
_software.os_version 
_software.type 
_software.version 
_software.pdbx_ordinal 
? refinement       ? ? ? ? ? ? ? ? ? ? ? REFMAC  ? ? ? 5.8.0135 1 
? 'data reduction' ? ? ? ? ? ? ? ? ? ? ? iMOSFLM ? ? ? .        2 
? 'data scaling'   ? ? ? ? ? ? ? ? ? ? ? SCALA   ? ? ? .        3 
? phasing          ? ? ? ? ? ? ? ? ? ? ? PHASER  ? ? ? .        4 
# 
_cell.angle_alpha                  90.00 
_cell.angle_alpha_esd              ? 
_cell.angle_beta                   90.00 
_cell.angle_beta_esd               ? 
_cell.angle_gamma                  90.00 
_cell.angle_gamma_esd              ? 
_cell.entry_id                     6ADF 
_cell.details                      ? 
_cell.formula_units_Z              ? 
_cell.length_a                     78.471 
_cell.length_a_esd                 ? 
_cell.length_b                     78.471 
_cell.length_b_esd                 ? 
_cell.length_c                     37.020 
_cell.length_c_esd                 ? 
_cell.volume                       ? 
_cell.volume_esd                   ? 
_cell.Z_PDB                        8 
_cell.reciprocal_angle_alpha       ? 
_cell.reciprocal_angle_beta        ? 
_cell.reciprocal_angle_gamma       ? 
_cell.reciprocal_angle_alpha_esd   ? 
_cell.reciprocal_angle_beta_esd    ? 
_cell.reciprocal_angle_gamma_esd   ? 
_cell.reciprocal_length_a          ? 
_cell.reciprocal_length_b          ? 
_cell.reciprocal_length_c          ? 
_cell.reciprocal_length_a_esd      ? 
_cell.reciprocal_length_b_esd      ? 
_cell.reciprocal_length_c_esd      ? 
_cell.pdbx_unique_axis             ? 
# 
_symmetry.entry_id                         6ADF 
_symmetry.cell_setting                     ? 
_symmetry.Int_Tables_number                96 
_symmetry.space_group_name_Hall            ? 
_symmetry.space_group_name_H-M             'P 43 21 2' 
_symmetry.pdbx_full_space_group_name_H-M   ? 
# 
_exptl.absorpt_coefficient_mu     ? 
_exptl.absorpt_correction_T_max   ? 
_exptl.absorpt_correction_T_min   ? 
_exptl.absorpt_correction_type    ? 
_exptl.absorpt_process_details    ? 
_exptl.entry_id                   6ADF 
_exptl.crystals_number            1 
_exptl.details                    ? 
_exptl.method                     'X-RAY DIFFRACTION' 
_exptl.method_details             ? 
# 
_exptl_crystal.colour                      ? 
_exptl_crystal.density_diffrn              ? 
_exptl_crystal.density_Matthews            1.99 
_exptl_crystal.density_method              ? 
_exptl_crystal.density_percent_sol         38.14 
_exptl_crystal.description                 ? 
_exptl_crystal.F_000                       ? 
_exptl_crystal.id                          1 
_exptl_crystal.preparation                 ? 
_exptl_crystal.size_max                    ? 
_exptl_crystal.size_mid                    ? 
_exptl_crystal.size_min                    ? 
_exptl_crystal.size_rad                    ? 
_exptl_crystal.colour_lustre               ? 
_exptl_crystal.colour_modifier             ? 
_exptl_crystal.colour_primary              ? 
_exptl_crystal.density_meas                ? 
_exptl_crystal.density_meas_esd            ? 
_exptl_crystal.density_meas_gt             ? 
_exptl_crystal.density_meas_lt             ? 
_exptl_crystal.density_meas_temp           ? 
_exptl_crystal.density_meas_temp_esd       ? 
_exptl_crystal.density_meas_temp_gt        ? 
_exptl_crystal.density_meas_temp_lt        ? 
_exptl_crystal.pdbx_crystal_image_url      ? 
_exptl_crystal.pdbx_crystal_image_format   ? 
_exptl_crystal.pdbx_mosaicity              ? 
_exptl_crystal.pdbx_mosaicity_esd          ? 
# 
_exptl_crystal_grow.apparatus       ? 
_exptl_crystal_grow.atmosphere      ? 
_exptl_crystal_grow.crystal_id      1 
_exptl_crystal_grow.details         ? 
_exptl_crystal_grow.method          'VAPOR DIFFUSION, HANGING DROP' 
_exptl_crystal_grow.method_ref      ? 
_exptl_crystal_grow.pH              4.6 
_exptl_crystal_grow.pressure        ? 
_exptl_crystal_grow.pressure_esd    ? 
_exptl_crystal_grow.seeding         ? 
_exptl_crystal_grow.seeding_ref     ? 
_exptl_crystal_grow.temp            292 
_exptl_crystal_grow.temp_details    ? 
_exptl_crystal_grow.temp_esd        ? 
_exptl_crystal_grow.time            ? 
_exptl_crystal_grow.pdbx_details    '0.1 M sodium acetate pH 4.6 and 2 M NaCl' 
_exptl_crystal_grow.pdbx_pH_range   ? 
# 
_diffrn.ambient_environment              ? 
_diffrn.ambient_temp                     100 
_diffrn.ambient_temp_details             ? 
_diffrn.ambient_temp_esd                 ? 
_diffrn.crystal_id                       1 
_diffrn.crystal_support                  ? 
_diffrn.crystal_treatment                ? 
_diffrn.details                          ? 
_diffrn.id                               1 
_diffrn.ambient_pressure                 ? 
_diffrn.ambient_pressure_esd             ? 
_diffrn.ambient_pressure_gt              ? 
_diffrn.ambient_pressure_lt              ? 
_diffrn.ambient_temp_gt                  ? 
_diffrn.ambient_temp_lt                  ? 
_diffrn.pdbx_serial_crystal_experiment   N 
# 
_diffrn_detector.details                      ? 
_diffrn_detector.detector                     PIXEL 
_diffrn_detector.diffrn_id                    1 
_diffrn_detector.type                         'DECTRIS PILATUS 6M' 
_diffrn_detector.area_resol_mean              ? 
_diffrn_detector.dtime                        ? 
_diffrn_detector.pdbx_frames_total            ? 
_diffrn_detector.pdbx_collection_time_total   ? 
_diffrn_detector.pdbx_collection_date         2017-11-01 
_diffrn_detector.pdbx_frequency               ? 
# 
_diffrn_radiation.collimation                      ? 
_diffrn_radiation.diffrn_id                        1 
_diffrn_radiation.filter_edge                      ? 
_diffrn_radiation.inhomogeneity                    ? 
_diffrn_radiation.monochromator                    ? 
_diffrn_radiation.polarisn_norm                    ? 
_diffrn_radiation.polarisn_ratio                   ? 
_diffrn_radiation.probe                            ? 
_diffrn_radiation.type                             ? 
_diffrn_radiation.xray_symbol                      ? 
_diffrn_radiation.wavelength_id                    1 
_diffrn_radiation.pdbx_monochromatic_or_laue_m_l   M 
_diffrn_radiation.pdbx_wavelength_list             ? 
_diffrn_radiation.pdbx_wavelength                  ? 
_diffrn_radiation.pdbx_diffrn_protocol             'SINGLE WAVELENGTH' 
_diffrn_radiation.pdbx_analyzer                    ? 
_diffrn_radiation.pdbx_scattering_type             x-ray 
# 
_diffrn_radiation_wavelength.id           1 
_diffrn_radiation_wavelength.wavelength   0.9792 
_diffrn_radiation_wavelength.wt           1.0 
# 
_diffrn_source.current                     ? 
_diffrn_source.details                     ? 
_diffrn_source.diffrn_id                   1 
_diffrn_source.power                       ? 
_diffrn_source.size                        ? 
_diffrn_source.source                      SYNCHROTRON 
_diffrn_source.target                      ? 
_diffrn_source.type                        'ALBA BEAMLINE XALOC' 
_diffrn_source.voltage                     ? 
_diffrn_source.take-off_angle              ? 
_diffrn_source.pdbx_wavelength_list        0.9792 
_diffrn_source.pdbx_wavelength             ? 
_diffrn_source.pdbx_synchrotron_beamline   XALOC 
_diffrn_source.pdbx_synchrotron_site       ALBA 
# 
_reflns.B_iso_Wilson_estimate            ? 
_reflns.entry_id                         6ADF 
_reflns.data_reduction_details           ? 
_reflns.data_reduction_method            ? 
_reflns.d_resolution_high                1.08 
_reflns.d_resolution_low                 55.49 
_reflns.details                          ? 
_reflns.limit_h_max                      ? 
_reflns.limit_h_min                      ? 
_reflns.limit_k_max                      ? 
_reflns.limit_k_min                      ? 
_reflns.limit_l_max                      ? 
_reflns.limit_l_min                      ? 
_reflns.number_all                       ? 
_reflns.number_obs                       50672 
_reflns.observed_criterion               ? 
_reflns.observed_criterion_F_max         ? 
_reflns.observed_criterion_F_min         ? 
_reflns.observed_criterion_I_max         ? 
_reflns.observed_criterion_I_min         ? 
_reflns.observed_criterion_sigma_F       ? 
_reflns.observed_criterion_sigma_I       ? 
_reflns.percent_possible_obs             100 
_reflns.R_free_details                   ? 
_reflns.Rmerge_F_all                     ? 
_reflns.Rmerge_F_obs                     ? 
_reflns.Friedel_coverage                 ? 
_reflns.number_gt                        ? 
_reflns.threshold_expression             ? 
_reflns.pdbx_redundancy                  11.2 
_reflns.pdbx_Rmerge_I_obs                0.067 
_reflns.pdbx_Rmerge_I_all                ? 
_reflns.pdbx_Rsym_value                  ? 
_reflns.pdbx_netI_over_av_sigmaI         ? 
_reflns.pdbx_netI_over_sigmaI            19.5 
_reflns.pdbx_res_netI_over_av_sigmaI_2   ? 
_reflns.pdbx_res_netI_over_sigmaI_2      ? 
_reflns.pdbx_chi_squared                 ? 
_reflns.pdbx_scaling_rejects             ? 
_reflns.pdbx_d_res_high_opt              ? 
_reflns.pdbx_d_res_low_opt               ? 
_reflns.pdbx_d_res_opt_method            ? 
_reflns.phase_calculation_details        ? 
_reflns.pdbx_Rrim_I_all                  ? 
_reflns.pdbx_Rpim_I_all                  ? 
_reflns.pdbx_d_opt                       ? 
_reflns.pdbx_number_measured_all         ? 
_reflns.pdbx_diffrn_id                   1 
_reflns.pdbx_ordinal                     1 
_reflns.pdbx_CC_half                     ? 
_reflns.pdbx_R_split                     ? 
# 
_reflns_shell.d_res_high                  1.08 
_reflns_shell.d_res_low                   1.13 
_reflns_shell.meanI_over_sigI_all         ? 
_reflns_shell.meanI_over_sigI_obs         ? 
_reflns_shell.number_measured_all         ? 
_reflns_shell.number_measured_obs         ? 
_reflns_shell.number_possible             ? 
_reflns_shell.number_unique_all           ? 
_reflns_shell.number_unique_obs           ? 
_reflns_shell.percent_possible_all        ? 
_reflns_shell.percent_possible_obs        ? 
_reflns_shell.Rmerge_F_all                ? 
_reflns_shell.Rmerge_F_obs                ? 
_reflns_shell.Rmerge_I_all                ? 
_reflns_shell.Rmerge_I_obs                ? 
_reflns_shell.meanI_over_sigI_gt          ? 
_reflns_shell.meanI_over_uI_all           ? 
_reflns_shell.meanI_over_uI_gt            ? 
_reflns_shell.number_measured_gt          ? 
_reflns_shell.number_unique_gt            ? 
_reflns_shell.percent_possible_gt         ? 
_reflns_shell.Rmerge_F_gt                 ? 
_reflns_shell.Rmerge_I_gt                 ? 
_reflns_shell.pdbx_redundancy             ? 
_reflns_shell.pdbx_Rsym_value             ? 
_reflns_shell.pdbx_chi_squared            ? 
_reflns_shell.pdbx_netI_over_sigmaI_all   ? 
_reflns_shell.pdbx_netI_over_sigmaI_obs   ? 
_reflns_shell.pdbx_Rrim_I_all             ? 
_reflns_shell.pdbx_Rpim_I_all             ? 
_reflns_shell.pdbx_rejects                ? 
_reflns_shell.pdbx_ordinal                1 
_reflns_shell.pdbx_diffrn_id              1 
_reflns_shell.pdbx_CC_half                ? 
_reflns_shell.pdbx_R_split                ? 
# 
_refine.aniso_B[1][1]                            0.00 
_refine.aniso_B[1][2]                            0.00 
_refine.aniso_B[1][3]                            0.00 
_refine.aniso_B[2][2]                            0.00 
_refine.aniso_B[2][3]                            0.00 
_refine.aniso_B[3][3]                            0.00 
_refine.B_iso_max                                ? 
_refine.B_iso_mean                               12.572 
_refine.B_iso_min                                ? 
_refine.correlation_coeff_Fo_to_Fc               0.977 
_refine.correlation_coeff_Fo_to_Fc_free          0.965 
_refine.details                                  'HYDROGENS HAVE BEEN ADDED IN THE RIDING POSITIONS' 
_refine.diff_density_max                         ? 
_refine.diff_density_max_esd                     ? 
_refine.diff_density_min                         ? 
_refine.diff_density_min_esd                     ? 
_refine.diff_density_rms                         ? 
_refine.diff_density_rms_esd                     ? 
_refine.entry_id                                 6ADF 
_refine.pdbx_refine_id                           'X-RAY DIFFRACTION' 
_refine.ls_abs_structure_details                 ? 
_refine.ls_abs_structure_Flack                   ? 
_refine.ls_abs_structure_Flack_esd               ? 
_refine.ls_abs_structure_Rogers                  ? 
_refine.ls_abs_structure_Rogers_esd              ? 
_refine.ls_d_res_high                            1.08 
_refine.ls_d_res_low                             55.49 
_refine.ls_extinction_coef                       ? 
_refine.ls_extinction_coef_esd                   ? 
_refine.ls_extinction_expression                 ? 
_refine.ls_extinction_method                     ? 
_refine.ls_goodness_of_fit_all                   ? 
_refine.ls_goodness_of_fit_all_esd               ? 
_refine.ls_goodness_of_fit_obs                   ? 
_refine.ls_goodness_of_fit_obs_esd               ? 
_refine.ls_hydrogen_treatment                    ? 
_refine.ls_matrix_type                           ? 
_refine.ls_number_constraints                    ? 
_refine.ls_number_parameters                     ? 
_refine.ls_number_reflns_all                     ? 
_refine.ls_number_reflns_obs                     48018 
_refine.ls_number_reflns_R_free                  2587 
_refine.ls_number_reflns_R_work                  ? 
_refine.ls_number_restraints                     ? 
_refine.ls_percent_reflns_obs                    99.98 
_refine.ls_percent_reflns_R_free                 5.1 
_refine.ls_R_factor_all                          ? 
_refine.ls_R_factor_obs                          0.15327 
_refine.ls_R_factor_R_free                       0.17554 
_refine.ls_R_factor_R_free_error                 ? 
_refine.ls_R_factor_R_free_error_details         ? 
_refine.ls_R_factor_R_work                       0.15212 
_refine.ls_R_Fsqd_factor_obs                     ? 
_refine.ls_R_I_factor_obs                        ? 
_refine.ls_redundancy_reflns_all                 ? 
_refine.ls_redundancy_reflns_obs                 ? 
_refine.ls_restrained_S_all                      ? 
_refine.ls_restrained_S_obs                      ? 
_refine.ls_shift_over_esd_max                    ? 
_refine.ls_shift_over_esd_mean                   ? 
_refine.ls_structure_factor_coef                 ? 
_refine.ls_weighting_details                     ? 
_refine.ls_weighting_scheme                      ? 
_refine.ls_wR_factor_all                         ? 
_refine.ls_wR_factor_obs                         ? 
_refine.ls_wR_factor_R_free                      ? 
_refine.ls_wR_factor_R_work                      ? 
_refine.occupancy_max                            ? 
_refine.occupancy_min                            ? 
_refine.solvent_model_details                    MASK 
_refine.solvent_model_param_bsol                 ? 
_refine.solvent_model_param_ksol                 ? 
_refine.ls_R_factor_gt                           ? 
_refine.ls_goodness_of_fit_gt                    ? 
_refine.ls_goodness_of_fit_ref                   ? 
_refine.ls_shift_over_su_max                     ? 
_refine.ls_shift_over_su_max_lt                  ? 
_refine.ls_shift_over_su_mean                    ? 
_refine.ls_shift_over_su_mean_lt                 ? 
_refine.pdbx_ls_sigma_I                          ? 
_refine.pdbx_ls_sigma_F                          ? 
_refine.pdbx_ls_sigma_Fsqd                       ? 
_refine.pdbx_data_cutoff_high_absF               ? 
_refine.pdbx_data_cutoff_high_rms_absF           ? 
_refine.pdbx_data_cutoff_low_absF                ? 
_refine.pdbx_isotropic_thermal_model             ? 
_refine.pdbx_ls_cross_valid_method               THROUGHOUT 
_refine.pdbx_method_to_determine_struct          'MOLECULAR REPLACEMENT' 
_refine.pdbx_starting_model                      1DPX 
_refine.pdbx_stereochemistry_target_values       'MAXIMUM LIKELIHOOD' 
_refine.pdbx_R_Free_selection_details            RANDOM 
_refine.pdbx_stereochem_target_val_spec_case     ? 
_refine.pdbx_overall_ESU_R                       0.029 
_refine.pdbx_overall_ESU_R_Free                  0.032 
_refine.pdbx_solvent_vdw_probe_radii             1.20 
_refine.pdbx_solvent_ion_probe_radii             0.80 
_refine.pdbx_solvent_shrinkage_radii             0.80 
_refine.pdbx_real_space_R                        ? 
_refine.pdbx_density_correlation                 ? 
_refine.pdbx_pd_number_of_powder_patterns        ? 
_refine.pdbx_pd_number_of_points                 ? 
_refine.pdbx_pd_meas_number_of_points            ? 
_refine.pdbx_pd_proc_ls_prof_R_factor            ? 
_refine.pdbx_pd_proc_ls_prof_wR_factor           ? 
_refine.pdbx_pd_Marquardt_correlation_coeff      ? 
_refine.pdbx_pd_Fsqrd_R_factor                   ? 
_refine.pdbx_pd_ls_matrix_band_width             ? 
_refine.pdbx_overall_phase_error                 ? 
_refine.pdbx_overall_SU_R_free_Cruickshank_DPI   ? 
_refine.pdbx_overall_SU_R_free_Blow_DPI          ? 
_refine.pdbx_overall_SU_R_Blow_DPI               ? 
_refine.pdbx_TLS_residual_ADP_flag               ? 
_refine.pdbx_diffrn_id                           1 
_refine.overall_SU_B                             0.383 
_refine.overall_SU_ML                            0.020 
_refine.overall_SU_R_Cruickshank_DPI             ? 
_refine.overall_SU_R_free                        ? 
_refine.overall_FOM_free_R_set                   ? 
_refine.overall_FOM_work_R_set                   ? 
_refine.pdbx_average_fsc_overall                 ? 
_refine.pdbx_average_fsc_work                    ? 
_refine.pdbx_average_fsc_free                    ? 
# 
_refine_hist.pdbx_refine_id                   'X-RAY DIFFRACTION' 
_refine_hist.cycle_id                         1 
_refine_hist.details                          ? 
_refine_hist.d_res_high                       1.08 
_refine_hist.d_res_low                        55.49 
_refine_hist.number_atoms_solvent             248 
_refine_hist.number_atoms_total               1279 
_refine_hist.number_reflns_all                ? 
_refine_hist.number_reflns_obs                ? 
_refine_hist.number_reflns_R_free             ? 
_refine_hist.number_reflns_R_work             ? 
_refine_hist.R_factor_all                     ? 
_refine_hist.R_factor_obs                     ? 
_refine_hist.R_factor_R_free                  ? 
_refine_hist.R_factor_R_work                  ? 
_refine_hist.pdbx_number_residues_total       ? 
_refine_hist.pdbx_B_iso_mean_ligand           ? 
_refine_hist.pdbx_B_iso_mean_solvent          ? 
_refine_hist.pdbx_number_atoms_protein        1000 
_refine_hist.pdbx_number_atoms_nucleic_acid   0 
_refine_hist.pdbx_number_atoms_ligand         31 
_refine_hist.pdbx_number_atoms_lipid          ? 
_refine_hist.pdbx_number_atoms_carb           ? 
_refine_hist.pdbx_pseudo_atom_details         ? 
# 
loop_
_refine_ls_restr.pdbx_refine_id 
_refine_ls_restr.criterion 
_refine_ls_restr.dev_ideal 
_refine_ls_restr.dev_ideal_target 
_refine_ls_restr.number 
_refine_ls_restr.rejects 
_refine_ls_restr.type 
_refine_ls_restr.weight 
_refine_ls_restr.pdbx_restraint_function 
'X-RAY DIFFRACTION' ? 0.032  0.019  1065 ? r_bond_refined_d             ? ? 
'X-RAY DIFFRACTION' ? 0.006  0.020  1006 ? r_bond_other_d               ? ? 
'X-RAY DIFFRACTION' ? 2.675  1.918  1435 ? r_angle_refined_deg          ? ? 
'X-RAY DIFFRACTION' ? 2.624  3.000  2285 ? r_angle_other_deg            ? ? 
'X-RAY DIFFRACTION' ? 6.327  5.000  128  ? r_dihedral_angle_1_deg       ? ? 
'X-RAY DIFFRACTION' ? 36.765 22.642 53   ? r_dihedral_angle_2_deg       ? ? 
'X-RAY DIFFRACTION' ? 11.207 15.000 173  ? r_dihedral_angle_3_deg       ? ? 
'X-RAY DIFFRACTION' ? 20.605 15.000 13   ? r_dihedral_angle_4_deg       ? ? 
'X-RAY DIFFRACTION' ? 0.170  0.200  152  ? r_chiral_restr               ? ? 
'X-RAY DIFFRACTION' ? 0.015  0.020  1222 ? r_gen_planes_refined         ? ? 
'X-RAY DIFFRACTION' ? 0.002  0.020  281  ? r_gen_planes_other           ? ? 
'X-RAY DIFFRACTION' ? ?      ?      ?    ? r_nbd_refined                ? ? 
'X-RAY DIFFRACTION' ? ?      ?      ?    ? r_nbd_other                  ? ? 
'X-RAY DIFFRACTION' ? ?      ?      ?    ? r_nbtor_refined              ? ? 
'X-RAY DIFFRACTION' ? ?      ?      ?    ? r_nbtor_other                ? ? 
'X-RAY DIFFRACTION' ? ?      ?      ?    ? r_xyhbond_nbd_refined        ? ? 
'X-RAY DIFFRACTION' ? ?      ?      ?    ? r_xyhbond_nbd_other          ? ? 
'X-RAY DIFFRACTION' ? ?      ?      ?    ? r_metal_ion_refined          ? ? 
'X-RAY DIFFRACTION' ? ?      ?      ?    ? r_metal_ion_other            ? ? 
'X-RAY DIFFRACTION' ? ?      ?      ?    ? r_symmetry_vdw_refined       ? ? 
'X-RAY DIFFRACTION' ? ?      ?      ?    ? r_symmetry_vdw_other         ? ? 
'X-RAY DIFFRACTION' ? ?      ?      ?    ? r_symmetry_hbond_refined     ? ? 
'X-RAY DIFFRACTION' ? ?      ?      ?    ? r_symmetry_hbond_other       ? ? 
'X-RAY DIFFRACTION' ? ?      ?      ?    ? r_symmetry_metal_ion_refined ? ? 
'X-RAY DIFFRACTION' ? ?      ?      ?    ? r_symmetry_metal_ion_other   ? ? 
'X-RAY DIFFRACTION' ? 1.322  0.876  517  ? r_mcbond_it                  ? ? 
'X-RAY DIFFRACTION' ? 1.044  0.870  514  ? r_mcbond_other               ? ? 
'X-RAY DIFFRACTION' ? 1.480  1.320  643  ? r_mcangle_it                 ? ? 
'X-RAY DIFFRACTION' ? 1.494  1.323  644  ? r_mcangle_other              ? ? 
'X-RAY DIFFRACTION' ? 2.713  1.184  548  ? r_scbond_it                  ? ? 
'X-RAY DIFFRACTION' ? 2.712  1.185  549  ? r_scbond_other               ? ? 
'X-RAY DIFFRACTION' ? ?      ?      ?    ? r_scangle_it                 ? ? 
'X-RAY DIFFRACTION' ? 3.517  1.675  793  ? r_scangle_other              ? ? 
'X-RAY DIFFRACTION' ? 5.834  10.199 1530 ? r_long_range_B_refined       ? ? 
'X-RAY DIFFRACTION' ? 5.841  10.204 1531 ? r_long_range_B_other         ? ? 
'X-RAY DIFFRACTION' ? ?      ?      ?    ? r_rigid_bond_restr           ? ? 
'X-RAY DIFFRACTION' ? ?      ?      ?    ? r_sphericity_free            ? ? 
'X-RAY DIFFRACTION' ? ?      ?      ?    ? r_sphericity_bonded          ? ? 
# 
_refine_ls_shell.pdbx_refine_id                   'X-RAY DIFFRACTION' 
_refine_ls_shell.d_res_high                       1.076 
_refine_ls_shell.d_res_low                        1.104 
_refine_ls_shell.number_reflns_all                ? 
_refine_ls_shell.number_reflns_obs                ? 
_refine_ls_shell.number_reflns_R_free             201 
_refine_ls_shell.number_reflns_R_work             3482 
_refine_ls_shell.percent_reflns_obs               99.97 
_refine_ls_shell.percent_reflns_R_free            ? 
_refine_ls_shell.R_factor_all                     ? 
_refine_ls_shell.R_factor_obs                     ? 
_refine_ls_shell.R_factor_R_free                  0.214 
_refine_ls_shell.R_factor_R_free_error            ? 
_refine_ls_shell.R_factor_R_work                  0.207 
_refine_ls_shell.redundancy_reflns_all            ? 
_refine_ls_shell.redundancy_reflns_obs            ? 
_refine_ls_shell.wR_factor_all                    ? 
_refine_ls_shell.wR_factor_obs                    ? 
_refine_ls_shell.wR_factor_R_free                 ? 
_refine_ls_shell.wR_factor_R_work                 ? 
_refine_ls_shell.pdbx_total_number_of_bins_used   20 
_refine_ls_shell.pdbx_phase_error                 ? 
_refine_ls_shell.pdbx_fsc_work                    ? 
_refine_ls_shell.pdbx_fsc_free                    ? 
# 
_struct.entry_id                     6ADF 
_struct.title                        'Structure of HEWL co-crystallised with TEMED' 
_struct.pdbx_model_details           ? 
_struct.pdbx_formula_weight          ? 
_struct.pdbx_formula_weight_method   ? 
_struct.pdbx_model_type_details      ? 
_struct.pdbx_CASP_flag               N 
# 
_struct_keywords.entry_id        6ADF 
_struct_keywords.text            'HEWL, TEMED, co-crystallised, HYDROLASE' 
_struct_keywords.pdbx_keywords   HYDROLASE 
# 
loop_
_struct_asym.id 
_struct_asym.pdbx_blank_PDB_chainid_flag 
_struct_asym.pdbx_modified 
_struct_asym.entity_id 
_struct_asym.details 
A N N 1 ? 
B N N 2 ? 
C N N 3 ? 
D N N 3 ? 
E N N 3 ? 
F N N 4 ? 
G N N 4 ? 
H N N 4 ? 
I N N 5 ? 
J N N 6 ? 
K N N 7 ? 
# 
_struct_ref.id                         1 
_struct_ref.db_name                    UNP 
_struct_ref.db_code                    LYSC_CHICK 
_struct_ref.pdbx_db_accession          P00698 
_struct_ref.pdbx_db_isoform            ? 
_struct_ref.entity_id                  1 
_struct_ref.pdbx_seq_one_letter_code   
;KVFGRCELAAAMKRHGLDNYRGYSLGNWVCAAKFESNFNTQATNRNTDGSTDYGILQINSRWWCNDGRTPGSRNLCNIPC
SALLSSDITASVNCAKKIVSDGNGMNAWVAWRNRCKGTDVQAWIRGCRL
;
_struct_ref.pdbx_align_begin           19 
# 
_struct_ref_seq.align_id                      1 
_struct_ref_seq.ref_id                        1 
_struct_ref_seq.pdbx_PDB_id_code              6ADF 
_struct_ref_seq.pdbx_strand_id                A 
_struct_ref_seq.seq_align_beg                 1 
_struct_ref_seq.pdbx_seq_align_beg_ins_code   ? 
_struct_ref_seq.seq_align_end                 129 
_struct_ref_seq.pdbx_seq_align_end_ins_code   ? 
_struct_ref_seq.pdbx_db_accession             P00698 
_struct_ref_seq.db_align_beg                  19 
_struct_ref_seq.pdbx_db_align_beg_ins_code    ? 
_struct_ref_seq.db_align_end                  147 
_struct_ref_seq.pdbx_db_align_end_ins_code    ? 
_struct_ref_seq.pdbx_auth_seq_align_beg       1 
_struct_ref_seq.pdbx_auth_seq_align_end       129 
# 
_pdbx_struct_assembly.id                   1 
_pdbx_struct_assembly.details              author_and_software_defined_assembly 
_pdbx_struct_assembly.method_details       PISA 
_pdbx_struct_assembly.oligomeric_details   monomeric 
_pdbx_struct_assembly.oligomeric_count     1 
# 
loop_
_pdbx_struct_assembly_prop.biol_id 
_pdbx_struct_assembly_prop.type 
_pdbx_struct_assembly_prop.value 
_pdbx_struct_assembly_prop.details 
1 'ABSA (A^2)' 290  ? 
1 MORE         -24  ? 
1 'SSA (A^2)'  6570 ? 
# 
_pdbx_struct_assembly_gen.assembly_id       1 
_pdbx_struct_assembly_gen.oper_expression   1 
_pdbx_struct_assembly_gen.asym_id_list      A,B,C,D,E,F,G,H,I,J,K 
# 
_pdbx_struct_assembly_auth_evidence.id                     1 
_pdbx_struct_assembly_auth_evidence.assembly_id            1 
_pdbx_struct_assembly_auth_evidence.experimental_support   none 
_pdbx_struct_assembly_auth_evidence.details                ? 
# 
_pdbx_struct_oper_list.id                   1 
_pdbx_struct_oper_list.type                 'identity operation' 
_pdbx_struct_oper_list.name                 1_555 
_pdbx_struct_oper_list.symmetry_operation   x,y,z 
_pdbx_struct_oper_list.matrix[1][1]         1.0000000000 
_pdbx_struct_oper_list.matrix[1][2]         0.0000000000 
_pdbx_struct_oper_list.matrix[1][3]         0.0000000000 
_pdbx_struct_oper_list.vector[1]            0.0000000000 
_pdbx_struct_oper_list.matrix[2][1]         0.0000000000 
_pdbx_struct_oper_list.matrix[2][2]         1.0000000000 
_pdbx_struct_oper_list.matrix[2][3]         0.0000000000 
_pdbx_struct_oper_list.vector[2]            0.0000000000 
_pdbx_struct_oper_list.matrix[3][1]         0.0000000000 
_pdbx_struct_oper_list.matrix[3][2]         0.0000000000 
_pdbx_struct_oper_list.matrix[3][3]         1.0000000000 
_pdbx_struct_oper_list.vector[3]            0.0000000000 
# 
loop_
_struct_conf.conf_type_id 
_struct_conf.id 
_struct_conf.pdbx_PDB_helix_id 
_struct_conf.beg_label_comp_id 
_struct_conf.beg_label_asym_id 
_struct_conf.beg_label_seq_id 
_struct_conf.pdbx_beg_PDB_ins_code 
_struct_conf.end_label_comp_id 
_struct_conf.end_label_asym_id 
_struct_conf.end_label_seq_id 
_struct_conf.pdbx_end_PDB_ins_code 
_struct_conf.beg_auth_comp_id 
_struct_conf.beg_auth_asym_id 
_struct_conf.beg_auth_seq_id 
_struct_conf.end_auth_comp_id 
_struct_conf.end_auth_asym_id 
_struct_conf.end_auth_seq_id 
_struct_conf.pdbx_PDB_helix_class 
_struct_conf.details 
_struct_conf.pdbx_PDB_helix_length 
HELX_P HELX_P1 AA1 GLY A 4   ? HIS A 15  ? GLY A 4   HIS A 15  1 ? 12 
HELX_P HELX_P2 AA2 ASN A 19  ? TYR A 23  ? ASN A 19  TYR A 23  5 ? 5  
HELX_P HELX_P3 AA3 SER A 24  ? ASN A 37  ? SER A 24  ASN A 37  1 ? 14 
HELX_P HELX_P4 AA4 PRO A 79  ? SER A 85  ? PRO A 79  SER A 85  5 ? 7  
HELX_P HELX_P5 AA5 ILE A 88  ? SER A 100 ? ILE A 88  SER A 100 1 ? 13 
HELX_P HELX_P6 AA6 ASN A 103 ? ALA A 107 ? ASN A 103 ALA A 107 5 ? 5  
HELX_P HELX_P7 AA7 TRP A 108 ? CYS A 115 ? TRP A 108 CYS A 115 1 ? 8  
HELX_P HELX_P8 AA8 ASP A 119 ? ARG A 125 ? ASP A 119 ARG A 125 5 ? 7  
# 
_struct_conf_type.id          HELX_P 
_struct_conf_type.criteria    ? 
_struct_conf_type.reference   ? 
# 
loop_
_struct_conn.id 
_struct_conn.conn_type_id 
_struct_conn.pdbx_leaving_atom_flag 
_struct_conn.pdbx_PDB_id 
_struct_conn.ptnr1_label_asym_id 
_struct_conn.ptnr1_label_comp_id 
_struct_conn.ptnr1_label_seq_id 
_struct_conn.ptnr1_label_atom_id 
_struct_conn.pdbx_ptnr1_label_alt_id 
_struct_conn.pdbx_ptnr1_PDB_ins_code 
_struct_conn.pdbx_ptnr1_standard_comp_id 
_struct_conn.ptnr1_symmetry 
_struct_conn.ptnr2_label_asym_id 
_struct_conn.ptnr2_label_comp_id 
_struct_conn.ptnr2_label_seq_id 
_struct_conn.ptnr2_label_atom_id 
_struct_conn.pdbx_ptnr2_label_alt_id 
_struct_conn.pdbx_ptnr2_PDB_ins_code 
_struct_conn.ptnr1_auth_asym_id 
_struct_conn.ptnr1_auth_comp_id 
_struct_conn.ptnr1_auth_seq_id 
_struct_conn.ptnr2_auth_asym_id 
_struct_conn.ptnr2_auth_comp_id 
_struct_conn.ptnr2_auth_seq_id 
_struct_conn.ptnr2_symmetry 
_struct_conn.pdbx_ptnr3_label_atom_id 
_struct_conn.pdbx_ptnr3_label_seq_id 
_struct_conn.pdbx_ptnr3_label_comp_id 
_struct_conn.pdbx_ptnr3_label_asym_id 
_struct_conn.pdbx_ptnr3_label_alt_id 
_struct_conn.pdbx_ptnr3_PDB_ins_code 
_struct_conn.details 
_struct_conn.pdbx_dist_value 
_struct_conn.pdbx_value_order 
_struct_conn.pdbx_role 
disulf1 disulf ? ? A CYS 6  SG ? ? ? 1_555 A CYS 127 SG ? ? A CYS 6   A CYS 127 1_555 ? ? ? ? ? ? ? 2.062 ? ? 
disulf2 disulf ? ? A CYS 30 SG ? ? ? 1_555 A CYS 115 SG ? ? A CYS 30  A CYS 115 1_555 ? ? ? ? ? ? ? 2.085 ? ? 
disulf3 disulf ? ? A CYS 64 SG ? ? ? 1_555 A CYS 80  SG ? ? A CYS 64  A CYS 80  1_555 ? ? ? ? ? ? ? 2.064 ? ? 
disulf4 disulf ? ? A CYS 76 SG ? ? ? 1_555 A CYS 94  SG ? ? A CYS 76  A CYS 94  1_555 ? ? ? ? ? ? ? 2.040 ? ? 
metalc1 metalc ? ? A SER 60 O  ? ? ? 1_555 I NA  .   NA ? ? A SER 60  A NA  208 1_555 ? ? ? ? ? ? ? 2.322 ? ? 
metalc2 metalc ? ? A CYS 64 O  ? ? ? 1_555 I NA  .   NA ? ? A CYS 64  A NA  208 1_555 ? ? ? ? ? ? ? 2.396 ? ? 
metalc3 metalc ? ? A SER 72 OG ? ? ? 1_555 I NA  .   NA ? ? A SER 72  A NA  208 1_555 ? ? ? ? ? ? ? 2.548 ? ? 
metalc4 metalc ? ? A ARG 73 O  ? ? ? 1_555 I NA  .   NA ? ? A ARG 73  A NA  208 1_555 ? ? ? ? ? ? ? 2.415 ? ? 
metalc5 metalc ? ? I NA  .  NA ? ? ? 1_555 K HOH .   O  ? ? A NA  208 A HOH 368 1_555 ? ? ? ? ? ? ? 2.453 ? ? 
metalc6 metalc ? ? I NA  .  NA ? ? ? 1_555 K HOH .   O  ? ? A NA  208 A HOH 391 1_555 ? ? ? ? ? ? ? 2.430 ? ? 
# 
loop_
_struct_conn_type.id 
_struct_conn_type.criteria 
_struct_conn_type.reference 
disulf ? ? 
metalc ? ? 
# 
loop_
_pdbx_struct_conn_angle.id 
_pdbx_struct_conn_angle.ptnr1_label_atom_id 
_pdbx_struct_conn_angle.ptnr1_label_alt_id 
_pdbx_struct_conn_angle.ptnr1_label_asym_id 
_pdbx_struct_conn_angle.ptnr1_label_comp_id 
_pdbx_struct_conn_angle.ptnr1_label_seq_id 
_pdbx_struct_conn_angle.ptnr1_auth_atom_id 
_pdbx_struct_conn_angle.ptnr1_auth_asym_id 
_pdbx_struct_conn_angle.ptnr1_auth_comp_id 
_pdbx_struct_conn_angle.ptnr1_auth_seq_id 
_pdbx_struct_conn_angle.ptnr1_PDB_ins_code 
_pdbx_struct_conn_angle.ptnr1_symmetry 
_pdbx_struct_conn_angle.ptnr2_label_atom_id 
_pdbx_struct_conn_angle.ptnr2_label_alt_id 
_pdbx_struct_conn_angle.ptnr2_label_asym_id 
_pdbx_struct_conn_angle.ptnr2_label_comp_id 
_pdbx_struct_conn_angle.ptnr2_label_seq_id 
_pdbx_struct_conn_angle.ptnr2_auth_atom_id 
_pdbx_struct_conn_angle.ptnr2_auth_asym_id 
_pdbx_struct_conn_angle.ptnr2_auth_comp_id 
_pdbx_struct_conn_angle.ptnr2_auth_seq_id 
_pdbx_struct_conn_angle.ptnr2_PDB_ins_code 
_pdbx_struct_conn_angle.ptnr2_symmetry 
_pdbx_struct_conn_angle.ptnr3_label_atom_id 
_pdbx_struct_conn_angle.ptnr3_label_alt_id 
_pdbx_struct_conn_angle.ptnr3_label_asym_id 
_pdbx_struct_conn_angle.ptnr3_label_comp_id 
_pdbx_struct_conn_angle.ptnr3_label_seq_id 
_pdbx_struct_conn_angle.ptnr3_auth_atom_id 
_pdbx_struct_conn_angle.ptnr3_auth_asym_id 
_pdbx_struct_conn_angle.ptnr3_auth_comp_id 
_pdbx_struct_conn_angle.ptnr3_auth_seq_id 
_pdbx_struct_conn_angle.ptnr3_PDB_ins_code 
_pdbx_struct_conn_angle.ptnr3_symmetry 
_pdbx_struct_conn_angle.value 
_pdbx_struct_conn_angle.value_esd 
1  O  ? A SER 60 ? A SER 60  ? 1_555 NA ? I NA . ? A NA 208 ? 1_555 O  ? A CYS 64 ? A CYS 64  ? 1_555 91.3  ? 
2  O  ? A SER 60 ? A SER 60  ? 1_555 NA ? I NA . ? A NA 208 ? 1_555 OG ? A SER 72 ? A SER 72  ? 1_555 86.4  ? 
3  O  ? A CYS 64 ? A CYS 64  ? 1_555 NA ? I NA . ? A NA 208 ? 1_555 OG ? A SER 72 ? A SER 72  ? 1_555 167.8 ? 
4  O  ? A SER 60 ? A SER 60  ? 1_555 NA ? I NA . ? A NA 208 ? 1_555 O  ? A ARG 73 ? A ARG 73  ? 1_555 95.2  ? 
5  O  ? A CYS 64 ? A CYS 64  ? 1_555 NA ? I NA . ? A NA 208 ? 1_555 O  ? A ARG 73 ? A ARG 73  ? 1_555 89.8  ? 
6  OG ? A SER 72 ? A SER 72  ? 1_555 NA ? I NA . ? A NA 208 ? 1_555 O  ? A ARG 73 ? A ARG 73  ? 1_555 102.4 ? 
7  O  ? A SER 60 ? A SER 60  ? 1_555 NA ? I NA . ? A NA 208 ? 1_555 O  ? K HOH .  ? A HOH 368 ? 1_555 99.1  ? 
8  O  ? A CYS 64 ? A CYS 64  ? 1_555 NA ? I NA . ? A NA 208 ? 1_555 O  ? K HOH .  ? A HOH 368 ? 1_555 89.9  ? 
9  OG ? A SER 72 ? A SER 72  ? 1_555 NA ? I NA . ? A NA 208 ? 1_555 O  ? K HOH .  ? A HOH 368 ? 1_555 78.6  ? 
10 O  ? A ARG 73 ? A ARG 73  ? 1_555 NA ? I NA . ? A NA 208 ? 1_555 O  ? K HOH .  ? A HOH 368 ? 1_555 165.6 ? 
11 O  ? A SER 60 ? A SER 60  ? 1_555 NA ? I NA . ? A NA 208 ? 1_555 O  ? K HOH .  ? A HOH 391 ? 1_555 169.2 ? 
12 O  ? A CYS 64 ? A CYS 64  ? 1_555 NA ? I NA . ? A NA 208 ? 1_555 O  ? K HOH .  ? A HOH 391 ? 1_555 98.8  ? 
13 OG ? A SER 72 ? A SER 72  ? 1_555 NA ? I NA . ? A NA 208 ? 1_555 O  ? K HOH .  ? A HOH 391 ? 1_555 82.9  ? 
14 O  ? A ARG 73 ? A ARG 73  ? 1_555 NA ? I NA . ? A NA 208 ? 1_555 O  ? K HOH .  ? A HOH 391 ? 1_555 88.5  ? 
15 O  ? K HOH .  ? A HOH 368 ? 1_555 NA ? I NA . ? A NA 208 ? 1_555 O  ? K HOH .  ? A HOH 391 ? 1_555 77.4  ? 
# 
loop_
_pdbx_modification_feature.ordinal 
_pdbx_modification_feature.label_comp_id 
_pdbx_modification_feature.label_asym_id 
_pdbx_modification_feature.label_seq_id 
_pdbx_modification_feature.label_alt_id 
_pdbx_modification_feature.modified_residue_label_comp_id 
_pdbx_modification_feature.modified_residue_label_asym_id 
_pdbx_modification_feature.modified_residue_label_seq_id 
_pdbx_modification_feature.modified_residue_label_alt_id 
_pdbx_modification_feature.auth_comp_id 
_pdbx_modification_feature.auth_asym_id 
_pdbx_modification_feature.auth_seq_id 
_pdbx_modification_feature.PDB_ins_code 
_pdbx_modification_feature.symmetry 
_pdbx_modification_feature.modified_residue_auth_comp_id 
_pdbx_modification_feature.modified_residue_auth_asym_id 
_pdbx_modification_feature.modified_residue_auth_seq_id 
_pdbx_modification_feature.modified_residue_PDB_ins_code 
_pdbx_modification_feature.modified_residue_symmetry 
_pdbx_modification_feature.comp_id_linking_atom 
_pdbx_modification_feature.modified_residue_id_linking_atom 
_pdbx_modification_feature.modified_residue_id 
_pdbx_modification_feature.ref_pcm_id 
_pdbx_modification_feature.ref_comp_id 
_pdbx_modification_feature.type 
_pdbx_modification_feature.category 
1 CYS A 6  ? CYS A 127 ? CYS A 6  ? 1_555 CYS A 127 ? 1_555 SG SG . . . None 'Disulfide bridge' 
2 CYS A 30 ? CYS A 115 ? CYS A 30 ? 1_555 CYS A 115 ? 1_555 SG SG . . . None 'Disulfide bridge' 
3 CYS A 64 ? CYS A 80  ? CYS A 64 ? 1_555 CYS A 80  ? 1_555 SG SG . . . None 'Disulfide bridge' 
4 CYS A 76 ? CYS A 94  ? CYS A 76 ? 1_555 CYS A 94  ? 1_555 SG SG . . . None 'Disulfide bridge' 
# 
_struct_sheet.id               AA1 
_struct_sheet.type             ? 
_struct_sheet.number_strands   3 
_struct_sheet.details          ? 
# 
loop_
_struct_sheet_order.sheet_id 
_struct_sheet_order.range_id_1 
_struct_sheet_order.range_id_2 
_struct_sheet_order.offset 
_struct_sheet_order.sense 
AA1 1 2 ? anti-parallel 
AA1 2 3 ? anti-parallel 
# 
loop_
_struct_sheet_range.sheet_id 
_struct_sheet_range.id 
_struct_sheet_range.beg_label_comp_id 
_struct_sheet_range.beg_label_asym_id 
_struct_sheet_range.beg_label_seq_id 
_struct_sheet_range.pdbx_beg_PDB_ins_code 
_struct_sheet_range.end_label_comp_id 
_struct_sheet_range.end_label_asym_id 
_struct_sheet_range.end_label_seq_id 
_struct_sheet_range.pdbx_end_PDB_ins_code 
_struct_sheet_range.beg_auth_comp_id 
_struct_sheet_range.beg_auth_asym_id 
_struct_sheet_range.beg_auth_seq_id 
_struct_sheet_range.end_auth_comp_id 
_struct_sheet_range.end_auth_asym_id 
_struct_sheet_range.end_auth_seq_id 
AA1 1 THR A 43 ? ARG A 45 ? THR A 43 ARG A 45 
AA1 2 THR A 51 ? TYR A 53 ? THR A 51 TYR A 53 
AA1 3 ILE A 58 ? ASN A 59 ? ILE A 58 ASN A 59 
# 
loop_
_pdbx_struct_sheet_hbond.sheet_id 
_pdbx_struct_sheet_hbond.range_id_1 
_pdbx_struct_sheet_hbond.range_id_2 
_pdbx_struct_sheet_hbond.range_1_label_atom_id 
_pdbx_struct_sheet_hbond.range_1_label_comp_id 
_pdbx_struct_sheet_hbond.range_1_label_asym_id 
_pdbx_struct_sheet_hbond.range_1_label_seq_id 
_pdbx_struct_sheet_hbond.range_1_PDB_ins_code 
_pdbx_struct_sheet_hbond.range_1_auth_atom_id 
_pdbx_struct_sheet_hbond.range_1_auth_comp_id 
_pdbx_struct_sheet_hbond.range_1_auth_asym_id 
_pdbx_struct_sheet_hbond.range_1_auth_seq_id 
_pdbx_struct_sheet_hbond.range_2_label_atom_id 
_pdbx_struct_sheet_hbond.range_2_label_comp_id 
_pdbx_struct_sheet_hbond.range_2_label_asym_id 
_pdbx_struct_sheet_hbond.range_2_label_seq_id 
_pdbx_struct_sheet_hbond.range_2_PDB_ins_code 
_pdbx_struct_sheet_hbond.range_2_auth_atom_id 
_pdbx_struct_sheet_hbond.range_2_auth_comp_id 
_pdbx_struct_sheet_hbond.range_2_auth_asym_id 
_pdbx_struct_sheet_hbond.range_2_auth_seq_id 
AA1 1 2 N ASN A 44 ? N ASN A 44 O ASP A 52 ? O ASP A 52 
AA1 2 3 N TYR A 53 ? N TYR A 53 O ILE A 58 ? O ILE A 58 
# 
loop_
_struct_site.id 
_struct_site.pdbx_evidence_code 
_struct_site.pdbx_auth_asym_id 
_struct_site.pdbx_auth_comp_id 
_struct_site.pdbx_auth_seq_id 
_struct_site.pdbx_auth_ins_code 
_struct_site.pdbx_num_residues 
_struct_site.details 
AC1 Software A 9U3 201 ? 10 'binding site for residue 9U3 A 201' 
AC2 Software A PGO 202 ? 2  'binding site for residue PGO A 202' 
AC3 Software A PGO 203 ? 6  'binding site for residue PGO A 203' 
AC4 Software A PGO 204 ? 7  'binding site for residue PGO A 204' 
AC5 Software A CL  205 ? 2  'binding site for residue CL A 205'  
AC6 Software A CL  206 ? 4  'binding site for residue CL A 206'  
AC7 Software A CL  207 ? 4  'binding site for residue CL A 207'  
AC8 Software A NA  208 ? 6  'binding site for residue NA A 208'  
AC9 Software A ACT 209 ? 6  'binding site for residue ACT A 209' 
# 
loop_
_struct_site_gen.id 
_struct_site_gen.site_id 
_struct_site_gen.pdbx_num_res 
_struct_site_gen.label_comp_id 
_struct_site_gen.label_asym_id 
_struct_site_gen.label_seq_id 
_struct_site_gen.pdbx_auth_ins_code 
_struct_site_gen.auth_comp_id 
_struct_site_gen.auth_asym_id 
_struct_site_gen.auth_seq_id 
_struct_site_gen.label_atom_id 
_struct_site_gen.label_alt_id 
_struct_site_gen.symmetry 
_struct_site_gen.details 
1  AC1 10 ARG A 5   ? ARG A 5   . ? 1_555 ? 
2  AC1 10 GLY A 117 ? GLY A 117 . ? 3_454 ? 
3  AC1 10 ALA A 122 ? ALA A 122 . ? 1_555 ? 
4  AC1 10 TRP A 123 ? TRP A 123 . ? 1_555 ? 
5  AC1 10 HOH K .   ? HOH A 312 . ? 3_454 ? 
6  AC1 10 HOH K .   ? HOH A 335 . ? 1_555 ? 
7  AC1 10 HOH K .   ? HOH A 369 . ? 1_555 ? 
8  AC1 10 HOH K .   ? HOH A 387 . ? 1_555 ? 
9  AC1 10 HOH K .   ? HOH A 497 . ? 1_555 ? 
10 AC1 10 HOH K .   ? HOH A 515 . ? 1_555 ? 
11 AC2 2  TRP A 62  ? TRP A 62  . ? 1_555 ? 
12 AC2 2  ASP A 101 ? ASP A 101 . ? 1_555 ? 
13 AC3 6  GLN A 57  ? GLN A 57  . ? 1_555 ? 
14 AC3 6  ILE A 58  ? ILE A 58  . ? 1_555 ? 
15 AC3 6  ASN A 59  ? ASN A 59  . ? 1_555 ? 
16 AC3 6  TRP A 63  ? TRP A 63  . ? 1_555 ? 
17 AC3 6  ALA A 107 ? ALA A 107 . ? 1_555 ? 
18 AC3 6  TRP A 108 ? TRP A 108 . ? 1_555 ? 
19 AC4 7  ASN A 46  ? ASN A 46  . ? 1_555 ? 
20 AC4 7  ASP A 48  ? ASP A 48  . ? 1_555 ? 
21 AC4 7  SER A 50  ? SER A 50  . ? 1_555 ? 
22 AC4 7  ASN A 59  ? ASN A 59  . ? 1_555 ? 
23 AC4 7  ARG A 61  ? ARG A 61  . ? 1_555 ? 
24 AC4 7  HOH K .   ? HOH A 327 . ? 1_555 ? 
25 AC4 7  HOH K .   ? HOH A 394 . ? 1_555 ? 
26 AC5 2  TYR A 23  ? TYR A 23  . ? 1_555 ? 
27 AC5 2  ASN A 113 ? ASN A 113 . ? 4_445 ? 
28 AC6 4  SER A 24  ? SER A 24  . ? 1_555 ? 
29 AC6 4  GLY A 26  ? GLY A 26  . ? 1_555 ? 
30 AC6 4  GLN A 121 ? GLN A 121 . ? 1_555 ? 
31 AC6 4  HOH K .   ? HOH A 456 . ? 1_555 ? 
32 AC7 4  GLY A 67  ? GLY A 67  . ? 1_555 ? 
33 AC7 4  ARG A 68  ? ARG A 68  . ? 1_555 ? 
34 AC7 4  THR A 69  ? THR A 69  . ? 1_555 ? 
35 AC7 4  SER A 72  ? SER A 72  . ? 1_555 ? 
36 AC8 6  SER A 60  ? SER A 60  . ? 1_555 ? 
37 AC8 6  CYS A 64  ? CYS A 64  . ? 1_555 ? 
38 AC8 6  SER A 72  ? SER A 72  . ? 1_555 ? 
39 AC8 6  ARG A 73  ? ARG A 73  . ? 1_555 ? 
40 AC8 6  HOH K .   ? HOH A 368 . ? 1_555 ? 
41 AC8 6  HOH K .   ? HOH A 391 . ? 1_555 ? 
42 AC9 6  ARG A 73  ? ARG A 73  . ? 1_555 ? 
43 AC9 6  ASN A 74  ? ASN A 74  . ? 1_555 ? 
44 AC9 6  LEU A 75  ? LEU A 75  . ? 1_555 ? 
45 AC9 6  HOH K .   ? HOH A 305 . ? 1_555 ? 
46 AC9 6  HOH K .   ? HOH A 308 . ? 1_555 ? 
47 AC9 6  HOH K .   ? HOH A 492 . ? 1_555 ? 
# 
_pdbx_entry_details.entry_id                   6ADF 
_pdbx_entry_details.compound_details           ? 
_pdbx_entry_details.source_details             ? 
_pdbx_entry_details.nonpolymer_details         ? 
_pdbx_entry_details.sequence_details           ? 
_pdbx_entry_details.has_ligand_of_interest     ? 
_pdbx_entry_details.has_protein_modification   Y 
# 
loop_
_pdbx_validate_close_contact.id 
_pdbx_validate_close_contact.PDB_model_num 
_pdbx_validate_close_contact.auth_atom_id_1 
_pdbx_validate_close_contact.auth_asym_id_1 
_pdbx_validate_close_contact.auth_comp_id_1 
_pdbx_validate_close_contact.auth_seq_id_1 
_pdbx_validate_close_contact.PDB_ins_code_1 
_pdbx_validate_close_contact.label_alt_id_1 
_pdbx_validate_close_contact.auth_atom_id_2 
_pdbx_validate_close_contact.auth_asym_id_2 
_pdbx_validate_close_contact.auth_comp_id_2 
_pdbx_validate_close_contact.auth_seq_id_2 
_pdbx_validate_close_contact.PDB_ins_code_2 
_pdbx_validate_close_contact.label_alt_id_2 
_pdbx_validate_close_contact.dist 
1  1 O   A HOH 361 ? ? O A HOH 366 ? ? 1.30 
2  1 O   A HOH 309 ? ? O A HOH 382 ? ? 1.73 
3  1 O   A HOH 464 ? ? O A HOH 465 ? ? 1.75 
4  1 O   A HOH 453 ? ? O A HOH 478 ? ? 1.81 
5  1 O   A HOH 312 ? ? O A HOH 444 ? ? 1.83 
6  1 O   A HOH 313 ? ? O A HOH 450 ? ? 1.97 
7  1 O   A HOH 536 ? ? O A HOH 541 ? ? 1.98 
8  1 O   A HOH 446 ? ? O A HOH 513 ? ? 2.00 
9  1 O   A HOH 346 ? ? O A HOH 356 ? ? 2.02 
10 1 O   A HOH 316 ? ? O A HOH 475 ? ? 2.02 
11 1 CH3 A ACT 209 ? ? O A HOH 492 ? ? 2.02 
12 1 O   A HOH 310 ? ? O A HOH 316 ? ? 2.04 
13 1 O   A HOH 313 ? ? O A HOH 449 ? ? 2.11 
14 1 NH1 A ARG 68  ? A O A HOH 301 ? ? 2.13 
15 1 O   A HOH 306 ? ? O A HOH 309 ? ? 2.14 
16 1 O   A HOH 310 ? ? O A HOH 475 ? ? 2.15 
# 
loop_
_pdbx_validate_symm_contact.id 
_pdbx_validate_symm_contact.PDB_model_num 
_pdbx_validate_symm_contact.auth_atom_id_1 
_pdbx_validate_symm_contact.auth_asym_id_1 
_pdbx_validate_symm_contact.auth_comp_id_1 
_pdbx_validate_symm_contact.auth_seq_id_1 
_pdbx_validate_symm_contact.PDB_ins_code_1 
_pdbx_validate_symm_contact.label_alt_id_1 
_pdbx_validate_symm_contact.site_symmetry_1 
_pdbx_validate_symm_contact.auth_atom_id_2 
_pdbx_validate_symm_contact.auth_asym_id_2 
_pdbx_validate_symm_contact.auth_comp_id_2 
_pdbx_validate_symm_contact.auth_seq_id_2 
_pdbx_validate_symm_contact.PDB_ins_code_2 
_pdbx_validate_symm_contact.label_alt_id_2 
_pdbx_validate_symm_contact.site_symmetry_2 
_pdbx_validate_symm_contact.dist 
1 1 O A HOH 337 ? ? 1_555 O A HOH 459 ? ? 3_455 1.64 
2 1 O A HOH 445 ? ? 1_555 O A HOH 446 ? ? 3_454 1.80 
3 1 O A HOH 507 ? ? 1_555 O A HOH 507 ? ? 7_554 1.81 
4 1 O A HOH 356 ? ? 1_555 O A HOH 445 ? ? 4_445 2.03 
5 1 O A HOH 306 ? ? 1_555 O A HOH 424 ? ? 3_454 2.08 
6 1 O A HOH 315 ? ? 1_555 O A HOH 381 ? ? 3_454 2.19 
# 
loop_
_pdbx_validate_rmsd_bond.id 
_pdbx_validate_rmsd_bond.PDB_model_num 
_pdbx_validate_rmsd_bond.auth_atom_id_1 
_pdbx_validate_rmsd_bond.auth_asym_id_1 
_pdbx_validate_rmsd_bond.auth_comp_id_1 
_pdbx_validate_rmsd_bond.auth_seq_id_1 
_pdbx_validate_rmsd_bond.PDB_ins_code_1 
_pdbx_validate_rmsd_bond.label_alt_id_1 
_pdbx_validate_rmsd_bond.auth_atom_id_2 
_pdbx_validate_rmsd_bond.auth_asym_id_2 
_pdbx_validate_rmsd_bond.auth_comp_id_2 
_pdbx_validate_rmsd_bond.auth_seq_id_2 
_pdbx_validate_rmsd_bond.PDB_ins_code_2 
_pdbx_validate_rmsd_bond.label_alt_id_2 
_pdbx_validate_rmsd_bond.bond_value 
_pdbx_validate_rmsd_bond.bond_target_value 
_pdbx_validate_rmsd_bond.bond_deviation 
_pdbx_validate_rmsd_bond.bond_standard_deviation 
_pdbx_validate_rmsd_bond.linker_flag 
1 1 N   A ASP 18  ? ? CA  A ASP 18  ? ? 1.298 1.459 -0.161 0.020 N 
2 1 CD  A ARG 68  ? ? NE  A ARG 68  ? A 1.260 1.460 -0.200 0.017 N 
3 1 CZ  A ARG 73  ? ? NH2 A ARG 73  ? ? 1.247 1.326 -0.079 0.013 N 
4 1 CZ3 A TRP 123 ? ? CH2 A TRP 123 ? ? 1.503 1.396 0.107  0.016 N 
# 
loop_
_pdbx_validate_rmsd_angle.id 
_pdbx_validate_rmsd_angle.PDB_model_num 
_pdbx_validate_rmsd_angle.auth_atom_id_1 
_pdbx_validate_rmsd_angle.auth_asym_id_1 
_pdbx_validate_rmsd_angle.auth_comp_id_1 
_pdbx_validate_rmsd_angle.auth_seq_id_1 
_pdbx_validate_rmsd_angle.PDB_ins_code_1 
_pdbx_validate_rmsd_angle.label_alt_id_1 
_pdbx_validate_rmsd_angle.auth_atom_id_2 
_pdbx_validate_rmsd_angle.auth_asym_id_2 
_pdbx_validate_rmsd_angle.auth_comp_id_2 
_pdbx_validate_rmsd_angle.auth_seq_id_2 
_pdbx_validate_rmsd_angle.PDB_ins_code_2 
_pdbx_validate_rmsd_angle.label_alt_id_2 
_pdbx_validate_rmsd_angle.auth_atom_id_3 
_pdbx_validate_rmsd_angle.auth_asym_id_3 
_pdbx_validate_rmsd_angle.auth_comp_id_3 
_pdbx_validate_rmsd_angle.auth_seq_id_3 
_pdbx_validate_rmsd_angle.PDB_ins_code_3 
_pdbx_validate_rmsd_angle.label_alt_id_3 
_pdbx_validate_rmsd_angle.angle_value 
_pdbx_validate_rmsd_angle.angle_target_value 
_pdbx_validate_rmsd_angle.angle_deviation 
_pdbx_validate_rmsd_angle.angle_standard_deviation 
_pdbx_validate_rmsd_angle.linker_flag 
1  1 NE A ARG 5   ? ? CZ A ARG 5   ? ? NH1 A ARG 5   ? ? 123.66 120.30 3.36   0.50 N 
2  1 NE A ARG 14  ? ? CZ A ARG 14  ? ? NH1 A ARG 14  ? ? 126.64 120.30 6.34   0.50 N 
3  1 NE A ARG 14  ? ? CZ A ARG 14  ? ? NH2 A ARG 14  ? ? 115.54 120.30 -4.76  0.50 N 
4  1 CB A ASP 18  ? ? CG A ASP 18  ? ? OD2 A ASP 18  ? ? 109.93 118.30 -8.37  0.90 N 
5  1 CG A ARG 45  ? ? CD A ARG 45  ? ? NE  A ARG 45  ? A 150.41 111.80 38.61  2.10 N 
6  1 NE A ARG 45  ? B CZ A ARG 45  ? B NH1 A ARG 45  ? B 117.12 120.30 -3.18  0.50 N 
7  1 NE A ARG 61  ? ? CZ A ARG 61  ? ? NH1 A ARG 61  ? ? 125.71 120.30 5.41   0.50 N 
8  1 NE A ARG 61  ? ? CZ A ARG 61  ? ? NH2 A ARG 61  ? ? 116.54 120.30 -3.76  0.50 N 
9  1 NE A ARG 73  ? ? CZ A ARG 73  ? ? NH2 A ARG 73  ? ? 115.46 120.30 -4.84  0.50 N 
10 1 CB A ASP 87  ? ? CG A ASP 87  ? ? OD1 A ASP 87  ? ? 123.86 118.30 5.56   0.90 N 
11 1 CD A LYS 97  ? ? CE A LYS 97  ? ? NZ  A LYS 97  ? A 96.96  111.70 -14.74 2.30 N 
12 1 CB A ASP 101 ? ? CG A ASP 101 ? ? OD2 A ASP 101 ? ? 110.91 118.30 -7.39  0.90 N 
13 1 NE A ARG 112 ? ? CZ A ARG 112 ? ? NH2 A ARG 112 ? ? 114.32 120.30 -5.98  0.50 N 
# 
loop_
_pdbx_validate_planes.id 
_pdbx_validate_planes.PDB_model_num 
_pdbx_validate_planes.auth_comp_id 
_pdbx_validate_planes.auth_asym_id 
_pdbx_validate_planes.auth_seq_id 
_pdbx_validate_planes.PDB_ins_code 
_pdbx_validate_planes.label_alt_id 
_pdbx_validate_planes.rmsd 
_pdbx_validate_planes.type 
1 1 ASN A 19 ? ? 0.074 'SIDE CHAIN' 
2 1 ARG A 68 ? ? 0.087 'SIDE CHAIN' 
# 
loop_
_pdbx_struct_special_symmetry.id 
_pdbx_struct_special_symmetry.PDB_model_num 
_pdbx_struct_special_symmetry.auth_asym_id 
_pdbx_struct_special_symmetry.auth_comp_id 
_pdbx_struct_special_symmetry.auth_seq_id 
_pdbx_struct_special_symmetry.PDB_ins_code 
_pdbx_struct_special_symmetry.label_asym_id 
_pdbx_struct_special_symmetry.label_comp_id 
_pdbx_struct_special_symmetry.label_seq_id 
1 1 A HOH 533 ? K HOH . 
2 1 A HOH 548 ? K HOH . 
# 
_pdbx_distant_solvent_atoms.id                                1 
_pdbx_distant_solvent_atoms.PDB_model_num                     1 
_pdbx_distant_solvent_atoms.auth_atom_id                      O 
_pdbx_distant_solvent_atoms.label_alt_id                      ? 
_pdbx_distant_solvent_atoms.auth_asym_id                      A 
_pdbx_distant_solvent_atoms.auth_comp_id                      HOH 
_pdbx_distant_solvent_atoms.auth_seq_id                       548 
_pdbx_distant_solvent_atoms.PDB_ins_code                      ? 
_pdbx_distant_solvent_atoms.neighbor_macromolecule_distance   6.07 
_pdbx_distant_solvent_atoms.neighbor_ligand_distance          . 
# 
loop_
_chem_comp_atom.comp_id 
_chem_comp_atom.atom_id 
_chem_comp_atom.type_symbol 
_chem_comp_atom.pdbx_aromatic_flag 
_chem_comp_atom.pdbx_stereo_config 
_chem_comp_atom.pdbx_ordinal 
9U3 C2   C  N N 1   
9U3 C5   C  N N 2   
9U3 C7   C  N N 3   
9U3 C1   C  N N 4   
9U3 N1   N  N N 5   
9U3 C4   C  N N 6   
9U3 N6   N  N N 7   
9U3 C8   C  N N 8   
9U3 H1   H  N N 9   
9U3 H2   H  N N 10  
9U3 H3   H  N N 11  
9U3 H4   H  N N 12  
9U3 H5   H  N N 13  
9U3 H6   H  N N 14  
9U3 H7   H  N N 15  
9U3 H8   H  N N 16  
9U3 H9   H  N N 17  
9U3 H10  H  N N 18  
9U3 H11  H  N N 19  
9U3 H13  H  N N 20  
9U3 H14  H  N N 21  
9U3 H16  H  N N 22  
9U3 H17  H  N N 23  
9U3 H18  H  N N 24  
ACT C    C  N N 25  
ACT O    O  N N 26  
ACT OXT  O  N N 27  
ACT CH3  C  N N 28  
ACT H1   H  N N 29  
ACT H2   H  N N 30  
ACT H3   H  N N 31  
ALA N    N  N N 32  
ALA CA   C  N S 33  
ALA C    C  N N 34  
ALA O    O  N N 35  
ALA CB   C  N N 36  
ALA OXT  O  N N 37  
ALA H    H  N N 38  
ALA H2   H  N N 39  
ALA HA   H  N N 40  
ALA HB1  H  N N 41  
ALA HB2  H  N N 42  
ALA HB3  H  N N 43  
ALA HXT  H  N N 44  
ARG N    N  N N 45  
ARG CA   C  N S 46  
ARG C    C  N N 47  
ARG O    O  N N 48  
ARG CB   C  N N 49  
ARG CG   C  N N 50  
ARG CD   C  N N 51  
ARG NE   N  N N 52  
ARG CZ   C  N N 53  
ARG NH1  N  N N 54  
ARG NH2  N  N N 55  
ARG OXT  O  N N 56  
ARG H    H  N N 57  
ARG H2   H  N N 58  
ARG HA   H  N N 59  
ARG HB2  H  N N 60  
ARG HB3  H  N N 61  
ARG HG2  H  N N 62  
ARG HG3  H  N N 63  
ARG HD2  H  N N 64  
ARG HD3  H  N N 65  
ARG HE   H  N N 66  
ARG HH11 H  N N 67  
ARG HH12 H  N N 68  
ARG HH21 H  N N 69  
ARG HH22 H  N N 70  
ARG HXT  H  N N 71  
ASN N    N  N N 72  
ASN CA   C  N S 73  
ASN C    C  N N 74  
ASN O    O  N N 75  
ASN CB   C  N N 76  
ASN CG   C  N N 77  
ASN OD1  O  N N 78  
ASN ND2  N  N N 79  
ASN OXT  O  N N 80  
ASN H    H  N N 81  
ASN H2   H  N N 82  
ASN HA   H  N N 83  
ASN HB2  H  N N 84  
ASN HB3  H  N N 85  
ASN HD21 H  N N 86  
ASN HD22 H  N N 87  
ASN HXT  H  N N 88  
ASP N    N  N N 89  
ASP CA   C  N S 90  
ASP C    C  N N 91  
ASP O    O  N N 92  
ASP CB   C  N N 93  
ASP CG   C  N N 94  
ASP OD1  O  N N 95  
ASP OD2  O  N N 96  
ASP OXT  O  N N 97  
ASP H    H  N N 98  
ASP H2   H  N N 99  
ASP HA   H  N N 100 
ASP HB2  H  N N 101 
ASP HB3  H  N N 102 
ASP HD2  H  N N 103 
ASP HXT  H  N N 104 
CL  CL   CL N N 105 
CYS N    N  N N 106 
CYS CA   C  N R 107 
CYS C    C  N N 108 
CYS O    O  N N 109 
CYS CB   C  N N 110 
CYS SG   S  N N 111 
CYS OXT  O  N N 112 
CYS H    H  N N 113 
CYS H2   H  N N 114 
CYS HA   H  N N 115 
CYS HB2  H  N N 116 
CYS HB3  H  N N 117 
CYS HG   H  N N 118 
CYS HXT  H  N N 119 
GLN N    N  N N 120 
GLN CA   C  N S 121 
GLN C    C  N N 122 
GLN O    O  N N 123 
GLN CB   C  N N 124 
GLN CG   C  N N 125 
GLN CD   C  N N 126 
GLN OE1  O  N N 127 
GLN NE2  N  N N 128 
GLN OXT  O  N N 129 
GLN H    H  N N 130 
GLN H2   H  N N 131 
GLN HA   H  N N 132 
GLN HB2  H  N N 133 
GLN HB3  H  N N 134 
GLN HG2  H  N N 135 
GLN HG3  H  N N 136 
GLN HE21 H  N N 137 
GLN HE22 H  N N 138 
GLN HXT  H  N N 139 
GLU N    N  N N 140 
GLU CA   C  N S 141 
GLU C    C  N N 142 
GLU O    O  N N 143 
GLU CB   C  N N 144 
GLU CG   C  N N 145 
GLU CD   C  N N 146 
GLU OE1  O  N N 147 
GLU OE2  O  N N 148 
GLU OXT  O  N N 149 
GLU H    H  N N 150 
GLU H2   H  N N 151 
GLU HA   H  N N 152 
GLU HB2  H  N N 153 
GLU HB3  H  N N 154 
GLU HG2  H  N N 155 
GLU HG3  H  N N 156 
GLU HE2  H  N N 157 
GLU HXT  H  N N 158 
GLY N    N  N N 159 
GLY CA   C  N N 160 
GLY C    C  N N 161 
GLY O    O  N N 162 
GLY OXT  O  N N 163 
GLY H    H  N N 164 
GLY H2   H  N N 165 
GLY HA2  H  N N 166 
GLY HA3  H  N N 167 
GLY HXT  H  N N 168 
HIS N    N  N N 169 
HIS CA   C  N S 170 
HIS C    C  N N 171 
HIS O    O  N N 172 
HIS CB   C  N N 173 
HIS CG   C  Y N 174 
HIS ND1  N  Y N 175 
HIS CD2  C  Y N 176 
HIS CE1  C  Y N 177 
HIS NE2  N  Y N 178 
HIS OXT  O  N N 179 
HIS H    H  N N 180 
HIS H2   H  N N 181 
HIS HA   H  N N 182 
HIS HB2  H  N N 183 
HIS HB3  H  N N 184 
HIS HD1  H  N N 185 
HIS HD2  H  N N 186 
HIS HE1  H  N N 187 
HIS HE2  H  N N 188 
HIS HXT  H  N N 189 
HOH O    O  N N 190 
HOH H1   H  N N 191 
HOH H2   H  N N 192 
ILE N    N  N N 193 
ILE CA   C  N S 194 
ILE C    C  N N 195 
ILE O    O  N N 196 
ILE CB   C  N S 197 
ILE CG1  C  N N 198 
ILE CG2  C  N N 199 
ILE CD1  C  N N 200 
ILE OXT  O  N N 201 
ILE H    H  N N 202 
ILE H2   H  N N 203 
ILE HA   H  N N 204 
ILE HB   H  N N 205 
ILE HG12 H  N N 206 
ILE HG13 H  N N 207 
ILE HG21 H  N N 208 
ILE HG22 H  N N 209 
ILE HG23 H  N N 210 
ILE HD11 H  N N 211 
ILE HD12 H  N N 212 
ILE HD13 H  N N 213 
ILE HXT  H  N N 214 
LEU N    N  N N 215 
LEU CA   C  N S 216 
LEU C    C  N N 217 
LEU O    O  N N 218 
LEU CB   C  N N 219 
LEU CG   C  N N 220 
LEU CD1  C  N N 221 
LEU CD2  C  N N 222 
LEU OXT  O  N N 223 
LEU H    H  N N 224 
LEU H2   H  N N 225 
LEU HA   H  N N 226 
LEU HB2  H  N N 227 
LEU HB3  H  N N 228 
LEU HG   H  N N 229 
LEU HD11 H  N N 230 
LEU HD12 H  N N 231 
LEU HD13 H  N N 232 
LEU HD21 H  N N 233 
LEU HD22 H  N N 234 
LEU HD23 H  N N 235 
LEU HXT  H  N N 236 
LYS N    N  N N 237 
LYS CA   C  N S 238 
LYS C    C  N N 239 
LYS O    O  N N 240 
LYS CB   C  N N 241 
LYS CG   C  N N 242 
LYS CD   C  N N 243 
LYS CE   C  N N 244 
LYS NZ   N  N N 245 
LYS OXT  O  N N 246 
LYS H    H  N N 247 
LYS H2   H  N N 248 
LYS HA   H  N N 249 
LYS HB2  H  N N 250 
LYS HB3  H  N N 251 
LYS HG2  H  N N 252 
LYS HG3  H  N N 253 
LYS HD2  H  N N 254 
LYS HD3  H  N N 255 
LYS HE2  H  N N 256 
LYS HE3  H  N N 257 
LYS HZ1  H  N N 258 
LYS HZ2  H  N N 259 
LYS HZ3  H  N N 260 
LYS HXT  H  N N 261 
MET N    N  N N 262 
MET CA   C  N S 263 
MET C    C  N N 264 
MET O    O  N N 265 
MET CB   C  N N 266 
MET CG   C  N N 267 
MET SD   S  N N 268 
MET CE   C  N N 269 
MET OXT  O  N N 270 
MET H    H  N N 271 
MET H2   H  N N 272 
MET HA   H  N N 273 
MET HB2  H  N N 274 
MET HB3  H  N N 275 
MET HG2  H  N N 276 
MET HG3  H  N N 277 
MET HE1  H  N N 278 
MET HE2  H  N N 279 
MET HE3  H  N N 280 
MET HXT  H  N N 281 
NA  NA   NA N N 282 
PGO C1   C  N N 283 
PGO C2   C  N S 284 
PGO C3   C  N N 285 
PGO O1   O  N N 286 
PGO O2   O  N N 287 
PGO H11  H  N N 288 
PGO H12  H  N N 289 
PGO H2   H  N N 290 
PGO H31  H  N N 291 
PGO H32  H  N N 292 
PGO H33  H  N N 293 
PGO HO1  H  N N 294 
PGO HO2  H  N N 295 
PHE N    N  N N 296 
PHE CA   C  N S 297 
PHE C    C  N N 298 
PHE O    O  N N 299 
PHE CB   C  N N 300 
PHE CG   C  Y N 301 
PHE CD1  C  Y N 302 
PHE CD2  C  Y N 303 
PHE CE1  C  Y N 304 
PHE CE2  C  Y N 305 
PHE CZ   C  Y N 306 
PHE OXT  O  N N 307 
PHE H    H  N N 308 
PHE H2   H  N N 309 
PHE HA   H  N N 310 
PHE HB2  H  N N 311 
PHE HB3  H  N N 312 
PHE HD1  H  N N 313 
PHE HD2  H  N N 314 
PHE HE1  H  N N 315 
PHE HE2  H  N N 316 
PHE HZ   H  N N 317 
PHE HXT  H  N N 318 
PRO N    N  N N 319 
PRO CA   C  N S 320 
PRO C    C  N N 321 
PRO O    O  N N 322 
PRO CB   C  N N 323 
PRO CG   C  N N 324 
PRO CD   C  N N 325 
PRO OXT  O  N N 326 
PRO H    H  N N 327 
PRO HA   H  N N 328 
PRO HB2  H  N N 329 
PRO HB3  H  N N 330 
PRO HG2  H  N N 331 
PRO HG3  H  N N 332 
PRO HD2  H  N N 333 
PRO HD3  H  N N 334 
PRO HXT  H  N N 335 
SER N    N  N N 336 
SER CA   C  N S 337 
SER C    C  N N 338 
SER O    O  N N 339 
SER CB   C  N N 340 
SER OG   O  N N 341 
SER OXT  O  N N 342 
SER H    H  N N 343 
SER H2   H  N N 344 
SER HA   H  N N 345 
SER HB2  H  N N 346 
SER HB3  H  N N 347 
SER HG   H  N N 348 
SER HXT  H  N N 349 
THR N    N  N N 350 
THR CA   C  N S 351 
THR C    C  N N 352 
THR O    O  N N 353 
THR CB   C  N R 354 
THR OG1  O  N N 355 
THR CG2  C  N N 356 
THR OXT  O  N N 357 
THR H    H  N N 358 
THR H2   H  N N 359 
THR HA   H  N N 360 
THR HB   H  N N 361 
THR HG1  H  N N 362 
THR HG21 H  N N 363 
THR HG22 H  N N 364 
THR HG23 H  N N 365 
THR HXT  H  N N 366 
TRP N    N  N N 367 
TRP CA   C  N S 368 
TRP C    C  N N 369 
TRP O    O  N N 370 
TRP CB   C  N N 371 
TRP CG   C  Y N 372 
TRP CD1  C  Y N 373 
TRP CD2  C  Y N 374 
TRP NE1  N  Y N 375 
TRP CE2  C  Y N 376 
TRP CE3  C  Y N 377 
TRP CZ2  C  Y N 378 
TRP CZ3  C  Y N 379 
TRP CH2  C  Y N 380 
TRP OXT  O  N N 381 
TRP H    H  N N 382 
TRP H2   H  N N 383 
TRP HA   H  N N 384 
TRP HB2  H  N N 385 
TRP HB3  H  N N 386 
TRP HD1  H  N N 387 
TRP HE1  H  N N 388 
TRP HE3  H  N N 389 
TRP HZ2  H  N N 390 
TRP HZ3  H  N N 391 
TRP HH2  H  N N 392 
TRP HXT  H  N N 393 
TYR N    N  N N 394 
TYR CA   C  N S 395 
TYR C    C  N N 396 
TYR O    O  N N 397 
TYR CB   C  N N 398 
TYR CG   C  Y N 399 
TYR CD1  C  Y N 400 
TYR CD2  C  Y N 401 
TYR CE1  C  Y N 402 
TYR CE2  C  Y N 403 
TYR CZ   C  Y N 404 
TYR OH   O  N N 405 
TYR OXT  O  N N 406 
TYR H    H  N N 407 
TYR H2   H  N N 408 
TYR HA   H  N N 409 
TYR HB2  H  N N 410 
TYR HB3  H  N N 411 
TYR HD1  H  N N 412 
TYR HD2  H  N N 413 
TYR HE1  H  N N 414 
TYR HE2  H  N N 415 
TYR HH   H  N N 416 
TYR HXT  H  N N 417 
VAL N    N  N N 418 
VAL CA   C  N S 419 
VAL C    C  N N 420 
VAL O    O  N N 421 
VAL CB   C  N N 422 
VAL CG1  C  N N 423 
VAL CG2  C  N N 424 
VAL OXT  O  N N 425 
VAL H    H  N N 426 
VAL H2   H  N N 427 
VAL HA   H  N N 428 
VAL HB   H  N N 429 
VAL HG11 H  N N 430 
VAL HG12 H  N N 431 
VAL HG13 H  N N 432 
VAL HG21 H  N N 433 
VAL HG22 H  N N 434 
VAL HG23 H  N N 435 
VAL HXT  H  N N 436 
# 
loop_
_chem_comp_bond.comp_id 
_chem_comp_bond.atom_id_1 
_chem_comp_bond.atom_id_2 
_chem_comp_bond.value_order 
_chem_comp_bond.pdbx_aromatic_flag 
_chem_comp_bond.pdbx_stereo_config 
_chem_comp_bond.pdbx_ordinal 
9U3 C2  N1   sing N N 1   
9U3 C1  N1   sing N N 2   
9U3 N1  C4   sing N N 3   
9U3 C7  N6   sing N N 4   
9U3 C4  C5   sing N N 5   
9U3 N6  C5   sing N N 6   
9U3 N6  C8   sing N N 7   
9U3 C2  H1   sing N N 8   
9U3 C2  H2   sing N N 9   
9U3 C2  H3   sing N N 10  
9U3 C5  H4   sing N N 11  
9U3 C5  H5   sing N N 12  
9U3 C7  H6   sing N N 13  
9U3 C7  H7   sing N N 14  
9U3 C7  H8   sing N N 15  
9U3 C1  H9   sing N N 16  
9U3 C1  H10  sing N N 17  
9U3 C1  H11  sing N N 18  
9U3 C4  H13  sing N N 19  
9U3 C4  H14  sing N N 20  
9U3 C8  H16  sing N N 21  
9U3 C8  H17  sing N N 22  
9U3 C8  H18  sing N N 23  
ACT C   O    doub N N 24  
ACT C   OXT  sing N N 25  
ACT C   CH3  sing N N 26  
ACT CH3 H1   sing N N 27  
ACT CH3 H2   sing N N 28  
ACT CH3 H3   sing N N 29  
ALA N   CA   sing N N 30  
ALA N   H    sing N N 31  
ALA N   H2   sing N N 32  
ALA CA  C    sing N N 33  
ALA CA  CB   sing N N 34  
ALA CA  HA   sing N N 35  
ALA C   O    doub N N 36  
ALA C   OXT  sing N N 37  
ALA CB  HB1  sing N N 38  
ALA CB  HB2  sing N N 39  
ALA CB  HB3  sing N N 40  
ALA OXT HXT  sing N N 41  
ARG N   CA   sing N N 42  
ARG N   H    sing N N 43  
ARG N   H2   sing N N 44  
ARG CA  C    sing N N 45  
ARG CA  CB   sing N N 46  
ARG CA  HA   sing N N 47  
ARG C   O    doub N N 48  
ARG C   OXT  sing N N 49  
ARG CB  CG   sing N N 50  
ARG CB  HB2  sing N N 51  
ARG CB  HB3  sing N N 52  
ARG CG  CD   sing N N 53  
ARG CG  HG2  sing N N 54  
ARG CG  HG3  sing N N 55  
ARG CD  NE   sing N N 56  
ARG CD  HD2  sing N N 57  
ARG CD  HD3  sing N N 58  
ARG NE  CZ   sing N N 59  
ARG NE  HE   sing N N 60  
ARG CZ  NH1  sing N N 61  
ARG CZ  NH2  doub N N 62  
ARG NH1 HH11 sing N N 63  
ARG NH1 HH12 sing N N 64  
ARG NH2 HH21 sing N N 65  
ARG NH2 HH22 sing N N 66  
ARG OXT HXT  sing N N 67  
ASN N   CA   sing N N 68  
ASN N   H    sing N N 69  
ASN N   H2   sing N N 70  
ASN CA  C    sing N N 71  
ASN CA  CB   sing N N 72  
ASN CA  HA   sing N N 73  
ASN C   O    doub N N 74  
ASN C   OXT  sing N N 75  
ASN CB  CG   sing N N 76  
ASN CB  HB2  sing N N 77  
ASN CB  HB3  sing N N 78  
ASN CG  OD1  doub N N 79  
ASN CG  ND2  sing N N 80  
ASN ND2 HD21 sing N N 81  
ASN ND2 HD22 sing N N 82  
ASN OXT HXT  sing N N 83  
ASP N   CA   sing N N 84  
ASP N   H    sing N N 85  
ASP N   H2   sing N N 86  
ASP CA  C    sing N N 87  
ASP CA  CB   sing N N 88  
ASP CA  HA   sing N N 89  
ASP C   O    doub N N 90  
ASP C   OXT  sing N N 91  
ASP CB  CG   sing N N 92  
ASP CB  HB2  sing N N 93  
ASP CB  HB3  sing N N 94  
ASP CG  OD1  doub N N 95  
ASP CG  OD2  sing N N 96  
ASP OD2 HD2  sing N N 97  
ASP OXT HXT  sing N N 98  
CYS N   CA   sing N N 99  
CYS N   H    sing N N 100 
CYS N   H2   sing N N 101 
CYS CA  C    sing N N 102 
CYS CA  CB   sing N N 103 
CYS CA  HA   sing N N 104 
CYS C   O    doub N N 105 
CYS C   OXT  sing N N 106 
CYS CB  SG   sing N N 107 
CYS CB  HB2  sing N N 108 
CYS CB  HB3  sing N N 109 
CYS SG  HG   sing N N 110 
CYS OXT HXT  sing N N 111 
GLN N   CA   sing N N 112 
GLN N   H    sing N N 113 
GLN N   H2   sing N N 114 
GLN CA  C    sing N N 115 
GLN CA  CB   sing N N 116 
GLN CA  HA   sing N N 117 
GLN C   O    doub N N 118 
GLN C   OXT  sing N N 119 
GLN CB  CG   sing N N 120 
GLN CB  HB2  sing N N 121 
GLN CB  HB3  sing N N 122 
GLN CG  CD   sing N N 123 
GLN CG  HG2  sing N N 124 
GLN CG  HG3  sing N N 125 
GLN CD  OE1  doub N N 126 
GLN CD  NE2  sing N N 127 
GLN NE2 HE21 sing N N 128 
GLN NE2 HE22 sing N N 129 
GLN OXT HXT  sing N N 130 
GLU N   CA   sing N N 131 
GLU N   H    sing N N 132 
GLU N   H2   sing N N 133 
GLU CA  C    sing N N 134 
GLU CA  CB   sing N N 135 
GLU CA  HA   sing N N 136 
GLU C   O    doub N N 137 
GLU C   OXT  sing N N 138 
GLU CB  CG   sing N N 139 
GLU CB  HB2  sing N N 140 
GLU CB  HB3  sing N N 141 
GLU CG  CD   sing N N 142 
GLU CG  HG2  sing N N 143 
GLU CG  HG3  sing N N 144 
GLU CD  OE1  doub N N 145 
GLU CD  OE2  sing N N 146 
GLU OE2 HE2  sing N N 147 
GLU OXT HXT  sing N N 148 
GLY N   CA   sing N N 149 
GLY N   H    sing N N 150 
GLY N   H2   sing N N 151 
GLY CA  C    sing N N 152 
GLY CA  HA2  sing N N 153 
GLY CA  HA3  sing N N 154 
GLY C   O    doub N N 155 
GLY C   OXT  sing N N 156 
GLY OXT HXT  sing N N 157 
HIS N   CA   sing N N 158 
HIS N   H    sing N N 159 
HIS N   H2   sing N N 160 
HIS CA  C    sing N N 161 
HIS CA  CB   sing N N 162 
HIS CA  HA   sing N N 163 
HIS C   O    doub N N 164 
HIS C   OXT  sing N N 165 
HIS CB  CG   sing N N 166 
HIS CB  HB2  sing N N 167 
HIS CB  HB3  sing N N 168 
HIS CG  ND1  sing Y N 169 
HIS CG  CD2  doub Y N 170 
HIS ND1 CE1  doub Y N 171 
HIS ND1 HD1  sing N N 172 
HIS CD2 NE2  sing Y N 173 
HIS CD2 HD2  sing N N 174 
HIS CE1 NE2  sing Y N 175 
HIS CE1 HE1  sing N N 176 
HIS NE2 HE2  sing N N 177 
HIS OXT HXT  sing N N 178 
HOH O   H1   sing N N 179 
HOH O   H2   sing N N 180 
ILE N   CA   sing N N 181 
ILE N   H    sing N N 182 
ILE N   H2   sing N N 183 
ILE CA  C    sing N N 184 
ILE CA  CB   sing N N 185 
ILE CA  HA   sing N N 186 
ILE C   O    doub N N 187 
ILE C   OXT  sing N N 188 
ILE CB  CG1  sing N N 189 
ILE CB  CG2  sing N N 190 
ILE CB  HB   sing N N 191 
ILE CG1 CD1  sing N N 192 
ILE CG1 HG12 sing N N 193 
ILE CG1 HG13 sing N N 194 
ILE CG2 HG21 sing N N 195 
ILE CG2 HG22 sing N N 196 
ILE CG2 HG23 sing N N 197 
ILE CD1 HD11 sing N N 198 
ILE CD1 HD12 sing N N 199 
ILE CD1 HD13 sing N N 200 
ILE OXT HXT  sing N N 201 
LEU N   CA   sing N N 202 
LEU N   H    sing N N 203 
LEU N   H2   sing N N 204 
LEU CA  C    sing N N 205 
LEU CA  CB   sing N N 206 
LEU CA  HA   sing N N 207 
LEU C   O    doub N N 208 
LEU C   OXT  sing N N 209 
LEU CB  CG   sing N N 210 
LEU CB  HB2  sing N N 211 
LEU CB  HB3  sing N N 212 
LEU CG  CD1  sing N N 213 
LEU CG  CD2  sing N N 214 
LEU CG  HG   sing N N 215 
LEU CD1 HD11 sing N N 216 
LEU CD1 HD12 sing N N 217 
LEU CD1 HD13 sing N N 218 
LEU CD2 HD21 sing N N 219 
LEU CD2 HD22 sing N N 220 
LEU CD2 HD23 sing N N 221 
LEU OXT HXT  sing N N 222 
LYS N   CA   sing N N 223 
LYS N   H    sing N N 224 
LYS N   H2   sing N N 225 
LYS CA  C    sing N N 226 
LYS CA  CB   sing N N 227 
LYS CA  HA   sing N N 228 
LYS C   O    doub N N 229 
LYS C   OXT  sing N N 230 
LYS CB  CG   sing N N 231 
LYS CB  HB2  sing N N 232 
LYS CB  HB3  sing N N 233 
LYS CG  CD   sing N N 234 
LYS CG  HG2  sing N N 235 
LYS CG  HG3  sing N N 236 
LYS CD  CE   sing N N 237 
LYS CD  HD2  sing N N 238 
LYS CD  HD3  sing N N 239 
LYS CE  NZ   sing N N 240 
LYS CE  HE2  sing N N 241 
LYS CE  HE3  sing N N 242 
LYS NZ  HZ1  sing N N 243 
LYS NZ  HZ2  sing N N 244 
LYS NZ  HZ3  sing N N 245 
LYS OXT HXT  sing N N 246 
MET N   CA   sing N N 247 
MET N   H    sing N N 248 
MET N   H2   sing N N 249 
MET CA  C    sing N N 250 
MET CA  CB   sing N N 251 
MET CA  HA   sing N N 252 
MET C   O    doub N N 253 
MET C   OXT  sing N N 254 
MET CB  CG   sing N N 255 
MET CB  HB2  sing N N 256 
MET CB  HB3  sing N N 257 
MET CG  SD   sing N N 258 
MET CG  HG2  sing N N 259 
MET CG  HG3  sing N N 260 
MET SD  CE   sing N N 261 
MET CE  HE1  sing N N 262 
MET CE  HE2  sing N N 263 
MET CE  HE3  sing N N 264 
MET OXT HXT  sing N N 265 
PGO C1  C2   sing N N 266 
PGO C1  O1   sing N N 267 
PGO C1  H11  sing N N 268 
PGO C1  H12  sing N N 269 
PGO C2  C3   sing N N 270 
PGO C2  O2   sing N N 271 
PGO C2  H2   sing N N 272 
PGO C3  H31  sing N N 273 
PGO C3  H32  sing N N 274 
PGO C3  H33  sing N N 275 
PGO O1  HO1  sing N N 276 
PGO O2  HO2  sing N N 277 
PHE N   CA   sing N N 278 
PHE N   H    sing N N 279 
PHE N   H2   sing N N 280 
PHE CA  C    sing N N 281 
PHE CA  CB   sing N N 282 
PHE CA  HA   sing N N 283 
PHE C   O    doub N N 284 
PHE C   OXT  sing N N 285 
PHE CB  CG   sing N N 286 
PHE CB  HB2  sing N N 287 
PHE CB  HB3  sing N N 288 
PHE CG  CD1  doub Y N 289 
PHE CG  CD2  sing Y N 290 
PHE CD1 CE1  sing Y N 291 
PHE CD1 HD1  sing N N 292 
PHE CD2 CE2  doub Y N 293 
PHE CD2 HD2  sing N N 294 
PHE CE1 CZ   doub Y N 295 
PHE CE1 HE1  sing N N 296 
PHE CE2 CZ   sing Y N 297 
PHE CE2 HE2  sing N N 298 
PHE CZ  HZ   sing N N 299 
PHE OXT HXT  sing N N 300 
PRO N   CA   sing N N 301 
PRO N   CD   sing N N 302 
PRO N   H    sing N N 303 
PRO CA  C    sing N N 304 
PRO CA  CB   sing N N 305 
PRO CA  HA   sing N N 306 
PRO C   O    doub N N 307 
PRO C   OXT  sing N N 308 
PRO CB  CG   sing N N 309 
PRO CB  HB2  sing N N 310 
PRO CB  HB3  sing N N 311 
PRO CG  CD   sing N N 312 
PRO CG  HG2  sing N N 313 
PRO CG  HG3  sing N N 314 
PRO CD  HD2  sing N N 315 
PRO CD  HD3  sing N N 316 
PRO OXT HXT  sing N N 317 
SER N   CA   sing N N 318 
SER N   H    sing N N 319 
SER N   H2   sing N N 320 
SER CA  C    sing N N 321 
SER CA  CB   sing N N 322 
SER CA  HA   sing N N 323 
SER C   O    doub N N 324 
SER C   OXT  sing N N 325 
SER CB  OG   sing N N 326 
SER CB  HB2  sing N N 327 
SER CB  HB3  sing N N 328 
SER OG  HG   sing N N 329 
SER OXT HXT  sing N N 330 
THR N   CA   sing N N 331 
THR N   H    sing N N 332 
THR N   H2   sing N N 333 
THR CA  C    sing N N 334 
THR CA  CB   sing N N 335 
THR CA  HA   sing N N 336 
THR C   O    doub N N 337 
THR C   OXT  sing N N 338 
THR CB  OG1  sing N N 339 
THR CB  CG2  sing N N 340 
THR CB  HB   sing N N 341 
THR OG1 HG1  sing N N 342 
THR CG2 HG21 sing N N 343 
THR CG2 HG22 sing N N 344 
THR CG2 HG23 sing N N 345 
THR OXT HXT  sing N N 346 
TRP N   CA   sing N N 347 
TRP N   H    sing N N 348 
TRP N   H2   sing N N 349 
TRP CA  C    sing N N 350 
TRP CA  CB   sing N N 351 
TRP CA  HA   sing N N 352 
TRP C   O    doub N N 353 
TRP C   OXT  sing N N 354 
TRP CB  CG   sing N N 355 
TRP CB  HB2  sing N N 356 
TRP CB  HB3  sing N N 357 
TRP CG  CD1  doub Y N 358 
TRP CG  CD2  sing Y N 359 
TRP CD1 NE1  sing Y N 360 
TRP CD1 HD1  sing N N 361 
TRP CD2 CE2  doub Y N 362 
TRP CD2 CE3  sing Y N 363 
TRP NE1 CE2  sing Y N 364 
TRP NE1 HE1  sing N N 365 
TRP CE2 CZ2  sing Y N 366 
TRP CE3 CZ3  doub Y N 367 
TRP CE3 HE3  sing N N 368 
TRP CZ2 CH2  doub Y N 369 
TRP CZ2 HZ2  sing N N 370 
TRP CZ3 CH2  sing Y N 371 
TRP CZ3 HZ3  sing N N 372 
TRP CH2 HH2  sing N N 373 
TRP OXT HXT  sing N N 374 
TYR N   CA   sing N N 375 
TYR N   H    sing N N 376 
TYR N   H2   sing N N 377 
TYR CA  C    sing N N 378 
TYR CA  CB   sing N N 379 
TYR CA  HA   sing N N 380 
TYR C   O    doub N N 381 
TYR C   OXT  sing N N 382 
TYR CB  CG   sing N N 383 
TYR CB  HB2  sing N N 384 
TYR CB  HB3  sing N N 385 
TYR CG  CD1  doub Y N 386 
TYR CG  CD2  sing Y N 387 
TYR CD1 CE1  sing Y N 388 
TYR CD1 HD1  sing N N 389 
TYR CD2 CE2  doub Y N 390 
TYR CD2 HD2  sing N N 391 
TYR CE1 CZ   doub Y N 392 
TYR CE1 HE1  sing N N 393 
TYR CE2 CZ   sing Y N 394 
TYR CE2 HE2  sing N N 395 
TYR CZ  OH   sing N N 396 
TYR OH  HH   sing N N 397 
TYR OXT HXT  sing N N 398 
VAL N   CA   sing N N 399 
VAL N   H    sing N N 400 
VAL N   H2   sing N N 401 
VAL CA  C    sing N N 402 
VAL CA  CB   sing N N 403 
VAL CA  HA   sing N N 404 
VAL C   O    doub N N 405 
VAL C   OXT  sing N N 406 
VAL CB  CG1  sing N N 407 
VAL CB  CG2  sing N N 408 
VAL CB  HB   sing N N 409 
VAL CG1 HG11 sing N N 410 
VAL CG1 HG12 sing N N 411 
VAL CG1 HG13 sing N N 412 
VAL CG2 HG21 sing N N 413 
VAL CG2 HG22 sing N N 414 
VAL CG2 HG23 sing N N 415 
VAL OXT HXT  sing N N 416 
# 
_pdbx_initial_refinement_model.id               1 
_pdbx_initial_refinement_model.entity_id_list   ? 
_pdbx_initial_refinement_model.type             'experimental model' 
_pdbx_initial_refinement_model.source_name      PDB 
_pdbx_initial_refinement_model.accession_code   1DPX 
_pdbx_initial_refinement_model.details          ? 
# 
_atom_sites.entry_id                    6ADF 
_atom_sites.fract_transf_matrix[1][1]   0.00282615 
_atom_sites.fract_transf_matrix[1][2]   -0.00862352 
_atom_sites.fract_transf_matrix[1][3]   0.00894748 
_atom_sites.fract_transf_matrix[2][1]   0.01113516 
_atom_sites.fract_transf_matrix[2][2]   0.00583073 
_atom_sites.fract_transf_matrix[2][3]   0.00210247 
_atom_sites.fract_transf_matrix[3][1]   -0.01169249 
_atom_sites.fract_transf_matrix[3][2]   0.01558249 
_atom_sites.fract_transf_matrix[3][3]   0.01871149 
_atom_sites.fract_transf_vector[1]      -0.255606 
_atom_sites.fract_transf_vector[2]      -0.009140 
_atom_sites.fract_transf_vector[3]      -0.236937 
# 
loop_
_atom_type.symbol 
C  
CL 
N  
NA 
O  
S  
# 
loop_
_atom_site.group_PDB 
_atom_site.id 
_atom_site.type_symbol 
_atom_site.label_atom_id 
_atom_site.label_alt_id 
_atom_site.label_comp_id 
_atom_site.label_asym_id 
_atom_site.label_entity_id 
_atom_site.label_seq_id 
_atom_site.pdbx_PDB_ins_code 
_atom_site.Cartn_x 
_atom_site.Cartn_y 
_atom_site.Cartn_z 
_atom_site.occupancy 
_atom_site.B_iso_or_equiv 
_atom_site.pdbx_formal_charge 
_atom_site.auth_seq_id 
_atom_site.auth_comp_id 
_atom_site.auth_asym_id 
_atom_site.auth_atom_id 
_atom_site.pdbx_PDB_model_num 
ATOM   1    N  N   . LYS A 1 1   ? 9.317   -10.471 1.397   1.00 8.28  ? 1   LYS A N   1 
ATOM   2    C  CA  . LYS A 1 1   ? 8.902   -11.290 0.237   1.00 9.04  ? 1   LYS A CA  1 
ATOM   3    C  C   . LYS A 1 1   ? 8.780   -10.411 -0.949  1.00 8.41  ? 1   LYS A C   1 
ATOM   4    O  O   . LYS A 1 1   ? 8.116   -9.305  -0.811  1.00 8.61  ? 1   LYS A O   1 
ATOM   5    C  CB  . LYS A 1 1   ? 7.583   -11.985 0.564   1.00 9.37  ? 1   LYS A CB  1 
ATOM   6    C  CG  . LYS A 1 1   ? 6.938   -12.681 -0.596  1.00 9.91  ? 1   LYS A CG  1 
ATOM   7    C  CD  . LYS A 1 1   ? 5.695   -13.469 -0.117  1.00 11.38 ? 1   LYS A CD  1 
ATOM   8    C  CE  . LYS A 1 1   ? 4.929   -13.994 -1.358  1.00 14.29 ? 1   LYS A CE  1 
ATOM   9    N  NZ  . LYS A 1 1   ? 3.915   -14.958 -0.890  1.00 18.73 ? 1   LYS A NZ  1 
ATOM   10   N  N   . VAL A 1 2   ? 9.225   -10.808 -2.108  1.00 8.72  ? 2   VAL A N   1 
ATOM   11   C  CA  . VAL A 1 2   ? 8.945   -10.121 -3.374  1.00 8.71  ? 2   VAL A CA  1 
ATOM   12   C  C   . VAL A 1 2   ? 7.877   -10.840 -4.068  1.00 8.08  ? 2   VAL A C   1 
ATOM   13   O  O   . VAL A 1 2   ? 8.076   -12.031 -4.519  1.00 10.13 ? 2   VAL A O   1 
ATOM   14   C  CB  . VAL A 1 2   ? 10.224  -9.882  -4.226  1.00 8.93  ? 2   VAL A CB  1 
ATOM   15   C  CG1 . VAL A 1 2   ? 9.823   -9.224  -5.491  1.00 12.05 ? 2   VAL A CG1 1 
ATOM   16   C  CG2 . VAL A 1 2   ? 11.269  -9.146  -3.478  1.00 9.55  ? 2   VAL A CG2 1 
ATOM   17   N  N   . PHE A 1 3   ? 6.679   -10.282 -4.171  1.00 9.39  ? 3   PHE A N   1 
ATOM   18   C  CA  . PHE A 1 3   ? 5.573   -10.904 -4.906  1.00 9.77  ? 3   PHE A CA  1 
ATOM   19   C  C   . PHE A 1 3   ? 5.809   -10.763 -6.370  1.00 9.94  ? 3   PHE A C   1 
ATOM   20   O  O   . PHE A 1 3   ? 6.284   -9.855  -6.934  1.00 11.20 ? 3   PHE A O   1 
ATOM   21   C  CB  . PHE A 1 3   ? 4.219   -10.235 -4.458  1.00 10.10 ? 3   PHE A CB  1 
ATOM   22   C  CG  . PHE A 1 3   ? 3.638   -10.653 -3.225  1.00 9.32  ? 3   PHE A CG  1 
ATOM   23   C  CD1 . PHE A 1 3   ? 4.061   -10.158 -2.009  1.00 10.14 ? 3   PHE A CD1 1 
ATOM   24   C  CD2 . PHE A 1 3   ? 2.528   -11.527 -3.229  1.00 9.47  ? 3   PHE A CD2 1 
ATOM   25   C  CE1 . PHE A 1 3   ? 3.532   -10.531 -0.900  1.00 11.09 ? 3   PHE A CE1 1 
ATOM   26   C  CE2 . PHE A 1 3   ? 1.966   -11.870 -2.126  1.00 10.39 ? 3   PHE A CE2 1 
ATOM   27   C  CZ  . PHE A 1 3   ? 2.391   -11.389 -0.890  1.00 10.74 ? 3   PHE A CZ  1 
ATOM   28   N  N   . GLY A 1 4   ? 5.200   -11.838 -7.074  1.00 12.25 ? 4   GLY A N   1 
ATOM   29   C  CA  . GLY A 1 4   ? 4.889   -11.691 -8.472  1.00 14.21 ? 4   GLY A CA  1 
ATOM   30   C  C   . GLY A 1 4   ? 3.639   -10.809 -8.659  1.00 11.47 ? 4   GLY A C   1 
ATOM   31   O  O   . GLY A 1 4   ? 2.801   -10.682 -7.769  1.00 11.94 ? 4   GLY A O   1 
ATOM   32   N  N   . ARG A 1 5   ? 3.532   -10.210 -9.805  1.00 12.76 ? 5   ARG A N   1 
ATOM   33   C  CA  . ARG A 1 5   ? 2.466   -9.349  -10.132 1.00 12.56 ? 5   ARG A CA  1 
ATOM   34   C  C   . ARG A 1 5   ? 1.057   -9.976  -9.910  1.00 11.31 ? 5   ARG A C   1 
ATOM   35   O  O   . ARG A 1 5   ? 0.168   -9.483  -9.244  1.00 12.44 ? 5   ARG A O   1 
ATOM   36   C  CB  . ARG A 1 5   ? 2.644   -8.897  -11.585 1.00 14.82 ? 5   ARG A CB  1 
ATOM   37   C  CG  . ARG A 1 5   ? 1.562   -8.038  -12.010 1.00 15.54 ? 5   ARG A CG  1 
ATOM   38   C  CD  . ARG A 1 5   ? 1.762   -7.576  -13.450 1.00 16.58 ? 5   ARG A CD  1 
ATOM   39   N  NE  . ARG A 1 5   ? 1.840   -8.645  -14.465 1.00 18.06 ? 5   ARG A NE  1 
ATOM   40   C  CZ  . ARG A 1 5   ? 0.798   -9.123  -15.189 1.00 17.05 ? 5   ARG A CZ  1 
ATOM   41   N  NH1 . ARG A 1 5   ? -0.455  -8.705  -15.040 1.00 15.47 ? 5   ARG A NH1 1 
ATOM   42   N  NH2 . ARG A 1 5   ? 1.017   -10.035 -16.091 1.00 22.60 ? 5   ARG A NH2 1 
ATOM   43   N  N   . CYS A 1 6   ? 0.823   -11.136 -10.600 1.00 12.14 ? 6   CYS A N   1 
ATOM   44   C  CA  . CYS A 1 6   ? -0.471  -11.803 -10.460 1.00 11.60 ? 6   CYS A CA  1 
ATOM   45   C  C   . CYS A 1 6   ? -0.650  -12.428 -9.098  1.00 10.93 ? 6   CYS A C   1 
ATOM   46   O  O   . CYS A 1 6   ? -1.731  -12.500 -8.536  1.00 12.15 ? 6   CYS A O   1 
ATOM   47   C  CB  . CYS A 1 6   ? -0.613  -12.816 -11.547 1.00 12.78 ? 6   CYS A CB  1 
ATOM   48   S  SG  . CYS A 1 6   ? -0.719  -12.194 -13.237 1.00 14.06 ? 6   CYS A SG  1 
ATOM   49   N  N   . GLU A 1 7   ? 0.474   -12.845 -8.462  1.00 10.87 ? 7   GLU A N   1 
ATOM   50   C  CA  . GLU A 1 7   ? 0.428   -13.348 -7.181  1.00 10.47 ? 7   GLU A CA  1 
ATOM   51   C  C   . GLU A 1 7   ? -0.141  -12.274 -6.124  1.00 9.41  ? 7   GLU A C   1 
ATOM   52   O  O   . GLU A 1 7   ? -0.867  -12.512 -5.259  1.00 10.13 ? 7   GLU A O   1 
ATOM   53   C  CB  . GLU A 1 7   ? 1.817   -13.797 -6.699  1.00 11.67 ? 7   GLU A CB  1 
ATOM   54   C  CG  . GLU A 1 7   ? 1.938   -14.440 -5.403  1.00 13.36 ? 7   GLU A CG  1 
ATOM   55   C  CD  . GLU A 1 7   ? 3.382   -14.746 -4.842  1.00 13.25 ? 7   GLU A CD  1 
ATOM   56   O  OE1 . GLU A 1 7   ? 4.278   -14.162 -5.416  1.00 15.03 ? 7   GLU A OE1 1 
ATOM   57   O  OE2 . GLU A 1 7   ? 3.454   -15.517 -3.874  1.00 16.70 ? 7   GLU A OE2 1 
ATOM   58   N  N   . LEU A 1 8   ? 0.412   -11.047 -6.265  1.00 9.19  ? 8   LEU A N   1 
ATOM   59   C  CA  . LEU A 1 8   ? -0.009  -9.964  -5.415  1.00 9.06  ? 8   LEU A CA  1 
ATOM   60   C  C   . LEU A 1 8   ? -1.495  -9.576  -5.675  1.00 8.86  ? 8   LEU A C   1 
ATOM   61   O  O   . LEU A 1 8   ? -2.232  -9.362  -4.781  1.00 9.07  ? 8   LEU A O   1 
ATOM   62   C  CB  . LEU A 1 8   ? 0.837   -8.745  -5.603  1.00 9.03  ? 8   LEU A CB  1 
ATOM   63   C  CG  . LEU A 1 8   ? 0.484   -7.552  -4.731  1.00 9.48  ? 8   LEU A CG  1 
ATOM   64   C  CD1 . LEU A 1 8   ? 0.595   -7.929  -3.256  1.00 10.58 ? 8   LEU A CD1 1 
ATOM   65   C  CD2 . LEU A 1 8   ? 1.387   -6.395  -5.068  1.00 10.42 ? 8   LEU A CD2 1 
ATOM   66   N  N   . ALA A 1 9   ? -1.841  -9.570  -6.937  1.00 9.64  ? 9   ALA A N   1 
ATOM   67   C  CA  . ALA A 1 9   ? -3.251  -9.267  -7.335  1.00 9.77  ? 9   ALA A CA  1 
ATOM   68   C  C   . ALA A 1 9   ? -4.188  -10.241 -6.615  1.00 9.41  ? 9   ALA A C   1 
ATOM   69   O  O   . ALA A 1 9   ? -5.193  -9.865  -6.043  1.00 9.34  ? 9   ALA A O   1 
ATOM   70   C  CB  . ALA A 1 9   ? -3.427  -9.356  -8.837  1.00 10.72 ? 9   ALA A CB  1 
ATOM   71   N  N   . ALA A 1 10  ? -3.838  -11.528 -6.659  1.00 9.67  ? 10  ALA A N   1 
ATOM   72   C  CA  . ALA A 1 10  ? -4.656  -12.532 -5.959  1.00 10.71 ? 10  ALA A CA  1 
ATOM   73   C  C   . ALA A 1 10  ? -4.757  -12.337 -4.504  1.00 10.14 ? 10  ALA A C   1 
ATOM   74   O  O   . ALA A 1 10  ? -5.768  -12.458 -3.896  1.00 10.34 ? 10  ALA A O   1 
ATOM   75   C  CB  . ALA A 1 10  ? -4.097  -13.905 -6.334  1.00 11.63 ? 10  ALA A CB  1 
ATOM   76   N  N   . ALA A 1 11  ? -3.627  -12.004 -3.897  1.00 10.06 ? 11  ALA A N   1 
ATOM   77   C  CA  . ALA A 1 11  ? -3.639  -11.797 -2.434  1.00 10.18 ? 11  ALA A CA  1 
ATOM   78   C  C   . ALA A 1 11  ? -4.505  -10.572 -2.042  1.00 9.87  ? 11  ALA A C   1 
ATOM   79   O  O   . ALA A 1 11  ? -5.177  -10.572 -1.108  1.00 11.08 ? 11  ALA A O   1 
ATOM   80   C  CB  . ALA A 1 11  ? -2.226  -11.647 -1.862  1.00 11.53 ? 11  ALA A CB  1 
ATOM   81   N  N   . MET A 1 12  ? -4.353  -9.501  -2.843  1.00 9.35  ? 12  MET A N   1 
ATOM   82   C  CA  . MET A 1 12  ? -5.122  -8.266  -2.620  1.00 8.71  ? 12  MET A CA  1 
ATOM   83   C  C   . MET A 1 12  ? -6.622  -8.556  -2.742  1.00 9.29  ? 12  MET A C   1 
ATOM   84   O  O   . MET A 1 12  ? -7.411  -8.108  -1.935  1.00 10.90 ? 12  MET A O   1 
ATOM   85   C  CB  . MET A 1 12  ? -4.700  -7.183  -3.529  1.00 8.27  ? 12  MET A CB  1 
ATOM   86   C  CG  . MET A 1 12  ? -3.315  -6.621  -3.171  1.00 7.71  ? 12  MET A CG  1 
ATOM   87   S  SD  . MET A 1 12  ? -2.835  -5.387  -4.394  1.00 8.71  ? 12  MET A SD  1 
ATOM   88   C  CE  . MET A 1 12  ? -1.675  -4.402  -3.420  1.00 9.16  ? 12  MET A CE  1 
ATOM   89   N  N   . LYS A 1 13  ? -7.001  -9.337  -3.788  1.00 9.48  ? 13  LYS A N   1 
ATOM   90   C  CA  . LYS A 1 13  ? -8.402  -9.712  -3.994  1.00 10.34 ? 13  LYS A CA  1 
ATOM   91   C  C   . LYS A 1 13  ? -8.930  -10.531 -2.842  1.00 11.58 ? 13  LYS A C   1 
ATOM   92   O  O   . LYS A 1 13  ? -10.030 -10.281 -2.336  1.00 12.35 ? 13  LYS A O   1 
ATOM   93   C  CB  . LYS A 1 13  ? -8.533  -10.465 -5.279  1.00 11.06 ? 13  LYS A CB  1 
ATOM   94   C  CG  . LYS A 1 13  ? -9.999  -10.846 -5.588  1.00 12.04 ? 13  LYS A CG  1 
ATOM   95   C  CD  . LYS A 1 13  ? -10.179 -11.432 -6.939  1.00 13.95 ? 13  LYS A CD  1 
ATOM   96   C  CE  . LYS A 1 13  ? -11.658 -11.823 -7.194  1.00 17.01 ? 13  LYS A CE  1 
ATOM   97   N  NZ  . LYS A 1 13  ? -11.852 -12.289 -8.606  1.00 18.57 ? 13  LYS A NZ  1 
ATOM   98   N  N   . ARG A 1 14  ? -8.155  -11.486 -2.357  1.00 11.56 ? 14  ARG A N   1 
ATOM   99   C  CA  . ARG A 1 14  ? -8.609  -12.288 -1.251  1.00 14.33 ? 14  ARG A CA  1 
ATOM   100  C  C   . ARG A 1 14  ? -8.840  -11.523 -0.018  1.00 13.04 ? 14  ARG A C   1 
ATOM   101  O  O   . ARG A 1 14  ? -9.752  -11.809 0.734   1.00 17.82 ? 14  ARG A O   1 
ATOM   102  C  CB  . ARG A 1 14  ? -7.670  -13.402 -0.983  1.00 17.98 ? 14  ARG A CB  1 
ATOM   103  C  CG  . ARG A 1 14  ? -8.279  -14.233 0.157   1.00 18.62 ? 14  ARG A CG  1 
ATOM   104  C  CD  . ARG A 1 14  ? -7.515  -15.531 0.212   1.00 16.95 ? 14  ARG A CD  1 
ATOM   105  N  NE  . ARG A 1 14  ? -6.172  -15.311 0.766   1.00 24.98 ? 14  ARG A NE  1 
ATOM   106  C  CZ  . ARG A 1 14  ? -5.855  -15.155 2.094   1.00 23.26 ? 14  ARG A CZ  1 
ATOM   107  N  NH1 . ARG A 1 14  ? -6.721  -15.321 3.187   1.00 19.91 ? 14  ARG A NH1 1 
ATOM   108  N  NH2 . ARG A 1 14  ? -4.571  -14.924 2.355   1.00 35.68 ? 14  ARG A NH2 1 
ATOM   109  N  N   . HIS A 1 15  ? -8.084  -10.392 0.203   1.00 10.79 ? 15  HIS A N   1 
ATOM   110  C  CA  . HIS A 1 15  ? -8.253  -9.541  1.312   1.00 11.69 ? 15  HIS A CA  1 
ATOM   111  C  C   . HIS A 1 15  ? -9.220  -8.380  1.038   1.00 11.92 ? 15  HIS A C   1 
ATOM   112  O  O   . HIS A 1 15  ? -9.342  -7.476  1.881   1.00 14.17 ? 15  HIS A O   1 
ATOM   113  C  CB  . HIS A 1 15  ? -6.886  -9.020  1.785   1.00 11.74 ? 15  HIS A CB  1 
ATOM   114  C  CG  . HIS A 1 15  ? -6.030  -10.080 2.437   1.00 13.60 ? 15  HIS A CG  1 
ATOM   115  N  ND1 . HIS A 1 15  ? -5.052  -10.744 1.785   1.00 16.48 ? 15  HIS A ND1 1 
ATOM   116  C  CD2 . HIS A 1 15  ? -6.014  -10.551 3.696   1.00 21.49 ? 15  HIS A CD2 1 
ATOM   117  C  CE1 . HIS A 1 15  ? -4.424  -11.565 2.597   1.00 19.59 ? 15  HIS A CE1 1 
ATOM   118  N  NE2 . HIS A 1 15  ? -4.996  -11.478 3.741   1.00 19.62 ? 15  HIS A NE2 1 
ATOM   119  N  N   . GLY A 1 16  ? -9.993  -8.441  -0.034  1.00 10.85 ? 16  GLY A N   1 
ATOM   120  C  CA  . GLY A 1 16  ? -11.062 -7.508  -0.237  1.00 11.69 ? 16  GLY A CA  1 
ATOM   121  C  C   . GLY A 1 16  ? -10.655 -6.142  -0.707  1.00 11.74 ? 16  GLY A C   1 
ATOM   122  O  O   . GLY A 1 16  ? -11.452 -5.232  -0.612  1.00 11.81 ? 16  GLY A O   1 
ATOM   123  N  N   . LEU A 1 17  ? -9.497  -6.015  -1.285  1.00 10.97 ? 17  LEU A N   1 
ATOM   124  C  CA  . LEU A 1 17  ? -9.069  -4.699  -1.719  1.00 11.79 ? 17  LEU A CA  1 
ATOM   125  C  C   . LEU A 1 17  ? -9.587  -4.391  -3.070  1.00 11.61 ? 17  LEU A C   1 
ATOM   126  O  O   . LEU A 1 17  ? -9.680  -3.174  -3.524  1.00 12.49 ? 17  LEU A O   1 
ATOM   127  C  CB  . LEU A 1 17  ? -7.524  -4.654  -1.508  1.00 12.17 ? 17  LEU A CB  1 
ATOM   128  C  CG  . LEU A 1 17  ? -6.864  -3.357  -1.609  1.00 10.94 ? 17  LEU A CG  1 
ATOM   129  C  CD1 . LEU A 1 17  ? -7.328  -2.530  -0.474  1.00 10.09 ? 17  LEU A CD1 1 
ATOM   130  C  CD2 . LEU A 1 17  ? -5.363  -3.622  -1.567  1.00 9.49  ? 17  LEU A CD2 1 
ATOM   131  N  N   . ASP A 1 18  ? -9.972  -5.387  -3.892  1.00 11.81 ? 18  ASP A N   1 
ATOM   132  C  CA  . ASP A 1 18  ? -10.399 -5.149  -5.095  1.00 11.91 ? 18  ASP A CA  1 
ATOM   133  C  C   . ASP A 1 18  ? -11.752 -4.379  -5.206  1.00 12.84 ? 18  ASP A C   1 
ATOM   134  O  O   . ASP A 1 18  ? -12.790 -4.831  -4.632  1.00 14.19 ? 18  ASP A O   1 
ATOM   135  C  CB  . ASP A 1 18  ? -10.556 -6.431  -5.928  1.00 13.08 ? 18  ASP A CB  1 
ATOM   136  C  CG  . ASP A 1 18  ? -11.420 -7.484  -5.242  1.00 11.93 ? 18  ASP A CG  1 
ATOM   137  O  OD1 . ASP A 1 18  ? -11.311 -7.789  -3.997  1.00 11.51 ? 18  ASP A OD1 1 
ATOM   138  O  OD2 . ASP A 1 18  ? -12.237 -8.021  -6.107  1.00 15.45 ? 18  ASP A OD2 1 
ATOM   139  N  N   . ASN A 1 19  ? -11.852 -3.194  -5.868  1.00 11.73 ? 19  ASN A N   1 
ATOM   140  C  CA  . ASN A 1 19  ? -12.976 -2.299  -5.851  1.00 11.02 ? 19  ASN A CA  1 
ATOM   141  C  C   . ASN A 1 19  ? -13.248 -1.660  -4.554  1.00 9.94  ? 19  ASN A C   1 
ATOM   142  O  O   . ASN A 1 19  ? -14.269 -1.003  -4.366  1.00 10.98 ? 19  ASN A O   1 
ATOM   143  C  CB  . ASN A 1 19  ? -14.244 -2.835  -6.496  1.00 14.19 ? 19  ASN A CB  1 
ATOM   144  C  CG  . ASN A 1 19  ? -14.175 -2.446  -7.934  1.00 28.06 ? 19  ASN A CG  1 
ATOM   145  O  OD1 . ASN A 1 19  ? -13.695 -3.297  -8.678  1.00 33.34 ? 19  ASN A OD1 1 
ATOM   146  N  ND2 . ASN A 1 19  ? -14.168 -1.031  -8.228  1.00 27.29 ? 19  ASN A ND2 1 
ATOM   147  N  N   . TYR A 1 20  ? -12.296 -1.687  -3.567  1.00 9.74  ? 20  TYR A N   1 
ATOM   148  C  CA  . TYR A 1 20  ? -12.510 -1.059  -2.332  1.00 8.66  ? 20  TYR A CA  1 
ATOM   149  C  C   . TYR A 1 20  ? -12.497 0.450   -2.488  1.00 8.85  ? 20  TYR A C   1 
ATOM   150  O  O   . TYR A 1 20  ? -11.588 0.979   -3.170  1.00 7.83  ? 20  TYR A O   1 
ATOM   151  C  CB  . TYR A 1 20  ? -11.430 -1.512  -1.296  1.00 9.84  ? 20  TYR A CB  1 
ATOM   152  C  CG  . TYR A 1 20  ? -11.716 -1.084  0.081   1.00 9.24  ? 20  TYR A CG  1 
ATOM   153  C  CD1 . TYR A 1 20  ? -11.267 0.142   0.594   1.00 10.07 ? 20  TYR A CD1 1 
ATOM   154  C  CD2 . TYR A 1 20  ? -12.437 -1.933  0.950   1.00 10.11 ? 20  TYR A CD2 1 
ATOM   155  C  CE1 . TYR A 1 20  ? -11.624 0.510   1.791   1.00 10.13 ? 20  TYR A CE1 1 
ATOM   156  C  CE2 . TYR A 1 20  ? -12.796 -1.494  2.201   1.00 11.28 ? 20  TYR A CE2 1 
ATOM   157  C  CZ  . TYR A 1 20  ? -12.393 -0.292  2.611   1.00 11.71 ? 20  TYR A CZ  1 
ATOM   158  O  OH  . TYR A 1 20  ? -12.682 0.157   3.874   1.00 15.07 ? 20  TYR A OH  1 
ATOM   159  N  N   . ARG A 1 21  ? -13.512 1.124   -1.930  1.00 8.76  ? 21  ARG A N   1 
ATOM   160  C  CA  . ARG A 1 21  ? -13.666 2.584   -2.125  1.00 9.53  ? 21  ARG A CA  1 
ATOM   161  C  C   . ARG A 1 21  ? -13.725 2.888   -3.629  1.00 9.12  ? 21  ARG A C   1 
ATOM   162  O  O   . ARG A 1 21  ? -13.459 4.027   -4.010  1.00 9.82  ? 21  ARG A O   1 
ATOM   163  C  CB  . ARG A 1 21  ? -12.604 3.431   -1.397  1.00 11.17 ? 21  ARG A CB  1 
ATOM   164  C  CG  . ARG A 1 21  ? -12.868 3.494   0.087   1.00 14.58 ? 21  ARG A CG  1 
ATOM   165  C  CD  . ARG A 1 21  ? -13.810 4.517   0.510   1.00 15.51 ? 21  ARG A CD  1 
ATOM   166  N  NE  . ARG A 1 21  ? -14.286 4.227   1.870   1.00 24.94 ? 21  ARG A NE  1 
ATOM   167  C  CZ  . ARG A 1 21  ? -14.977 5.042   2.647   1.00 23.38 ? 21  ARG A CZ  1 
ATOM   168  N  NH1 . ARG A 1 21  ? -15.309 4.655   3.890   1.00 28.62 ? 21  ARG A NH1 1 
ATOM   169  N  NH2 . ARG A 1 21  ? -15.076 6.339   2.277   1.00 32.11 ? 21  ARG A NH2 1 
ATOM   170  N  N   . GLY A 1 22  ? -14.129 1.935   -4.473  1.00 8.96  ? 22  GLY A N   1 
ATOM   171  C  CA  . GLY A 1 22  ? -14.249 2.195   -5.880  1.00 9.52  ? 22  GLY A CA  1 
ATOM   172  C  C   . GLY A 1 22  ? -13.014 2.039   -6.701  1.00 8.63  ? 22  GLY A C   1 
ATOM   173  O  O   . GLY A 1 22  ? -12.985 2.321   -7.895  1.00 9.90  ? 22  GLY A O   1 
ATOM   174  N  N   . TYR A 1 23  ? -11.906 1.578   -6.061  1.00 7.24  ? 23  TYR A N   1 
ATOM   175  C  CA  . TYR A 1 23  ? -10.616 1.459   -6.799  1.00 7.70  ? 23  TYR A CA  1 
ATOM   176  C  C   . TYR A 1 23  ? -10.402 0.027   -7.226  1.00 7.68  ? 23  TYR A C   1 
ATOM   177  O  O   . TYR A 1 23  ? -10.217 -0.903  -6.408  1.00 8.40  ? 23  TYR A O   1 
ATOM   178  C  CB  . TYR A 1 23  ? -9.491  1.934   -5.903  1.00 6.65  ? 23  TYR A CB  1 
ATOM   179  C  CG  . TYR A 1 23  ? -9.498  3.421   -5.698  1.00 6.57  ? 23  TYR A CG  1 
ATOM   180  C  CD1 . TYR A 1 23  ? -8.850  4.252   -6.651  1.00 7.00  ? 23  TYR A CD1 1 
ATOM   181  C  CD2 . TYR A 1 23  ? -10.174 4.008   -4.660  1.00 6.33  ? 23  TYR A CD2 1 
ATOM   182  C  CE1 . TYR A 1 23  ? -8.908  5.631   -6.468  1.00 6.39  ? 23  TYR A CE1 1 
ATOM   183  C  CE2 . TYR A 1 23  ? -10.200 5.371   -4.519  1.00 6.73  ? 23  TYR A CE2 1 
ATOM   184  C  CZ  . TYR A 1 23  ? -9.550  6.166   -5.451  1.00 6.39  ? 23  TYR A CZ  1 
ATOM   185  O  OH  . TYR A 1 23  ? -9.540  7.557   -5.306  1.00 7.53  ? 23  TYR A OH  1 
ATOM   186  N  N   . SER A 1 24  ? -10.419 -0.187  -8.544  1.00 8.33  ? 24  SER A N   1 
ATOM   187  C  CA  . SER A 1 24  ? -10.247 -1.511  -9.097  1.00 8.88  ? 24  SER A CA  1 
ATOM   188  C  C   . SER A 1 24  ? -8.932  -2.095  -8.748  1.00 7.98  ? 24  SER A C   1 
ATOM   189  O  O   . SER A 1 24  ? -7.914  -1.376  -8.460  1.00 9.12  ? 24  SER A O   1 
ATOM   190  C  CB  . SER A 1 24  ? -10.414 -1.488  -10.598 1.00 10.73 ? 24  SER A CB  1 
ATOM   191  O  OG  . SER A 1 24  ? -9.372  -0.706  -11.184 1.00 13.98 ? 24  SER A OG  1 
ATOM   192  N  N   . LEU A 1 25  ? -8.820  -3.441  -8.832  1.00 8.28  ? 25  LEU A N   1 
ATOM   193  C  CA  . LEU A 1 25  ? -7.598  -4.117  -8.429  1.00 8.19  ? 25  LEU A CA  1 
ATOM   194  C  C   . LEU A 1 25  ? -6.398  -3.592  -9.115  1.00 7.77  ? 25  LEU A C   1 
ATOM   195  O  O   . LEU A 1 25  ? -5.302  -3.520  -8.456  1.00 7.93  ? 25  LEU A O   1 
ATOM   196  C  CB  . LEU A 1 25  ? -7.830  -5.566  -8.653  1.00 8.96  ? 25  LEU A CB  1 
ATOM   197  C  CG  . LEU A 1 25  ? -6.786  -6.533  -8.111  1.00 9.26  ? 25  LEU A CG  1 
ATOM   198  C  CD1 . LEU A 1 25  ? -6.565  -6.405  -6.612  1.00 10.09 ? 25  LEU A CD1 1 
ATOM   199  C  CD2 . LEU A 1 25  ? -7.224  -7.979  -8.438  1.00 10.18 ? 25  LEU A CD2 1 
ATOM   200  N  N   . GLY A 1 26  ? -6.399  -3.285  -10.392 1.00 7.80  ? 26  GLY A N   1 
ATOM   201  C  CA  . GLY A 1 26  ? -5.209  -2.786  -11.047 1.00 8.01  ? 26  GLY A CA  1 
ATOM   202  C  C   . GLY A 1 26  ? -4.644  -1.505  -10.474 1.00 6.93  ? 26  GLY A C   1 
ATOM   203  O  O   . GLY A 1 26  ? -3.430  -1.324  -10.509 1.00 7.20  ? 26  GLY A O   1 
ATOM   204  N  N   . ASN A 1 27  ? -5.480  -0.653  -9.900  1.00 6.44  ? 27  ASN A N   1 
ATOM   205  C  CA  . ASN A 1 27  ? -4.980  0.547   -9.217  1.00 6.46  ? 27  ASN A CA  1 
ATOM   206  C  C   . ASN A 1 27  ? -4.045  0.143   -8.077  1.00 5.99  ? 27  ASN A C   1 
ATOM   207  O  O   . ASN A 1 27  ? -3.034  0.799   -7.850  1.00 6.44  ? 27  ASN A O   1 
ATOM   208  C  CB  . ASN A 1 27  ? -6.110  1.379   -8.690  1.00 6.90  ? 27  ASN A CB  1 
ATOM   209  C  CG  . ASN A 1 27  ? -6.744  2.201   -9.775  1.00 6.81  ? 27  ASN A CG  1 
ATOM   210  O  OD1 . ASN A 1 27  ? -6.203  3.182   -10.183 1.00 7.58  ? 27  ASN A OD1 1 
ATOM   211  N  ND2 . ASN A 1 27  ? -7.973  1.767   -10.240 1.00 8.48  ? 27  ASN A ND2 1 
ATOM   212  N  N   . TRP A 1 28  ? -4.466  -0.851  -7.316  1.00 6.04  ? 28  TRP A N   1 
ATOM   213  C  CA  . TRP A 1 28  ? -3.716  -1.273  -6.118  1.00 6.38  ? 28  TRP A CA  1 
ATOM   214  C  C   . TRP A 1 28  ? -2.422  -1.938  -6.504  1.00 6.26  ? 28  TRP A C   1 
ATOM   215  O  O   . TRP A 1 28  ? -1.363  -1.746  -5.873  1.00 6.52  ? 28  TRP A O   1 
ATOM   216  C  CB  . TRP A 1 28  ? -4.561  -2.209  -5.258  1.00 6.96  ? 28  TRP A CB  1 
ATOM   217  C  CG  . TRP A 1 28  ? -5.768  -1.538  -4.701  1.00 6.53  ? 28  TRP A CG  1 
ATOM   218  C  CD1 . TRP A 1 28  ? -7.067  -1.627  -5.142  1.00 6.81  ? 28  TRP A CD1 1 
ATOM   219  C  CD2 . TRP A 1 28  ? -5.792  -0.578  -3.658  1.00 6.38  ? 28  TRP A CD2 1 
ATOM   220  N  NE1 . TRP A 1 28  ? -7.876  -0.850  -4.405  1.00 7.50  ? 28  TRP A NE1 1 
ATOM   221  C  CE2 . TRP A 1 28  ? -7.137  -0.200  -3.454  1.00 7.26  ? 28  TRP A CE2 1 
ATOM   222  C  CE3 . TRP A 1 28  ? -4.814  -0.041  -2.815  1.00 7.12  ? 28  TRP A CE3 1 
ATOM   223  C  CZ2 . TRP A 1 28  ? -7.500  0.734   -2.460  1.00 8.23  ? 28  TRP A CZ2 1 
ATOM   224  C  CZ3 . TRP A 1 28  ? -5.184  0.848   -1.795  1.00 8.52  ? 28  TRP A CZ3 1 
ATOM   225  C  CH2 . TRP A 1 28  ? -6.515  1.230   -1.645  1.00 9.16  ? 28  TRP A CH2 1 
ATOM   226  N  N   . VAL A 1 29  ? -2.464  -2.775  -7.571  1.00 6.38  ? 29  VAL A N   1 
ATOM   227  C  CA  . VAL A 1 29  ? -1.250  -3.426  -8.072  1.00 6.65  ? 29  VAL A CA  1 
ATOM   228  C  C   . VAL A 1 29  ? -0.290  -2.389  -8.623  1.00 6.40  ? 29  VAL A C   1 
ATOM   229  O  O   . VAL A 1 29  ? 0.936   -2.446  -8.359  1.00 6.77  ? 29  VAL A O   1 
ATOM   230  C  CB  . VAL A 1 29  ? -1.579  -4.557  -9.047  1.00 7.39  ? 29  VAL A CB  1 
ATOM   231  C  CG1 . VAL A 1 29  ? -0.339  -5.164  -9.625  1.00 7.88  ? 29  VAL A CG1 1 
ATOM   232  C  CG2 . VAL A 1 29  ? -2.448  -5.621  -8.371  1.00 7.43  ? 29  VAL A CG2 1 
ATOM   233  N  N   . CYS A 1 30  ? -0.791  -1.457  -9.387  1.00 6.72  ? 30  CYS A N   1 
ATOM   234  C  CA  . CYS A 1 30  ? 0.070   -0.387  -9.921  1.00 6.19  ? 30  CYS A CA  1 
ATOM   235  C  C   . CYS A 1 30  ? 0.715   0.426   -8.780  1.00 6.46  ? 30  CYS A C   1 
ATOM   236  O  O   . CYS A 1 30  ? 1.919   0.712   -8.847  1.00 7.02  ? 30  CYS A O   1 
ATOM   237  C  CB  . CYS A 1 30  ? -0.830  0.507   -10.779 1.00 7.09  ? 30  CYS A CB  1 
ATOM   238  S  SG  . CYS A 1 30  ? 0.112   1.846   -11.650 1.00 7.71  ? 30  CYS A SG  1 
ATOM   239  N  N   . ALA A 1 31  ? -0.062  0.754   -7.787  1.00 5.98  ? 31  ALA A N   1 
ATOM   240  C  CA  . ALA A 1 31  ? 0.508   1.499   -6.679  1.00 6.18  ? 31  ALA A CA  1 
ATOM   241  C  C   . ALA A 1 31  ? 1.604   0.688   -6.004  1.00 6.13  ? 31  ALA A C   1 
ATOM   242  O  O   . ALA A 1 31  ? 2.676   1.245   -5.697  1.00 6.79  ? 31  ALA A O   1 
ATOM   243  C  CB  . ALA A 1 31  ? -0.570  1.897   -5.645  1.00 7.53  ? 31  ALA A CB  1 
ATOM   244  N  N   . ALA A 1 32  ? 1.374   -0.575  -5.773  1.00 5.84  ? 32  ALA A N   1 
ATOM   245  C  CA  . ALA A 1 32  ? 2.390   -1.387  -5.150  1.00 6.33  ? 32  ALA A CA  1 
ATOM   246  C  C   . ALA A 1 32  ? 3.624   -1.504  -5.990  1.00 6.18  ? 32  ALA A C   1 
ATOM   247  O  O   . ALA A 1 32  ? 4.780   -1.509  -5.474  1.00 6.64  ? 32  ALA A O   1 
ATOM   248  C  CB  . ALA A 1 32  ? 1.835   -2.763  -4.792  1.00 6.82  ? 32  ALA A CB  1 
ATOM   249  N  N   . LYS A 1 33  ? 3.469   -1.606  -7.314  1.00 6.01  ? 33  LYS A N   1 
ATOM   250  C  CA  . LYS A 1 33  ? 4.614   -1.711  -8.162  1.00 6.76  ? 33  LYS A CA  1 
ATOM   251  C  C   . LYS A 1 33  ? 5.551   -0.486  -7.975  1.00 6.40  ? 33  LYS A C   1 
ATOM   252  O  O   . LYS A 1 33  ? 6.746   -0.631  -7.802  1.00 7.48  ? 33  LYS A O   1 
ATOM   253  C  CB  . LYS A 1 33  ? 4.175   -1.744  -9.624  1.00 7.33  ? 33  LYS A CB  1 
ATOM   254  C  CG  . LYS A 1 33  ? 5.321   -1.610  -10.624 1.00 10.92 ? 33  LYS A CG  1 
ATOM   255  C  CD  . LYS A 1 33  ? 6.168   -2.723  -10.657 1.00 12.04 ? 33  LYS A CD  1 
ATOM   256  C  CE  . LYS A 1 33  ? 7.327   -2.519  -11.614 1.00 18.07 ? 33  LYS A CE  1 
ATOM   257  N  NZ  . LYS A 1 33  ? 8.208   -3.720  -11.575 1.00 21.71 ? 33  LYS A NZ  1 
ATOM   258  N  N   . PHE A 1 34  ? 4.943   0.689   -8.051  1.00 6.70  ? 34  PHE A N   1 
ATOM   259  C  CA  . PHE A 1 34  ? 5.762   1.915   -7.983  1.00 7.24  ? 34  PHE A CA  1 
ATOM   260  C  C   . PHE A 1 34  ? 6.123   2.251   -6.575  1.00 7.56  ? 34  PHE A C   1 
ATOM   261  O  O   . PHE A 1 34  ? 7.249   2.914   -6.379  1.00 10.56 ? 34  PHE A O   1 
ATOM   262  C  CB  . PHE A 1 34  ? 5.148   3.050   -8.738  1.00 7.69  ? 34  PHE A CB  1 
ATOM   263  C  CG  . PHE A 1 34  ? 5.030   2.740   -10.229 1.00 6.86  ? 34  PHE A CG  1 
ATOM   264  C  CD1 . PHE A 1 34  ? 6.164   2.426   -10.964 1.00 8.01  ? 34  PHE A CD1 1 
ATOM   265  C  CD2 . PHE A 1 34  ? 3.818   2.680   -10.873 1.00 9.64  ? 34  PHE A CD2 1 
ATOM   266  C  CE1 . PHE A 1 34  ? 6.085   2.130   -12.317 1.00 8.91  ? 34  PHE A CE1 1 
ATOM   267  C  CE2 . PHE A 1 34  ? 3.757   2.460   -12.254 1.00 10.52 ? 34  PHE A CE2 1 
ATOM   268  C  CZ  . PHE A 1 34  ? 4.898   2.140   -12.937 1.00 9.36  ? 34  PHE A CZ  1 
ATOM   269  N  N   . GLU A 1 35  ? 5.429   1.882   -5.554  1.00 6.55  ? 35  GLU A N   1 
ATOM   270  C  CA  . GLU A 1 35  ? 5.863   2.141   -4.184  1.00 7.07  ? 35  GLU A CA  1 
ATOM   271  C  C   . GLU A 1 35  ? 6.957   1.236   -3.752  1.00 7.35  ? 35  GLU A C   1 
ATOM   272  O  O   . GLU A 1 35  ? 7.942   1.719   -3.104  1.00 7.44  ? 35  GLU A O   1 
ATOM   273  C  CB  . GLU A 1 35  ? 4.634   1.988   -3.246  1.00 6.98  ? 35  GLU A CB  1 
ATOM   274  C  CG  . GLU A 1 35  ? 3.594   3.035   -3.383  1.00 7.40  ? 35  GLU A CG  1 
ATOM   275  C  CD  . GLU A 1 35  ? 4.035   4.389   -2.943  1.00 7.86  ? 35  GLU A CD  1 
ATOM   276  O  OE1 . GLU A 1 35  ? 5.166   4.634   -2.525  1.00 8.30  ? 35  GLU A OE1 1 
ATOM   277  O  OE2 . GLU A 1 35  ? 3.164   5.303   -3.113  1.00 9.33  ? 35  GLU A OE2 1 
ATOM   278  N  N   . SER A 1 36  ? 6.886   -0.061  -4.049  1.00 7.13  ? 36  SER A N   1 
ATOM   279  C  CA  . SER A 1 36  ? 7.783   -1.052  -3.415  1.00 7.37  ? 36  SER A CA  1 
ATOM   280  C  C   . SER A 1 36  ? 8.393   -2.002  -4.352  1.00 7.39  ? 36  SER A C   1 
ATOM   281  O  O   . SER A 1 36  ? 9.181   -2.870  -3.939  1.00 8.09  ? 36  SER A O   1 
ATOM   282  C  CB  . SER A 1 36  ? 7.008   -1.843  -2.375  1.00 7.23  ? 36  SER A CB  1 
ATOM   283  O  OG  . SER A 1 36  ? 6.038   -2.681  -3.032  1.00 6.61  ? 36  SER A OG  1 
ATOM   284  N  N   . ASN A 1 37  ? 8.024   -1.992  -5.641  1.00 7.94  ? 37  ASN A N   1 
ATOM   285  C  CA  . ASN A 1 37  ? 8.441   -3.024  -6.585  1.00 9.01  ? 37  ASN A CA  1 
ATOM   286  C  C   . ASN A 1 37  ? 8.003   -4.366  -6.080  1.00 7.93  ? 37  ASN A C   1 
ATOM   287  O  O   . ASN A 1 37  ? 8.672   -5.418  -6.364  1.00 9.09  ? 37  ASN A O   1 
ATOM   288  C  CB  . ASN A 1 37  ? 9.937   -2.956  -6.972  1.00 11.36 ? 37  ASN A CB  1 
ATOM   289  C  CG  . ASN A 1 37  ? 10.166  -3.524  -8.370  1.00 12.68 ? 37  ASN A CG  1 
ATOM   290  O  OD1 . ASN A 1 37  ? 9.294   -3.667  -9.144  1.00 15.64 ? 37  ASN A OD1 1 
ATOM   291  N  ND2 . ASN A 1 37  ? 11.407  -3.949  -8.602  1.00 16.74 ? 37  ASN A ND2 1 
ATOM   292  N  N   . PHE A 1 38  ? 6.865   -4.427  -5.421  1.00 7.09  ? 38  PHE A N   1 
ATOM   293  C  CA  . PHE A 1 38  ? 6.255   -5.658  -4.927  1.00 6.59  ? 38  PHE A CA  1 
ATOM   294  C  C   . PHE A 1 38  ? 7.029   -6.333  -3.786  1.00 6.48  ? 38  PHE A C   1 
ATOM   295  O  O   . PHE A 1 38  ? 6.773   -7.480  -3.459  1.00 7.76  ? 38  PHE A O   1 
ATOM   296  C  CB  . PHE A 1 38  ? 5.960   -6.705  -6.011  1.00 7.84  ? 38  PHE A CB  1 
ATOM   297  C  CG  . PHE A 1 38  ? 5.133   -6.176  -7.195  1.00 7.28  ? 38  PHE A CG  1 
ATOM   298  C  CD1 . PHE A 1 38  ? 4.077   -5.324  -7.066  1.00 7.29  ? 38  PHE A CD1 1 
ATOM   299  C  CD2 . PHE A 1 38  ? 5.406   -6.663  -8.488  1.00 9.33  ? 38  PHE A CD2 1 
ATOM   300  C  CE1 . PHE A 1 38  ? 3.306   -4.955  -8.148  1.00 7.11  ? 38  PHE A CE1 1 
ATOM   301  C  CE2 . PHE A 1 38  ? 4.583   -6.364  -9.534  1.00 9.81  ? 38  PHE A CE2 1 
ATOM   302  C  CZ  . PHE A 1 38  ? 3.576   -5.454  -9.391  1.00 8.84  ? 38  PHE A CZ  1 
ATOM   303  N  N   . ASN A 1 39  ? 7.883   -5.556  -3.108  1.00 6.47  ? 39  ASN A N   1 
ATOM   304  C  CA  . ASN A 1 39  ? 8.726   -6.079  -2.019  1.00 6.36  ? 39  ASN A CA  1 
ATOM   305  C  C   . ASN A 1 39  ? 8.158   -5.694  -0.659  1.00 5.93  ? 39  ASN A C   1 
ATOM   306  O  O   . ASN A 1 39  ? 8.101   -4.487  -0.328  1.00 6.30  ? 39  ASN A O   1 
ATOM   307  C  CB  . ASN A 1 39  ? 10.126  -5.515  -2.178  1.00 6.79  ? 39  ASN A CB  1 
ATOM   308  C  CG  . ASN A 1 39  ? 11.109  -6.102  -1.192  1.00 6.38  ? 39  ASN A CG  1 
ATOM   309  O  OD1 . ASN A 1 39  ? 10.790  -6.808  -0.294  1.00 6.78  ? 39  ASN A OD1 1 
ATOM   310  N  ND2 . ASN A 1 39  ? 12.432  -5.806  -1.492  1.00 9.96  ? 39  ASN A ND2 1 
ATOM   311  N  N   . THR A 1 40  ? 7.674   -6.660  0.103   1.00 6.25  ? 40  THR A N   1 
ATOM   312  C  CA  . THR A 1 40  ? 7.115   -6.353  1.385   1.00 6.62  ? 40  THR A CA  1 
ATOM   313  C  C   . THR A 1 40  ? 8.091   -5.726  2.362   1.00 5.50  ? 40  THR A C   1 
ATOM   314  O  O   . THR A 1 40  ? 7.690   -5.060  3.300   1.00 6.49  ? 40  THR A O   1 
ATOM   315  C  CB  . THR A 1 40  ? 6.489   -7.550  2.065   1.00 7.52  ? 40  THR A CB  1 
ATOM   316  O  OG1 . THR A 1 40  ? 7.492   -8.474  2.542   1.00 7.54  ? 40  THR A OG1 1 
ATOM   317  C  CG2 . THR A 1 40  ? 5.476   -8.291  1.267   1.00 7.81  ? 40  THR A CG2 1 
ATOM   318  N  N   . GLN A 1 41  ? 9.394   -5.916  2.147   1.00 5.77  ? 41  GLN A N   1 
ATOM   319  C  CA  . GLN A 1 41  ? 10.409  -5.369  3.043   1.00 5.96  ? 41  GLN A CA  1 
ATOM   320  C  C   . GLN A 1 41  ? 10.880  -3.960  2.628   1.00 6.49  ? 41  GLN A C   1 
ATOM   321  O  O   . GLN A 1 41  ? 11.828  -3.467  3.311   1.00 7.85  ? 41  GLN A O   1 
ATOM   322  C  CB  . GLN A 1 41  ? 11.580  -6.344  3.219   1.00 5.88  ? 41  GLN A CB  1 
ATOM   323  C  CG  . GLN A 1 41  ? 11.108  -7.690  3.802   1.00 6.72  ? 41  GLN A CG  1 
ATOM   324  C  CD  . GLN A 1 41  ? 12.288  -8.488  4.275   1.00 6.76  ? 41  GLN A CD  1 
ATOM   325  O  OE1 . GLN A 1 41  ? 12.793  -8.272  5.385   1.00 8.45  ? 41  GLN A OE1 1 
ATOM   326  N  NE2 . GLN A 1 41  ? 12.774  -9.396  3.452   1.00 7.18  ? 41  GLN A NE2 1 
ATOM   327  N  N   . ALA A 1 42  ? 10.290  -3.352  1.682   1.00 6.28  ? 42  ALA A N   1 
ATOM   328  C  CA  . ALA A 1 42  ? 10.666  -1.987  1.292   1.00 6.71  ? 42  ALA A CA  1 
ATOM   329  C  C   . ALA A 1 42  ? 10.491  -1.028  2.455   1.00 6.11  ? 42  ALA A C   1 
ATOM   330  O  O   . ALA A 1 42  ? 9.485   -1.022  3.111   1.00 5.62  ? 42  ALA A O   1 
ATOM   331  C  CB  . ALA A 1 42  ? 9.828   -1.576  0.120   1.00 7.59  ? 42  ALA A CB  1 
ATOM   332  N  N   . THR A 1 43  ? 11.455  -0.103  2.595   1.00 6.74  ? 43  THR A N   1 
ATOM   333  C  CA  . THR A 1 43  ? 11.373  1.023   3.500   1.00 6.93  ? 43  THR A CA  1 
ATOM   334  C  C   . THR A 1 43  ? 11.914  2.248   2.819   1.00 6.83  ? 43  THR A C   1 
ATOM   335  O  O   . THR A 1 43  ? 12.812  2.173   1.950   1.00 9.09  ? 43  THR A O   1 
ATOM   336  C  CB  . THR A 1 43  ? 12.125  0.800   4.758   1.00 7.39  ? 43  THR A CB  1 
ATOM   337  O  OG1 . THR A 1 43  ? 13.534  0.653   4.509   1.00 8.24  ? 43  THR A OG1 1 
ATOM   338  C  CG2 . THR A 1 43  ? 11.612  -0.335  5.606   1.00 8.36  ? 43  THR A CG2 1 
ATOM   339  N  N   . ASN A 1 44  ? 11.399  3.417   3.220   1.00 6.36  ? 44  ASN A N   1 
ATOM   340  C  CA  . ASN A 1 44  ? 11.909  4.695   2.714   1.00 7.19  ? 44  ASN A CA  1 
ATOM   341  C  C   . ASN A 1 44  ? 11.818  5.693   3.833   1.00 5.71  ? 44  ASN A C   1 
ATOM   342  O  O   . ASN A 1 44  ? 10.741  5.953   4.343   1.00 6.84  ? 44  ASN A O   1 
ATOM   343  C  CB  . ASN A 1 44  ? 11.039  5.150   1.482   1.00 9.22  ? 44  ASN A CB  1 
ATOM   344  C  CG  . ASN A 1 44  ? 11.424  6.532   1.035   1.00 10.57 ? 44  ASN A CG  1 
ATOM   345  O  OD1 . ASN A 1 44  ? 12.518  6.733   0.535   1.00 12.94 ? 44  ASN A OD1 1 
ATOM   346  N  ND2 . ASN A 1 44  ? 10.581  7.562   1.280   1.00 12.99 ? 44  ASN A ND2 1 
ATOM   347  N  N   . ARG A 1 45  ? 12.929  6.358   4.132   1.00 6.41  ? 45  ARG A N   1 
ATOM   348  C  CA  . ARG A 1 45  ? 12.945  7.429   5.111   1.00 6.70  ? 45  ARG A CA  1 
ATOM   349  C  C   . ARG A 1 45  ? 12.610  8.753   4.420   1.00 8.66  ? 45  ARG A C   1 
ATOM   350  O  O   . ARG A 1 45  ? 13.213  9.082   3.385   1.00 10.93 ? 45  ARG A O   1 
ATOM   351  C  CB  . ARG A 1 45  ? 14.358  7.502   5.671   1.00 7.96  ? 45  ARG A CB  1 
ATOM   352  C  CG  . ARG A 1 45  ? 14.652  8.624   6.659   1.00 9.49  ? 45  ARG A CG  1 
ATOM   353  C  CD  . ARG A 1 45  ? 13.804  8.549   7.843   1.00 10.30 ? 45  ARG A CD  1 
ATOM   354  N  NE  A ARG A 1 45  ? 13.611  8.720   9.294   0.50 16.28 ? 45  ARG A NE  1 
ATOM   355  N  NE  B ARG A 1 45  ? 13.665  7.269   8.483   0.50 5.41  ? 45  ARG A NE  1 
ATOM   356  C  CZ  A ARG A 1 45  ? 14.405  8.374   10.284  0.50 15.97 ? 45  ARG A CZ  1 
ATOM   357  C  CZ  B ARG A 1 45  ? 14.582  6.676   9.216   0.50 5.77  ? 45  ARG A CZ  1 
ATOM   358  N  NH1 A ARG A 1 45  ? 14.106  8.720   11.525  0.50 13.43 ? 45  ARG A NH1 1 
ATOM   359  N  NH1 B ARG A 1 45  ? 14.259  5.468   9.758   0.50 6.25  ? 45  ARG A NH1 1 
ATOM   360  N  NH2 A ARG A 1 45  ? 15.524  7.710   10.035  0.50 16.50 ? 45  ARG A NH2 1 
ATOM   361  N  NH2 B ARG A 1 45  ? 15.799  7.152   9.356   0.50 7.27  ? 45  ARG A NH2 1 
ATOM   362  N  N   . ASN A 1 46  ? 11.664  9.479   4.986   1.00 8.38  ? 46  ASN A N   1 
ATOM   363  C  CA  . ASN A 1 46  ? 11.272  10.781  4.474   1.00 9.78  ? 46  ASN A CA  1 
ATOM   364  C  C   . ASN A 1 46  ? 12.060  11.884  5.103   1.00 9.45  ? 46  ASN A C   1 
ATOM   365  O  O   . ASN A 1 46  ? 12.648  11.716  6.201   1.00 10.60 ? 46  ASN A O   1 
ATOM   366  C  CB  . ASN A 1 46  ? 9.781   10.926  4.818   1.00 10.03 ? 46  ASN A CB  1 
ATOM   367  C  CG  . ASN A 1 46  ? 8.922   9.897   4.114   1.00 11.55 ? 46  ASN A CG  1 
ATOM   368  O  OD1 . ASN A 1 46  ? 8.172   9.242   4.773   1.00 15.68 ? 46  ASN A OD1 1 
ATOM   369  N  ND2 . ASN A 1 46  ? 9.155   9.688   2.876   1.00 14.65 ? 46  ASN A ND2 1 
ATOM   370  N  N   . THR A 1 47  ? 12.077  13.033  4.407   1.00 12.12 ? 47  THR A N   1 
ATOM   371  C  CA  . THR A 1 47  ? 12.735  14.219  4.917   1.00 13.70 ? 47  THR A CA  1 
ATOM   372  C  C   . THR A 1 47  ? 12.398  14.587  6.319   1.00 13.61 ? 47  THR A C   1 
ATOM   373  O  O   . THR A 1 47  ? 13.344  15.100  7.076   1.00 15.63 ? 47  THR A O   1 
ATOM   374  C  CB  . THR A 1 47  ? 12.530  15.384  3.918   1.00 14.54 ? 47  THR A CB  1 
ATOM   375  O  OG1 . THR A 1 47  ? 11.146  15.738  3.781   1.00 26.75 ? 47  THR A OG1 1 
ATOM   376  C  CG2 . THR A 1 47  ? 13.024  15.038  2.613   1.00 15.53 ? 47  THR A CG2 1 
ATOM   377  N  N   . ASP A 1 48  ? 11.154  14.463  6.626   1.00 13.03 ? 48  ASP A N   1 
ATOM   378  C  CA  . ASP A 1 48  ? 10.596  14.842  7.934   1.00 13.07 ? 48  ASP A CA  1 
ATOM   379  C  C   . ASP A 1 48  ? 10.956  13.856  9.059   1.00 12.15 ? 48  ASP A C   1 
ATOM   380  O  O   . ASP A 1 48  ? 10.543  14.129  10.212  1.00 13.56 ? 48  ASP A O   1 
ATOM   381  C  CB  . ASP A 1 48  ? 9.150   15.136  7.846   1.00 15.62 ? 48  ASP A CB  1 
ATOM   382  C  CG  . ASP A 1 48  ? 8.263   13.907  7.695   1.00 15.87 ? 48  ASP A CG  1 
ATOM   383  O  OD1 . ASP A 1 48  ? 8.727   12.720  7.526   1.00 12.61 ? 48  ASP A OD1 1 
ATOM   384  O  OD2 . ASP A 1 48  ? 6.984   13.947  7.822   1.00 21.16 ? 48  ASP A OD2 1 
ATOM   385  N  N   . GLY A 1 49  ? 11.623  12.748  8.751   1.00 10.54 ? 49  GLY A N   1 
ATOM   386  C  CA  . GLY A 1 49  ? 12.018  11.747  9.733   1.00 9.40  ? 49  GLY A CA  1 
ATOM   387  C  C   . GLY A 1 49  ? 10.933  10.621  9.893   1.00 9.41  ? 49  GLY A C   1 
ATOM   388  O  O   . GLY A 1 49  ? 11.278  9.625   10.597  1.00 9.62  ? 49  GLY A O   1 
ATOM   389  N  N   . SER A 1 50  ? 9.786   10.734  9.294   1.00 8.42  ? 50  SER A N   1 
ATOM   390  C  CA  . SER A 1 50  ? 8.900   9.554   9.201   1.00 7.33  ? 50  SER A CA  1 
ATOM   391  C  C   . SER A 1 50  ? 9.502   8.543   8.208   1.00 6.31  ? 50  SER A C   1 
ATOM   392  O  O   . SER A 1 50  ? 10.417  8.859   7.503   1.00 7.13  ? 50  SER A O   1 
ATOM   393  C  CB  . SER A 1 50  ? 7.514   9.983   8.782   1.00 8.07  ? 50  SER A CB  1 
ATOM   394  O  OG  . SER A 1 50  ? 7.477   10.433  7.417   1.00 8.74  ? 50  SER A OG  1 
ATOM   395  N  N   . THR A 1 51  ? 8.940   7.352   8.261   1.00 5.29  ? 51  THR A N   1 
ATOM   396  C  CA  . THR A 1 51  ? 9.346   6.258   7.398   1.00 5.13  ? 51  THR A CA  1 
ATOM   397  C  C   . THR A 1 51  ? 8.129   5.642   6.748   1.00 4.58  ? 51  THR A C   1 
ATOM   398  O  O   . THR A 1 51  ? 7.075   5.547   7.366   1.00 5.50  ? 51  THR A O   1 
ATOM   399  C  CB  . THR A 1 51  ? 10.173  5.227   8.195   1.00 5.45  ? 51  THR A CB  1 
ATOM   400  O  OG1 . THR A 1 51  ? 11.252  5.914   8.819   1.00 6.02  ? 51  THR A OG1 1 
ATOM   401  C  CG2 . THR A 1 51  ? 10.728  4.124   7.308   1.00 6.27  ? 51  THR A CG2 1 
ATOM   402  N  N   . ASP A 1 52  ? 8.294   5.193   5.497   1.00 4.97  ? 52  ASP A N   1 
ATOM   403  C  CA  . ASP A 1 52  ? 7.303   4.460   4.752   1.00 5.43  ? 52  ASP A CA  1 
ATOM   404  C  C   . ASP A 1 52  ? 7.675   2.967   4.805   1.00 5.32  ? 52  ASP A C   1 
ATOM   405  O  O   . ASP A 1 52  ? 8.845   2.619   4.576   1.00 5.80  ? 52  ASP A O   1 
ATOM   406  C  CB  . ASP A 1 52  ? 7.262   4.865   3.286   1.00 6.29  ? 52  ASP A CB  1 
ATOM   407  C  CG  . ASP A 1 52  ? 6.961   6.308   3.056   1.00 7.73  ? 52  ASP A CG  1 
ATOM   408  O  OD1 . ASP A 1 52  ? 6.223   6.951   3.868   1.00 8.94  ? 52  ASP A OD1 1 
ATOM   409  O  OD2 . ASP A 1 52  ? 7.444   6.860   2.061   1.00 11.63 ? 52  ASP A OD2 1 
ATOM   410  N  N   . TYR A 1 53  ? 6.659   2.112   4.954   1.00 5.64  ? 53  TYR A N   1 
ATOM   411  C  CA  . TYR A 1 53  ? 6.903   0.684   5.180   1.00 5.54  ? 53  TYR A CA  1 
ATOM   412  C  C   . TYR A 1 53  ? 6.037   -0.176  4.265   1.00 5.67  ? 53  TYR A C   1 
ATOM   413  O  O   . TYR A 1 53  ? 4.811   -0.005  4.186   1.00 5.64  ? 53  TYR A O   1 
ATOM   414  C  CB  . TYR A 1 53  ? 6.550   0.294   6.632   1.00 5.67  ? 53  TYR A CB  1 
ATOM   415  C  CG  . TYR A 1 53  ? 7.401   0.971   7.664   1.00 5.85  ? 53  TYR A CG  1 
ATOM   416  C  CD1 . TYR A 1 53  ? 7.062   2.241   8.179   1.00 5.36  ? 53  TYR A CD1 1 
ATOM   417  C  CD2 . TYR A 1 53  ? 8.523   0.335   8.201   1.00 5.66  ? 53  TYR A CD2 1 
ATOM   418  C  CE1 . TYR A 1 53  ? 7.820   2.818   9.124   1.00 5.10  ? 53  TYR A CE1 1 
ATOM   419  C  CE2 . TYR A 1 53  ? 9.302   0.952   9.164   1.00 5.90  ? 53  TYR A CE2 1 
ATOM   420  C  CZ  . TYR A 1 53  ? 8.971   2.194   9.637   1.00 5.79  ? 53  TYR A CZ  1 
ATOM   421  O  OH  . TYR A 1 53  ? 9.749   2.782   10.599  1.00 5.78  ? 53  TYR A OH  1 
ATOM   422  N  N   . GLY A 1 54  ? 6.668   -1.221  3.683   1.00 5.54  ? 54  GLY A N   1 
ATOM   423  C  CA  . GLY A 1 54  ? 5.955   -2.312  3.069   1.00 6.09  ? 54  GLY A CA  1 
ATOM   424  C  C   . GLY A 1 54  ? 5.538   -2.065  1.612   1.00 5.94  ? 54  GLY A C   1 
ATOM   425  O  O   . GLY A 1 54  ? 5.940   -1.156  0.968   1.00 5.96  ? 54  GLY A O   1 
ATOM   426  N  N   . ILE A 1 55  ? 4.694   -3.011  1.179   1.00 7.03  ? 55  ILE A N   1 
ATOM   427  C  CA  . ILE A 1 55  ? 4.333   -3.103  -0.236  1.00 7.66  ? 55  ILE A CA  1 
ATOM   428  C  C   . ILE A 1 55  ? 3.620   -1.842  -0.748  1.00 7.00  ? 55  ILE A C   1 
ATOM   429  O  O   . ILE A 1 55  ? 3.727   -1.536  -1.910  1.00 7.49  ? 55  ILE A O   1 
ATOM   430  C  CB  A ILE A 1 55  ? 3.766   -4.492  -0.469  0.50 9.34  ? 55  ILE A CB  1 
ATOM   431  C  CB  B ILE A 1 55  ? 3.265   -4.171  -0.585  0.50 8.87  ? 55  ILE A CB  1 
ATOM   432  C  CG1 A ILE A 1 55  ? 4.059   -5.018  -1.911  0.50 10.35 ? 55  ILE A CG1 1 
ATOM   433  C  CG1 B ILE A 1 55  ? 2.013   -4.286  0.380   0.50 9.65  ? 55  ILE A CG1 1 
ATOM   434  C  CG2 A ILE A 1 55  ? 2.334   -4.349  -0.100  0.50 8.70  ? 55  ILE A CG2 1 
ATOM   435  C  CG2 B ILE A 1 55  ? 3.955   -5.500  -0.691  0.50 8.91  ? 55  ILE A CG2 1 
ATOM   436  C  CD1 A ILE A 1 55  ? 3.693   -6.429  -2.019  0.50 9.82  ? 55  ILE A CD1 1 
ATOM   437  C  CD1 B ILE A 1 55  ? 0.930   -5.091  -0.366  0.50 10.15 ? 55  ILE A CD1 1 
ATOM   438  N  N   . LEU A 1 56  ? 2.907   -1.131  0.165   1.00 6.68  ? 56  LEU A N   1 
ATOM   439  C  CA  . LEU A 1 56  ? 2.246   0.140   -0.178  1.00 6.64  ? 56  LEU A CA  1 
ATOM   440  C  C   . LEU A 1 56  ? 2.858   1.323   0.505   1.00 6.31  ? 56  LEU A C   1 
ATOM   441  O  O   . LEU A 1 56  ? 2.293   2.420   0.503   1.00 6.68  ? 56  LEU A O   1 
ATOM   442  C  CB  . LEU A 1 56  ? 0.683   -0.005  0.114   1.00 7.43  ? 56  LEU A CB  1 
ATOM   443  C  CG  . LEU A 1 56  ? -0.045  -0.880  -0.937  1.00 7.47  ? 56  LEU A CG  1 
ATOM   444  C  CD1 . LEU A 1 56  ? -1.423  -1.146  -0.441  1.00 9.32  ? 56  LEU A CD1 1 
ATOM   445  C  CD2 . LEU A 1 56  ? -0.106  -0.221  -2.298  1.00 8.92  ? 56  LEU A CD2 1 
ATOM   446  N  N   . GLN A 1 57  ? 4.075   1.178   1.087   1.00 5.74  ? 57  GLN A N   1 
ATOM   447  C  CA  . GLN A 1 57  ? 4.835   2.303   1.592   1.00 5.87  ? 57  GLN A CA  1 
ATOM   448  C  C   . GLN A 1 57  ? 3.976   3.202   2.485   1.00 5.81  ? 57  GLN A C   1 
ATOM   449  O  O   . GLN A 1 57  ? 3.917   4.421   2.291   1.00 6.55  ? 57  GLN A O   1 
ATOM   450  C  CB  . GLN A 1 57  ? 5.532   3.058   0.461   1.00 5.85  ? 57  GLN A CB  1 
ATOM   451  C  CG  . GLN A 1 57  ? 6.608   2.211   -0.210  1.00 5.88  ? 57  GLN A CG  1 
ATOM   452  C  CD  . GLN A 1 57  ? 7.807   2.074   0.705   1.00 6.53  ? 57  GLN A CD  1 
ATOM   453  O  OE1 . GLN A 1 57  ? 8.674   2.970   0.748   1.00 7.54  ? 57  GLN A OE1 1 
ATOM   454  N  NE2 . GLN A 1 57  ? 7.876   1.008   1.464   1.00 6.52  ? 57  GLN A NE2 1 
ATOM   455  N  N   . ILE A 1 58  ? 3.410   2.583   3.479   1.00 5.27  ? 58  ILE A N   1 
ATOM   456  C  CA  . ILE A 1 58  ? 2.526   3.257   4.452   1.00 5.69  ? 58  ILE A CA  1 
ATOM   457  C  C   . ILE A 1 58  ? 3.364   3.954   5.488   1.00 5.41  ? 58  ILE A C   1 
ATOM   458  O  O   . ILE A 1 58  ? 4.327   3.382   6.039   1.00 5.89  ? 58  ILE A O   1 
ATOM   459  C  CB  . ILE A 1 58  ? 1.566   2.215   5.065   1.00 6.54  ? 58  ILE A CB  1 
ATOM   460  C  CG1 . ILE A 1 58  ? 0.588   1.803   3.979   1.00 7.07  ? 58  ILE A CG1 1 
ATOM   461  C  CG2 . ILE A 1 58  ? 0.921   2.749   6.325   1.00 7.15  ? 58  ILE A CG2 1 
ATOM   462  C  CD1 . ILE A 1 58  ? -0.339  0.641   4.345   1.00 9.17  ? 58  ILE A CD1 1 
ATOM   463  N  N   . ASN A 1 59  ? 3.039   5.193   5.805   1.00 5.85  ? 59  ASN A N   1 
ATOM   464  C  CA  . ASN A 1 59  ? 3.912   6.046   6.605   1.00 6.66  ? 59  ASN A CA  1 
ATOM   465  C  C   . ASN A 1 59  ? 3.601   6.123   8.084   1.00 6.31  ? 59  ASN A C   1 
ATOM   466  O  O   . ASN A 1 59  ? 2.443   5.973   8.522   1.00 8.07  ? 59  ASN A O   1 
ATOM   467  C  CB  . ASN A 1 59  ? 3.869   7.435   5.951   1.00 9.23  ? 59  ASN A CB  1 
ATOM   468  C  CG  A ASN A 1 59  ? 4.547   8.515   6.461   0.50 7.75  ? 59  ASN A CG  1 
ATOM   469  C  CG  B ASN A 1 59  ? 2.790   8.266   6.369   0.50 6.35  ? 59  ASN A CG  1 
ATOM   470  O  OD1 A ASN A 1 59  ? 4.075   9.315   7.303   0.50 10.04 ? 59  ASN A OD1 1 
ATOM   471  O  OD1 B ASN A 1 59  ? 2.532   8.662   7.527   0.50 6.79  ? 59  ASN A OD1 1 
ATOM   472  N  ND2 A ASN A 1 59  ? 5.709   8.609   6.006   0.50 10.22 ? 59  ASN A ND2 1 
ATOM   473  N  ND2 B ASN A 1 59  ? 2.011   8.456   5.372   0.50 6.33  ? 59  ASN A ND2 1 
ATOM   474  N  N   . SER A 1 60  ? 4.662   6.321   8.860   1.00 5.71  ? 60  SER A N   1 
ATOM   475  C  CA  . SER A 1 60  ? 4.569   6.383   10.305  1.00 6.58  ? 60  SER A CA  1 
ATOM   476  C  C   . SER A 1 60  ? 4.067   7.711   10.853  1.00 6.41  ? 60  SER A C   1 
ATOM   477  O  O   . SER A 1 60  ? 3.849   7.772   12.093  1.00 7.96  ? 60  SER A O   1 
ATOM   478  C  CB  . SER A 1 60  ? 5.955   6.072   10.877  1.00 6.99  ? 60  SER A CB  1 
ATOM   479  O  OG  . SER A 1 60  ? 6.875   7.088   10.458  1.00 7.09  ? 60  SER A OG  1 
ATOM   480  N  N   . ARG A 1 61  ? 3.864   8.725   10.049  1.00 6.86  ? 61  ARG A N   1 
ATOM   481  C  CA  . ARG A 1 61  ? 3.347   9.983   10.585  1.00 8.32  ? 61  ARG A CA  1 
ATOM   482  C  C   . ARG A 1 61  ? 1.976   9.816   11.082  1.00 8.07  ? 61  ARG A C   1 
ATOM   483  O  O   . ARG A 1 61  ? 1.573   10.399  12.114  1.00 9.37  ? 61  ARG A O   1 
ATOM   484  C  CB  . ARG A 1 61  ? 3.369   11.062  9.531   1.00 10.49 ? 61  ARG A CB  1 
ATOM   485  C  CG  . ARG A 1 61  ? 2.800   12.400  9.832   1.00 20.42 ? 61  ARG A CG  1 
ATOM   486  C  CD  . ARG A 1 61  ? 3.599   13.208  10.723  1.00 24.59 ? 61  ARG A CD  1 
ATOM   487  N  NE  . ARG A 1 61  ? 2.790   14.428  11.008  1.00 31.75 ? 61  ARG A NE  1 
ATOM   488  C  CZ  . ARG A 1 61  ? 1.644   14.510  11.748  1.00 35.51 ? 61  ARG A CZ  1 
ATOM   489  N  NH1 . ARG A 1 61  ? 1.008   13.460  12.358  1.00 29.20 ? 61  ARG A NH1 1 
ATOM   490  N  NH2 . ARG A 1 61  ? 1.105   15.723  11.877  1.00 34.00 ? 61  ARG A NH2 1 
ATOM   491  N  N   . TRP A 1 62  ? 1.148   9.031   10.380  1.00 8.08  ? 62  TRP A N   1 
ATOM   492  C  CA  . TRP A 1 62  ? -0.261  8.827   10.786  1.00 8.63  ? 62  TRP A CA  1 
ATOM   493  C  C   . TRP A 1 62  ? -0.597  7.453   11.124  1.00 8.22  ? 62  TRP A C   1 
ATOM   494  O  O   . TRP A 1 62  ? -1.517  7.205   11.883  1.00 9.04  ? 62  TRP A O   1 
ATOM   495  C  CB  . TRP A 1 62  ? -1.200  9.292   9.673   1.00 9.40  ? 62  TRP A CB  1 
ATOM   496  C  CG  . TRP A 1 62  ? -1.120  10.749  9.387   1.00 13.18 ? 62  TRP A CG  1 
ATOM   497  C  CD1 . TRP A 1 62  ? -0.437  11.378  8.397   1.00 15.14 ? 62  TRP A CD1 1 
ATOM   498  C  CD2 . TRP A 1 62  ? -1.662  11.757  10.198  1.00 18.14 ? 62  TRP A CD2 1 
ATOM   499  N  NE1 . TRP A 1 62  ? -0.572  12.764  8.500   1.00 20.01 ? 62  TRP A NE1 1 
ATOM   500  C  CE2 . TRP A 1 62  ? -1.362  12.991  9.601   1.00 17.34 ? 62  TRP A CE2 1 
ATOM   501  C  CE3 . TRP A 1 62  ? -2.410  11.709  11.351  1.00 17.15 ? 62  TRP A CE3 1 
ATOM   502  C  CZ2 . TRP A 1 62  ? -1.841  14.211  10.161  1.00 24.92 ? 62  TRP A CZ2 1 
ATOM   503  C  CZ3 . TRP A 1 62  ? -2.917  12.944  11.904  1.00 24.86 ? 62  TRP A CZ3 1 
ATOM   504  C  CH2 . TRP A 1 62  ? -2.597  14.142  11.295  1.00 22.76 ? 62  TRP A CH2 1 
ATOM   505  N  N   . TRP A 1 63  ? 0.005   6.402   10.460  1.00 7.00  ? 63  TRP A N   1 
ATOM   506  C  CA  . TRP A 1 63  ? -0.659  5.167   10.293  1.00 7.18  ? 63  TRP A CA  1 
ATOM   507  C  C   . TRP A 1 63  ? -0.173  3.993   11.138  1.00 6.86  ? 63  TRP A C   1 
ATOM   508  O  O   . TRP A 1 63  ? -0.894  3.067   11.380  1.00 8.09  ? 63  TRP A O   1 
ATOM   509  C  CB  . TRP A 1 63  ? -0.694  4.750   8.792   1.00 6.48  ? 63  TRP A CB  1 
ATOM   510  C  CG  . TRP A 1 63  ? -1.328  5.823   7.984   1.00 7.38  ? 63  TRP A CG  1 
ATOM   511  C  CD1 . TRP A 1 63  ? -0.710  6.629   7.122   1.00 8.53  ? 63  TRP A CD1 1 
ATOM   512  C  CD2 . TRP A 1 63  ? -2.708  6.244   8.020   1.00 7.91  ? 63  TRP A CD2 1 
ATOM   513  N  NE1 . TRP A 1 63  ? -1.608  7.532   6.606   1.00 8.87  ? 63  TRP A NE1 1 
ATOM   514  C  CE2 . TRP A 1 63  ? -2.817  7.318   7.158   1.00 8.69  ? 63  TRP A CE2 1 
ATOM   515  C  CE3 . TRP A 1 63  ? -3.825  5.777   8.653   1.00 9.22  ? 63  TRP A CE3 1 
ATOM   516  C  CZ2 . TRP A 1 63  ? -4.081  7.938   6.922   1.00 9.51  ? 63  TRP A CZ2 1 
ATOM   517  C  CZ3 . TRP A 1 63  ? -5.073  6.409   8.383   1.00 10.01 ? 63  TRP A CZ3 1 
ATOM   518  C  CH2 . TRP A 1 63  ? -5.114  7.471   7.568   1.00 11.28 ? 63  TRP A CH2 1 
ATOM   519  N  N   . CYS A 1 64  ? 1.128   4.021   11.538  1.00 6.83  ? 64  CYS A N   1 
ATOM   520  C  CA  . CYS A 1 64  ? 1.710   2.961   12.288  1.00 7.05  ? 64  CYS A CA  1 
ATOM   521  C  C   . CYS A 1 64  ? 2.718   3.561   13.297  1.00 6.44  ? 64  CYS A C   1 
ATOM   522  O  O   . CYS A 1 64  ? 3.141   4.645   13.145  1.00 6.61  ? 64  CYS A O   1 
ATOM   523  C  CB  . CYS A 1 64  ? 2.376   1.893   11.389  1.00 7.45  ? 64  CYS A CB  1 
ATOM   524  S  SG  . CYS A 1 64  ? 3.762   2.530   10.381  1.00 6.91  ? 64  CYS A SG  1 
ATOM   525  N  N   . ASN A 1 65  ? 3.037   2.723   14.303  1.00 6.73  ? 65  ASN A N   1 
ATOM   526  C  CA  . ASN A 1 65  ? 4.014   3.118   15.300  1.00 6.99  ? 65  ASN A CA  1 
ATOM   527  C  C   . ASN A 1 65  ? 5.390   2.472   15.048  1.00 6.05  ? 65  ASN A C   1 
ATOM   528  O  O   . ASN A 1 65  ? 5.529   1.290   14.995  1.00 6.68  ? 65  ASN A O   1 
ATOM   529  C  CB  . ASN A 1 65  ? 3.591   2.755   16.713  1.00 7.64  ? 65  ASN A CB  1 
ATOM   530  C  CG  . ASN A 1 65  ? 4.682   3.194   17.682  1.00 7.92  ? 65  ASN A CG  1 
ATOM   531  O  OD1 . ASN A 1 65  ? 5.021   4.301   17.737  1.00 8.71  ? 65  ASN A OD1 1 
ATOM   532  N  ND2 . ASN A 1 65  ? 5.164   2.198   18.395  1.00 9.97  ? 65  ASN A ND2 1 
ATOM   533  N  N   . ASP A 1 66  ? 6.388   3.345   14.951  1.00 6.36  ? 66  ASP A N   1 
ATOM   534  C  CA  . ASP A 1 66  ? 7.789   2.927   14.914  1.00 6.15  ? 66  ASP A CA  1 
ATOM   535  C  C   . ASP A 1 66  ? 8.581   3.488   16.042  1.00 6.64  ? 66  ASP A C   1 
ATOM   536  O  O   . ASP A 1 66  ? 9.825   3.223   16.091  1.00 7.49  ? 66  ASP A O   1 
ATOM   537  C  CB  . ASP A 1 66  ? 8.441   3.218   13.552  1.00 6.74  ? 66  ASP A CB  1 
ATOM   538  C  CG  . ASP A 1 66  ? 8.574   4.655   13.147  1.00 6.11  ? 66  ASP A CG  1 
ATOM   539  O  OD1 . ASP A 1 66  ? 8.348   5.603   14.005  1.00 6.32  ? 66  ASP A OD1 1 
ATOM   540  O  OD2 . ASP A 1 66  ? 8.915   4.897   11.959  1.00 5.95  ? 66  ASP A OD2 1 
ATOM   541  N  N   . GLY A 1 67  ? 8.016   4.265   16.971  1.00 7.07  ? 67  GLY A N   1 
ATOM   542  C  CA  . GLY A 1 67  ? 8.780   4.831   18.107  1.00 7.90  ? 67  GLY A CA  1 
ATOM   543  C  C   . GLY A 1 67  ? 9.717   5.911   17.761  1.00 7.33  ? 67  GLY A C   1 
ATOM   544  O  O   . GLY A 1 67  ? 10.448  6.357   18.706  1.00 9.54  ? 67  GLY A O   1 
ATOM   545  N  N   . ARG A 1 68  ? 9.865   6.332   16.526  1.00 7.62  ? 68  ARG A N   1 
ATOM   546  C  CA  . ARG A 1 68  ? 10.881  7.274   16.136  1.00 8.33  ? 68  ARG A CA  1 
ATOM   547  C  C   . ARG A 1 68  ? 10.345  8.369   15.189  1.00 7.96  ? 68  ARG A C   1 
ATOM   548  O  O   . ARG A 1 68  ? 11.086  8.958   14.408  1.00 10.55 ? 68  ARG A O   1 
ATOM   549  C  CB  . ARG A 1 68  ? 12.118  6.600   15.547  1.00 8.19  ? 68  ARG A CB  1 
ATOM   550  C  CG  . ARG A 1 68  ? 11.838  5.751   14.309  1.00 8.78  ? 68  ARG A CG  1 
ATOM   551  C  CD  . ARG A 1 68  ? 13.028  5.646   13.434  1.00 9.31  ? 68  ARG A CD  1 
ATOM   552  N  NE  A ARG A 1 68  ? 12.923  5.602   12.179  0.50 10.51 ? 68  ARG A NE  1 
ATOM   553  N  NE  B ARG A 1 68  ? 13.025  6.809   12.502  0.50 6.06  ? 68  ARG A NE  1 
ATOM   554  C  CZ  A ARG A 1 68  ? 13.880  5.102   11.427  0.50 9.65  ? 68  ARG A CZ  1 
ATOM   555  C  CZ  B ARG A 1 68  ? 14.035  7.660   12.374  0.50 5.70  ? 68  ARG A CZ  1 
ATOM   556  N  NH1 A ARG A 1 68  ? 15.017  4.687   11.928  0.50 9.67  ? 68  ARG A NH1 1 
ATOM   557  N  NH1 B ARG A 1 68  ? 15.278  7.363   12.822  0.50 6.55  ? 68  ARG A NH1 1 
ATOM   558  N  NH2 A ARG A 1 68  ? 13.675  4.973   10.152  0.50 9.35  ? 68  ARG A NH2 1 
ATOM   559  N  NH2 B ARG A 1 68  ? 13.801  8.869   11.776  0.50 7.10  ? 68  ARG A NH2 1 
ATOM   560  N  N   . THR A 1 69  ? 9.024   8.661   15.309  1.00 7.45  ? 69  THR A N   1 
ATOM   561  C  CA  . THR A 1 69  ? 8.418   9.707   14.512  1.00 7.28  ? 69  THR A CA  1 
ATOM   562  C  C   . THR A 1 69  ? 7.687   10.691  15.457  1.00 7.66  ? 69  THR A C   1 
ATOM   563  O  O   . THR A 1 69  ? 6.508   10.552  15.706  1.00 8.38  ? 69  THR A O   1 
ATOM   564  C  CB  . THR A 1 69  ? 7.458   9.144   13.452  1.00 6.99  ? 69  THR A CB  1 
ATOM   565  O  OG1 . THR A 1 69  ? 8.160   8.089   12.704  1.00 7.09  ? 69  THR A OG1 1 
ATOM   566  C  CG2 . THR A 1 69  ? 7.100   10.185  12.457  1.00 7.93  ? 69  THR A CG2 1 
ATOM   567  N  N   . PRO A 1 70  ? 8.401   11.654  16.012  1.00 8.60  ? 70  PRO A N   1 
ATOM   568  C  CA  . PRO A 1 70  ? 7.812   12.527  17.055  1.00 8.24  ? 70  PRO A CA  1 
ATOM   569  C  C   . PRO A 1 70  ? 6.544   13.129  16.611  1.00 9.23  ? 70  PRO A C   1 
ATOM   570  O  O   . PRO A 1 70  ? 6.490   13.749  15.525  1.00 12.38 ? 70  PRO A O   1 
ATOM   571  C  CB  . PRO A 1 70  ? 8.929   13.534  17.378  1.00 10.61 ? 70  PRO A CB  1 
ATOM   572  C  CG  . PRO A 1 70  ? 10.185  12.794  17.098  1.00 11.30 ? 70  PRO A CG  1 
ATOM   573  C  CD  . PRO A 1 70  ? 9.852   11.878  15.908  1.00 11.06 ? 70  PRO A CD  1 
ATOM   574  N  N   . GLY A 1 71  ? 5.529   13.145  17.492  1.00 9.05  ? 71  GLY A N   1 
ATOM   575  C  CA  . GLY A 1 71  ? 4.249   13.755  17.244  1.00 10.60 ? 71  GLY A CA  1 
ATOM   576  C  C   . GLY A 1 71  ? 3.302   12.938  16.480  1.00 10.33 ? 71  GLY A C   1 
ATOM   577  O  O   . GLY A 1 71  ? 2.155   13.353  16.182  1.00 12.97 ? 71  GLY A O   1 
ATOM   578  N  N   . SER A 1 72  ? 3.736   11.788  16.006  1.00 9.44  ? 72  SER A N   1 
ATOM   579  C  CA  . SER A 1 72  ? 2.912   10.991  15.032  1.00 8.76  ? 72  SER A CA  1 
ATOM   580  C  C   . SER A 1 72  ? 1.830   10.260  15.719  1.00 10.34 ? 72  SER A C   1 
ATOM   581  O  O   . SER A 1 72  ? 1.748   10.114  17.004  1.00 10.78 ? 72  SER A O   1 
ATOM   582  C  CB  . SER A 1 72  ? 3.868   10.009  14.353  1.00 8.44  ? 72  SER A CB  1 
ATOM   583  O  OG  . SER A 1 72  ? 4.268   8.977   15.178  1.00 9.42  ? 72  SER A OG  1 
ATOM   584  N  N   . ARG A 1 73  ? 0.900   9.714   14.915  1.00 10.03 ? 73  ARG A N   1 
ATOM   585  C  CA  . ARG A 1 73  ? -0.161  8.861   15.318  1.00 9.55  ? 73  ARG A CA  1 
ATOM   586  C  C   . ARG A 1 73  ? 0.032   7.413   14.839  1.00 9.15  ? 73  ARG A C   1 
ATOM   587  O  O   . ARG A 1 73  ? 1.042   7.143   14.085  1.00 9.65  ? 73  ARG A O   1 
ATOM   588  C  CB  . ARG A 1 73  ? -1.497  9.393   14.846  1.00 10.29 ? 73  ARG A CB  1 
ATOM   589  C  CG  . ARG A 1 73  ? -1.840  10.745  15.401  1.00 12.99 ? 73  ARG A CG  1 
ATOM   590  C  CD  . ARG A 1 73  ? -2.211  10.788  16.876  1.00 15.58 ? 73  ARG A CD  1 
ATOM   591  N  NE  . ARG A 1 73  ? -3.546  10.314  17.079  1.00 18.22 ? 73  ARG A NE  1 
ATOM   592  C  CZ  . ARG A 1 73  ? -4.646  11.075  16.837  1.00 14.61 ? 73  ARG A CZ  1 
ATOM   593  N  NH1 . ARG A 1 73  ? -4.552  12.304  16.542  1.00 17.85 ? 73  ARG A NH1 1 
ATOM   594  N  NH2 . ARG A 1 73  ? -5.741  10.492  16.967  1.00 19.50 ? 73  ARG A NH2 1 
ATOM   595  N  N   . ASN A 1 74  ? -0.779  6.577   15.239  1.00 9.62  ? 74  ASN A N   1 
ATOM   596  C  CA  . ASN A 1 74  ? -0.793  5.100   14.897  1.00 9.25  ? 74  ASN A CA  1 
ATOM   597  C  C   . ASN A 1 74  ? -2.257  4.686   14.641  1.00 9.71  ? 74  ASN A C   1 
ATOM   598  O  O   . ASN A 1 74  ? -2.851  3.910   15.350  1.00 10.49 ? 74  ASN A O   1 
ATOM   599  C  CB  . ASN A 1 74  ? -0.150  4.266   15.993  1.00 10.22 ? 74  ASN A CB  1 
ATOM   600  C  CG  . ASN A 1 74  ? -0.176  2.845   15.747  1.00 9.03  ? 74  ASN A CG  1 
ATOM   601  O  OD1 . ASN A 1 74  ? -0.457  2.342   14.651  1.00 8.90  ? 74  ASN A OD1 1 
ATOM   602  N  ND2 . ASN A 1 74  ? 0.150   2.070   16.785  1.00 10.56 ? 74  ASN A ND2 1 
ATOM   603  N  N   . LEU A 1 75  ? -2.828  5.236   13.554  1.00 9.42  ? 75  LEU A N   1 
ATOM   604  C  CA  . LEU A 1 75  ? -4.278  5.053   13.306  1.00 10.82 ? 75  LEU A CA  1 
ATOM   605  C  C   . LEU A 1 75  ? -4.575  3.685   12.909  1.00 9.96  ? 75  LEU A C   1 
ATOM   606  O  O   . LEU A 1 75  ? -5.752  3.226   13.053  1.00 12.46 ? 75  LEU A O   1 
ATOM   607  C  CB  . LEU A 1 75  ? -4.762  6.132   12.290  1.00 11.53 ? 75  LEU A CB  1 
ATOM   608  C  CG  . LEU A 1 75  ? -4.665  7.572   12.829  1.00 12.91 ? 75  LEU A CG  1 
ATOM   609  C  CD1 . LEU A 1 75  ? -5.056  8.461   11.642  1.00 15.25 ? 75  LEU A CD1 1 
ATOM   610  C  CD2 . LEU A 1 75  ? -5.650  7.785   13.967  1.00 16.56 ? 75  LEU A CD2 1 
ATOM   611  N  N   . CYS A 1 76  ? -3.649  2.856   12.321  1.00 9.35  ? 76  CYS A N   1 
ATOM   612  C  CA  . CYS A 1 76  ? -3.922  1.509   12.048  1.00 10.04 ? 76  CYS A CA  1 
ATOM   613  C  C   . CYS A 1 76  ? -3.708  0.503   13.261  1.00 9.49  ? 76  CYS A C   1 
ATOM   614  O  O   . CYS A 1 76  ? -3.928  -0.662  13.125  1.00 10.83 ? 76  CYS A O   1 
ATOM   615  C  CB  . CYS A 1 76  ? -3.103  1.011   10.820  1.00 8.55  ? 76  CYS A CB  1 
ATOM   616  S  SG  . CYS A 1 76  ? -3.661  1.927   9.353   1.00 9.00  ? 76  CYS A SG  1 
ATOM   617  N  N   . ASN A 1 77  ? -3.203  1.110   14.330  1.00 9.65  ? 77  ASN A N   1 
ATOM   618  C  CA  . ASN A 1 77  ? -3.010  0.356   15.592  1.00 10.23 ? 77  ASN A CA  1 
ATOM   619  C  C   . ASN A 1 77  ? -2.113  -0.828  15.380  1.00 10.06 ? 77  ASN A C   1 
ATOM   620  O  O   . ASN A 1 77  ? -2.361  -1.912  15.856  1.00 11.68 ? 77  ASN A O   1 
ATOM   621  C  CB  . ASN A 1 77  ? -4.343  -0.085  16.187  1.00 11.64 ? 77  ASN A CB  1 
ATOM   622  C  CG  . ASN A 1 77  ? -5.290  1.051   16.340  1.00 17.42 ? 77  ASN A CG  1 
ATOM   623  O  OD1 . ASN A 1 77  ? -6.373  1.125   15.657  1.00 26.17 ? 77  ASN A OD1 1 
ATOM   624  N  ND2 . ASN A 1 77  ? -4.926  1.975   17.073  1.00 19.87 ? 77  ASN A ND2 1 
ATOM   625  N  N   . ILE A 1 78  ? -0.937  -0.568  14.748  1.00 9.35  ? 78  ILE A N   1 
ATOM   626  C  CA  . ILE A 1 78  ? 0.044   -1.610  14.467  1.00 9.01  ? 78  ILE A CA  1 
ATOM   627  C  C   . ILE A 1 78  ? 1.444   -1.073  14.622  1.00 8.10  ? 78  ILE A C   1 
ATOM   628  O  O   . ILE A 1 78  ? 1.695   0.072   14.356  1.00 8.29  ? 78  ILE A O   1 
ATOM   629  C  CB  . ILE A 1 78  ? -0.110  -2.195  13.044  1.00 9.22  ? 78  ILE A CB  1 
ATOM   630  C  CG1 . ILE A 1 78  ? -0.187  -1.082  12.016  1.00 10.57 ? 78  ILE A CG1 1 
ATOM   631  C  CG2 . ILE A 1 78  ? -1.298  -3.062  12.901  1.00 11.28 ? 78  ILE A CG2 1 
ATOM   632  C  CD1 . ILE A 1 78  ? -0.008  -1.473  10.557  1.00 11.40 ? 78  ILE A CD1 1 
ATOM   633  N  N   . PRO A 1 79  ? 2.402   -1.944  14.970  1.00 7.99  ? 79  PRO A N   1 
ATOM   634  C  CA  . PRO A 1 79  ? 3.787   -1.573  14.764  1.00 7.09  ? 79  PRO A CA  1 
ATOM   635  C  C   . PRO A 1 79  ? 4.048   -1.495  13.270  1.00 6.65  ? 79  PRO A C   1 
ATOM   636  O  O   . PRO A 1 79  ? 3.564   -2.307  12.509  1.00 7.62  ? 79  PRO A O   1 
ATOM   637  C  CB  . PRO A 1 79  ? 4.573   -2.732  15.417  1.00 8.67  ? 79  PRO A CB  1 
ATOM   638  C  CG  . PRO A 1 79  ? 3.675   -3.864  15.223  1.00 10.36 ? 79  PRO A CG  1 
ATOM   639  C  CD  . PRO A 1 79  ? 2.265   -3.354  15.390  1.00 9.90  ? 79  PRO A CD  1 
ATOM   640  N  N   . CYS A 1 80  ? 4.878   -0.539  12.878  1.00 6.27  ? 80  CYS A N   1 
ATOM   641  C  CA  . CYS A 1 80  ? 5.209   -0.436  11.468  1.00 6.15  ? 80  CYS A CA  1 
ATOM   642  C  C   . CYS A 1 80  ? 5.838   -1.701  10.937  1.00 6.25  ? 80  CYS A C   1 
ATOM   643  O  O   . CYS A 1 80  ? 5.681   -2.019  9.756   1.00 6.65  ? 80  CYS A O   1 
ATOM   644  C  CB  . CYS A 1 80  ? 6.111   0.777   11.208  1.00 6.01  ? 80  CYS A CB  1 
ATOM   645  S  SG  . CYS A 1 80  ? 5.384   2.379   11.649  1.00 6.64  ? 80  CYS A SG  1 
ATOM   646  N  N   . SER A 1 81  ? 6.569   -2.423  11.779  1.00 6.63  ? 81  SER A N   1 
ATOM   647  C  CA  . SER A 1 81  ? 7.150   -3.692  11.335  1.00 7.49  ? 81  SER A CA  1 
ATOM   648  C  C   . SER A 1 81  ? 6.123   -4.686  10.795  1.00 7.29  ? 81  SER A C   1 
ATOM   649  O  O   . SER A 1 81  ? 6.480   -5.537  9.959   1.00 8.26  ? 81  SER A O   1 
ATOM   650  C  CB  . SER A 1 81  ? 7.899   -4.381  12.490  1.00 8.37  ? 81  SER A CB  1 
ATOM   651  O  OG  . SER A 1 81  ? 7.066   -4.632  13.580  1.00 8.85  ? 81  SER A OG  1 
ATOM   652  N  N   . ALA A 1 82  ? 4.890   -4.604  11.237  1.00 7.39  ? 82  ALA A N   1 
ATOM   653  C  CA  . ALA A 1 82  ? 3.873   -5.472  10.718  1.00 8.25  ? 82  ALA A CA  1 
ATOM   654  C  C   . ALA A 1 82  ? 3.645   -5.306  9.267   1.00 7.42  ? 82  ALA A C   1 
ATOM   655  O  O   . ALA A 1 82  ? 3.119   -6.246  8.559   1.00 9.60  ? 82  ALA A O   1 
ATOM   656  C  CB  . ALA A 1 82  ? 2.564   -5.307  11.472  1.00 9.72  ? 82  ALA A CB  1 
ATOM   657  N  N   . LEU A 1 83  ? 3.955   -4.139  8.738   1.00 7.13  ? 83  LEU A N   1 
ATOM   658  C  CA  . LEU A 1 83  ? 3.806   -3.826  7.299   1.00 7.14  ? 83  LEU A CA  1 
ATOM   659  C  C   . LEU A 1 83  ? 4.885   -4.412  6.492   1.00 6.46  ? 83  LEU A C   1 
ATOM   660  O  O   . LEU A 1 83  ? 4.869   -4.302  5.259   1.00 8.73  ? 83  LEU A O   1 
ATOM   661  C  CB  . LEU A 1 83  ? 3.752   -2.334  7.132   1.00 7.40  ? 83  LEU A CB  1 
ATOM   662  C  CG  . LEU A 1 83  ? 2.646   -1.576  7.846   1.00 8.22  ? 83  LEU A CG  1 
ATOM   663  C  CD1 . LEU A 1 83  ? 2.875   -0.079  7.879   1.00 8.88  ? 83  LEU A CD1 1 
ATOM   664  C  CD2 . LEU A 1 83  ? 1.307   -1.952  7.220   1.00 8.80  ? 83  LEU A CD2 1 
ATOM   665  N  N   . LEU A 1 84  ? 5.913   -5.101  7.085   1.00 6.96  ? 84  LEU A N   1 
ATOM   666  C  CA  . LEU A 1 84  ? 6.980   -5.707  6.327   1.00 6.89  ? 84  LEU A CA  1 
ATOM   667  C  C   . LEU A 1 84  ? 6.825   -7.211  6.176   1.00 7.87  ? 84  LEU A C   1 
ATOM   668  O  O   . LEU A 1 84  ? 7.661   -7.839  5.446   1.00 8.15  ? 84  LEU A O   1 
ATOM   669  C  CB  . LEU A 1 84  ? 8.360   -5.426  6.961   1.00 7.92  ? 84  LEU A CB  1 
ATOM   670  C  CG  . LEU A 1 84  ? 8.625   -3.904  7.173   1.00 7.88  ? 84  LEU A CG  1 
ATOM   671  C  CD1 . LEU A 1 84  ? 10.057  -3.760  7.683   1.00 11.81 ? 84  LEU A CD1 1 
ATOM   672  C  CD2 . LEU A 1 84  ? 8.544   -3.101  5.891   1.00 7.49  ? 84  LEU A CD2 1 
ATOM   673  N  N   . SER A 1 85  ? 5.803   -7.777  6.752   1.00 8.16  ? 85  SER A N   1 
ATOM   674  C  CA  . SER A 1 85  ? 5.579   -9.183  6.734   1.00 8.68  ? 85  SER A CA  1 
ATOM   675  C  C   . SER A 1 85  ? 5.343   -9.752  5.381   1.00 8.52  ? 85  SER A C   1 
ATOM   676  O  O   . SER A 1 85  ? 4.856   -9.095  4.442   1.00 9.37  ? 85  SER A O   1 
ATOM   677  C  CB  A SER A 1 85  ? 4.278   -9.437  7.541   0.50 7.48  ? 85  SER A CB  1 
ATOM   678  C  CB  B SER A 1 85  ? 4.455   -9.535  7.640   0.50 11.29 ? 85  SER A CB  1 
ATOM   679  O  OG  A SER A 1 85  ? 4.004   -10.876 7.592   0.50 7.22  ? 85  SER A OG  1 
ATOM   680  O  OG  B SER A 1 85  ? 3.323   -8.744  7.502   0.50 19.21 ? 85  SER A OG  1 
ATOM   681  N  N   . SER A 1 86  ? 5.673   -11.025 5.175   1.00 9.34  ? 86  SER A N   1 
ATOM   682  C  CA  . SER A 1 86  ? 5.337   -11.699 3.920   1.00 9.83  ? 86  SER A CA  1 
ATOM   683  C  C   . SER A 1 86  ? 3.798   -11.786 3.742   1.00 10.13 ? 86  SER A C   1 
ATOM   684  O  O   . SER A 1 86  ? 3.361   -11.970 2.646   1.00 12.28 ? 86  SER A O   1 
ATOM   685  C  CB  . SER A 1 86  ? 5.956   -13.080 3.909   1.00 11.66 ? 86  SER A CB  1 
ATOM   686  O  OG  . SER A 1 86  ? 5.583   -13.838 4.982   1.00 14.33 ? 86  SER A OG  1 
ATOM   687  N  N   . ASP A 1 87  ? 3.070   -11.792 4.783   1.00 9.84  ? 87  ASP A N   1 
ATOM   688  C  CA  . ASP A 1 87  ? 1.598   -11.780 4.842   1.00 10.15 ? 87  ASP A CA  1 
ATOM   689  C  C   . ASP A 1 87  ? 1.126   -10.358 4.766   1.00 8.82  ? 87  ASP A C   1 
ATOM   690  O  O   . ASP A 1 87  ? 1.446   -9.557  5.634   1.00 10.03 ? 87  ASP A O   1 
ATOM   691  C  CB  . ASP A 1 87  ? 1.147   -12.429 6.185   1.00 12.21 ? 87  ASP A CB  1 
ATOM   692  C  CG  . ASP A 1 87  ? -0.340  -12.486 6.370   1.00 15.35 ? 87  ASP A CG  1 
ATOM   693  O  OD1 . ASP A 1 87  ? -1.106  -11.739 5.839   1.00 14.56 ? 87  ASP A OD1 1 
ATOM   694  O  OD2 . ASP A 1 87  ? -0.787  -13.425 7.171   1.00 23.89 ? 87  ASP A OD2 1 
ATOM   695  N  N   . ILE A 1 88  ? 0.344   -10.037 3.731   1.00 9.06  ? 88  ILE A N   1 
ATOM   696  C  CA  . ILE A 1 88  ? -0.026  -8.623  3.482   1.00 8.21  ? 88  ILE A CA  1 
ATOM   697  C  C   . ILE A 1 88  ? -1.227  -8.190  4.214   1.00 7.73  ? 88  ILE A C   1 
ATOM   698  O  O   . ILE A 1 88  ? -1.679  -7.038  4.034   1.00 7.95  ? 88  ILE A O   1 
ATOM   699  C  CB  . ILE A 1 88  ? -0.211  -8.336  1.997   1.00 9.17  ? 88  ILE A CB  1 
ATOM   700  C  CG1 . ILE A 1 88  ? -1.447  -9.033  1.370   1.00 10.08 ? 88  ILE A CG1 1 
ATOM   701  C  CG2 . ILE A 1 88  ? 1.051   -8.693  1.214   1.00 11.09 ? 88  ILE A CG2 1 
ATOM   702  C  CD1 . ILE A 1 88  ? -1.820  -8.542  -0.026  1.00 11.21 ? 88  ILE A CD1 1 
ATOM   703  N  N   . THR A 1 89  ? -1.773  -8.993  5.130   1.00 8.72  ? 89  THR A N   1 
ATOM   704  C  CA  . THR A 1 89  ? -2.989  -8.628  5.829   1.00 9.75  ? 89  THR A CA  1 
ATOM   705  C  C   . THR A 1 89  ? -2.904  -7.251  6.490   1.00 9.22  ? 89  THR A C   1 
ATOM   706  O  O   . THR A 1 89  ? -3.793  -6.416  6.315   1.00 9.57  ? 89  THR A O   1 
ATOM   707  C  CB  . THR A 1 89  ? -3.358  -9.676  6.931   1.00 10.81 ? 89  THR A CB  1 
ATOM   708  O  OG1 . THR A 1 89  ? -3.534  -10.961 6.316   1.00 12.71 ? 89  THR A OG1 1 
ATOM   709  C  CG2 . THR A 1 89  ? -4.613  -9.345  7.600   1.00 13.58 ? 89  THR A CG2 1 
ATOM   710  N  N   . ALA A 1 90  ? -1.838  -6.993  7.242   1.00 8.53  ? 90  ALA A N   1 
ATOM   711  C  CA  . ALA A 1 90  ? -1.785  -5.716  7.945   1.00 8.76  ? 90  ALA A CA  1 
ATOM   712  C  C   . ALA A 1 90  ? -1.678  -4.562  6.938   1.00 8.06  ? 90  ALA A C   1 
ATOM   713  O  O   . ALA A 1 90  ? -2.353  -3.518  7.145   1.00 8.63  ? 90  ALA A O   1 
ATOM   714  C  CB  . ALA A 1 90  ? -0.645  -5.680  8.940   1.00 9.40  ? 90  ALA A CB  1 
ATOM   715  N  N   . SER A 1 91  ? -0.921  -4.674  5.891   1.00 7.11  ? 91  SER A N   1 
ATOM   716  C  CA  . SER A 1 91  ? -0.839  -3.615  4.894   1.00 6.92  ? 91  SER A CA  1 
ATOM   717  C  C   . SER A 1 91  ? -2.199  -3.383  4.251   1.00 6.78  ? 91  SER A C   1 
ATOM   718  O  O   . SER A 1 91  ? -2.575  -2.230  4.012   1.00 7.06  ? 91  SER A O   1 
ATOM   719  C  CB  . SER A 1 91  ? 0.175   -3.924  3.825   1.00 7.33  ? 91  SER A CB  1 
ATOM   720  O  OG  . SER A 1 91  ? 1.492   -3.675  4.292   1.00 7.39  ? 91  SER A OG  1 
ATOM   721  N  N   . VAL A 1 92  ? -2.936  -4.451  3.906   1.00 7.34  ? 92  VAL A N   1 
ATOM   722  C  CA  . VAL A 1 92  ? -4.243  -4.262  3.290   1.00 7.76  ? 92  VAL A CA  1 
ATOM   723  C  C   . VAL A 1 92  ? -5.195  -3.598  4.223   1.00 7.97  ? 92  VAL A C   1 
ATOM   724  O  O   . VAL A 1 92  ? -5.922  -2.652  3.848   1.00 8.49  ? 92  VAL A O   1 
ATOM   725  C  CB  . VAL A 1 92  ? -4.787  -5.606  2.771   1.00 8.91  ? 92  VAL A CB  1 
ATOM   726  C  CG1 . VAL A 1 92  ? -6.265  -5.412  2.317   1.00 9.87  ? 92  VAL A CG1 1 
ATOM   727  C  CG2 . VAL A 1 92  ? -3.981  -6.113  1.705   1.00 9.86  ? 92  VAL A CG2 1 
ATOM   728  N  N   . ASN A 1 93  ? -5.294  -4.073  5.478   1.00 8.57  ? 93  ASN A N   1 
ATOM   729  C  CA  . ASN A 1 93  ? -6.202  -3.491  6.441   1.00 9.11  ? 93  ASN A CA  1 
ATOM   730  C  C   . ASN A 1 93  ? -5.913  -2.015  6.674   1.00 8.33  ? 93  ASN A C   1 
ATOM   731  O  O   . ASN A 1 93  ? -6.840  -1.177  6.783   1.00 9.23  ? 93  ASN A O   1 
ATOM   732  C  CB  . ASN A 1 93  ? -6.211  -4.204  7.756   1.00 11.95 ? 93  ASN A CB  1 
ATOM   733  C  CG  . ASN A 1 93  ? -6.852  -5.583  7.675   1.00 18.36 ? 93  ASN A CG  1 
ATOM   734  O  OD1 . ASN A 1 93  ? -6.530  -6.430  8.553   1.00 22.82 ? 93  ASN A OD1 1 
ATOM   735  N  ND2 . ASN A 1 93  ? -7.498  -5.889  6.626   1.00 18.87 ? 93  ASN A ND2 1 
ATOM   736  N  N   . CYS A 1 94  ? -4.647  -1.659  6.704   1.00 7.90  ? 94  CYS A N   1 
ATOM   737  C  CA  . CYS A 1 94  ? -4.283  -0.290  6.911   1.00 8.37  ? 94  CYS A CA  1 
ATOM   738  C  C   . CYS A 1 94  ? -4.536  0.552   5.630   1.00 7.51  ? 94  CYS A C   1 
ATOM   739  O  O   . CYS A 1 94  ? -5.071  1.694   5.746   1.00 7.52  ? 94  CYS A O   1 
ATOM   740  C  CB  . CYS A 1 94  ? -2.844  -0.245  7.402   1.00 8.52  ? 94  CYS A CB  1 
ATOM   741  S  SG  . CYS A 1 94  ? -2.296  1.423   7.924   1.00 8.41  ? 94  CYS A SG  1 
ATOM   742  N  N   . ALA A 1 95  ? -4.251  0.007   4.471   1.00 7.00  ? 95  ALA A N   1 
ATOM   743  C  CA  . ALA A 1 95  ? -4.590  0.713   3.241   1.00 7.13  ? 95  ALA A CA  1 
ATOM   744  C  C   . ALA A 1 95  ? -6.074  1.034   3.135   1.00 6.45  ? 95  ALA A C   1 
ATOM   745  O  O   . ALA A 1 95  ? -6.441  2.101   2.614   1.00 6.88  ? 95  ALA A O   1 
ATOM   746  C  CB  . ALA A 1 95  ? -4.156  -0.121  2.050   1.00 7.32  ? 95  ALA A CB  1 
ATOM   747  N  N   . LYS A 1 96  ? -6.954  0.138   3.625   1.00 6.93  ? 96  LYS A N   1 
ATOM   748  C  CA  . LYS A 1 96  ? -8.377  0.452   3.630   1.00 7.60  ? 96  LYS A CA  1 
ATOM   749  C  C   . LYS A 1 96  ? -8.686  1.675   4.445   1.00 7.86  ? 96  LYS A C   1 
ATOM   750  O  O   . LYS A 1 96  ? -9.569  2.490   4.044   1.00 8.53  ? 96  LYS A O   1 
ATOM   751  C  CB  . LYS A 1 96  ? -9.146  -0.781  4.127   1.00 7.87  ? 96  LYS A CB  1 
ATOM   752  C  CG  . LYS A 1 96  ? -9.177  -1.917  3.150   1.00 8.77  ? 96  LYS A CG  1 
ATOM   753  C  CD  . LYS A 1 96  ? -9.892  -3.168  3.745   1.00 9.49  ? 96  LYS A CD  1 
ATOM   754  C  CE  . LYS A 1 96  ? -9.938  -4.283  2.788   1.00 10.65 ? 96  LYS A CE  1 
ATOM   755  N  NZ  . LYS A 1 96  ? -10.604 -5.500  3.346   1.00 13.32 ? 96  LYS A NZ  1 
ATOM   756  N  N   . LYS A 1 97  ? -8.008  1.846   5.577   1.00 8.01  ? 97  LYS A N   1 
ATOM   757  C  CA  . LYS A 1 97  ? -8.208  3.075   6.379   1.00 8.28  ? 97  LYS A CA  1 
ATOM   758  C  C   . LYS A 1 97  ? -7.678  4.291   5.649   1.00 7.95  ? 97  LYS A C   1 
ATOM   759  O  O   . LYS A 1 97  ? -8.346  5.359   5.596   1.00 9.05  ? 97  LYS A O   1 
ATOM   760  C  CB  . LYS A 1 97  ? -7.526  2.916   7.705   1.00 9.40  ? 97  LYS A CB  1 
ATOM   761  C  CG  . LYS A 1 97  ? -8.151  1.953   8.607   1.00 12.22 ? 97  LYS A CG  1 
ATOM   762  C  CD  . LYS A 1 97  ? -7.480  1.966   9.947   1.00 16.91 ? 97  LYS A CD  1 
ATOM   763  C  CE  . LYS A 1 97  ? -8.294  1.159   10.958  1.00 19.40 ? 97  LYS A CE  1 
ATOM   764  N  NZ  A LYS A 1 97  ? -9.206  2.273   11.388  0.50 20.54 ? 97  LYS A NZ  1 
ATOM   765  N  NZ  B LYS A 1 97  ? -7.949  -0.236  10.634  0.50 18.94 ? 97  LYS A NZ  1 
ATOM   766  N  N   . ILE A 1 98  ? -6.516  4.177   5.007   1.00 7.38  ? 98  ILE A N   1 
ATOM   767  C  CA  . ILE A 1 98  ? -5.899  5.310   4.352   1.00 7.51  ? 98  ILE A CA  1 
ATOM   768  C  C   . ILE A 1 98  ? -6.792  5.796   3.226   1.00 7.26  ? 98  ILE A C   1 
ATOM   769  O  O   . ILE A 1 98  ? -7.017  7.014   3.064   1.00 8.02  ? 98  ILE A O   1 
ATOM   770  C  CB  . ILE A 1 98  ? -4.520  4.912   3.869   1.00 7.07  ? 98  ILE A CB  1 
ATOM   771  C  CG1 . ILE A 1 98  ? -3.612  4.602   5.049   1.00 7.47  ? 98  ILE A CG1 1 
ATOM   772  C  CG2 . ILE A 1 98  ? -3.916  6.032   2.962   1.00 8.72  ? 98  ILE A CG2 1 
ATOM   773  C  CD1 . ILE A 1 98  ? -2.297  3.938   4.635   1.00 7.97  ? 98  ILE A CD1 1 
ATOM   774  N  N   . VAL A 1 99  ? -7.229  4.864   2.377   1.00 6.62  ? 99  VAL A N   1 
ATOM   775  C  CA  . VAL A 1 99  ? -8.029  5.246   1.192   1.00 6.88  ? 99  VAL A CA  1 
ATOM   776  C  C   . VAL A 1 99  ? -9.367  5.776   1.573   1.00 7.51  ? 99  VAL A C   1 
ATOM   777  O  O   . VAL A 1 99  ? -10.061 6.421   0.699   1.00 8.53  ? 99  VAL A O   1 
ATOM   778  C  CB  . VAL A 1 99  ? -8.110  4.078   0.200   1.00 7.13  ? 99  VAL A CB  1 
ATOM   779  C  CG1 . VAL A 1 99  ? -9.099  3.021   0.668   1.00 7.93  ? 99  VAL A CG1 1 
ATOM   780  C  CG2 . VAL A 1 99  ? -8.426  4.559   -1.190  1.00 7.42  ? 99  VAL A CG2 1 
ATOM   781  N  N   . SER A 1 100 ? -9.796  5.576   2.780   1.00 8.58  ? 100 SER A N   1 
ATOM   782  C  CA  . SER A 1 100 ? -11.065 6.097   3.307   1.00 9.59  ? 100 SER A CA  1 
ATOM   783  C  C   . SER A 1 100 ? -10.895 7.401   3.986   1.00 10.68 ? 100 SER A C   1 
ATOM   784  O  O   . SER A 1 100 ? -11.934 7.982   4.499   1.00 13.03 ? 100 SER A O   1 
ATOM   785  C  CB  . SER A 1 100 ? -11.649 5.066   4.315   1.00 10.74 ? 100 SER A CB  1 
ATOM   786  O  OG  . SER A 1 100 ? -11.916 3.859   3.712   1.00 11.74 ? 100 SER A OG  1 
ATOM   787  N  N   . ASP A 1 101 ? -9.709  8.014   4.022   1.00 10.56 ? 101 ASP A N   1 
ATOM   788  C  CA  . ASP A 1 101 ? -9.437  9.208   4.830   1.00 11.64 ? 101 ASP A CA  1 
ATOM   789  C  C   . ASP A 1 101 ? -9.965  10.471  4.179   1.00 12.21 ? 101 ASP A C   1 
ATOM   790  O  O   . ASP A 1 101 ? -9.925  11.525  4.843   1.00 16.31 ? 101 ASP A O   1 
ATOM   791  C  CB  . ASP A 1 101 ? -7.947  9.296   5.144   1.00 11.77 ? 101 ASP A CB  1 
ATOM   792  C  CG  . ASP A 1 101 ? -7.533  10.310  6.291   1.00 18.03 ? 101 ASP A CG  1 
ATOM   793  O  OD1 . ASP A 1 101 ? -8.069  10.200  7.377   1.00 20.57 ? 101 ASP A OD1 1 
ATOM   794  O  OD2 . ASP A 1 101 ? -6.679  11.072  5.906   1.00 24.92 ? 101 ASP A OD2 1 
ATOM   795  N  N   . GLY A 1 102 ? -10.276 10.513  2.901   1.00 10.41 ? 102 GLY A N   1 
ATOM   796  C  CA  . GLY A 1 102 ? -10.909 11.688  2.212   1.00 11.61 ? 102 GLY A CA  1 
ATOM   797  C  C   . GLY A 1 102 ? -10.370 11.891  0.846   1.00 10.04 ? 102 GLY A C   1 
ATOM   798  O  O   . GLY A 1 102 ? -11.125 12.420  -0.008  1.00 11.72 ? 102 GLY A O   1 
ATOM   799  N  N   . ASN A 1 103 ? -9.096  11.557  0.576   1.00 8.40  ? 103 ASN A N   1 
ATOM   800  C  CA  . ASN A 1 103 ? -8.489  11.832  -0.707  1.00 9.31  ? 103 ASN A CA  1 
ATOM   801  C  C   . ASN A 1 103 ? -8.358  10.609  -1.592  1.00 7.55  ? 103 ASN A C   1 
ATOM   802  O  O   . ASN A 1 103 ? -7.662  10.664  -2.608  1.00 7.31  ? 103 ASN A O   1 
ATOM   803  C  CB  . ASN A 1 103 ? -7.211  12.596  -0.528  1.00 11.03 ? 103 ASN A CB  1 
ATOM   804  C  CG  . ASN A 1 103 ? -7.430  13.960  0.097   1.00 13.90 ? 103 ASN A CG  1 
ATOM   805  O  OD1 . ASN A 1 103 ? -8.472  14.641  -0.124  1.00 17.14 ? 103 ASN A OD1 1 
ATOM   806  N  ND2 . ASN A 1 103 ? -6.487  14.348  0.900   1.00 18.63 ? 103 ASN A ND2 1 
ATOM   807  N  N   . GLY A 1 104 ? -9.023  9.541   -1.215  1.00 7.31  ? 104 GLY A N   1 
ATOM   808  C  CA  . GLY A 1 104 ? -8.929  8.366   -2.011  1.00 7.29  ? 104 GLY A CA  1 
ATOM   809  C  C   . GLY A 1 104 ? -7.467  7.914   -2.167  1.00 6.42  ? 104 GLY A C   1 
ATOM   810  O  O   . GLY A 1 104 ? -6.652  8.041   -1.245  1.00 6.82  ? 104 GLY A O   1 
ATOM   811  N  N   . MET A 1 105 ? -7.131  7.393   -3.337  1.00 5.88  ? 105 MET A N   1 
ATOM   812  C  CA  . MET A 1 105 ? -5.791  6.910   -3.551  1.00 5.80  ? 105 MET A CA  1 
ATOM   813  C  C   . MET A 1 105 ? -4.774  8.000   -3.785  1.00 5.89  ? 105 MET A C   1 
ATOM   814  O  O   . MET A 1 105 ? -3.564  7.714   -3.850  1.00 6.12  ? 105 MET A O   1 
ATOM   815  C  CB  . MET A 1 105 ? -5.716  5.864   -4.651  1.00 6.00  ? 105 MET A CB  1 
ATOM   816  C  CG  . MET A 1 105 ? -6.308  4.507   -4.232  1.00 6.43  ? 105 MET A CG  1 
ATOM   817  S  SD  . MET A 1 105 ? -5.920  3.150   -5.350  1.00 6.99  ? 105 MET A SD  1 
ATOM   818  C  CE  . MET A 1 105 ? -4.197  2.838   -4.917  1.00 8.09  ? 105 MET A CE  1 
ATOM   819  N  N   . ASN A 1 106 ? -5.211  9.292   -3.846  1.00 6.15  ? 106 ASN A N   1 
ATOM   820  C  CA  . ASN A 1 106 ? -4.239  10.352  -3.927  1.00 6.45  ? 106 ASN A CA  1 
ATOM   821  C  C   . ASN A 1 106 ? -3.357  10.420  -2.700  1.00 6.70  ? 106 ASN A C   1 
ATOM   822  O  O   . ASN A 1 106 ? -2.310  11.084  -2.754  1.00 8.18  ? 106 ASN A O   1 
ATOM   823  C  CB  . ASN A 1 106 ? -4.894  11.713  -4.141  1.00 7.18  ? 106 ASN A CB  1 
ATOM   824  C  CG  . ASN A 1 106 ? -5.664  11.757  -5.446  1.00 6.64  ? 106 ASN A CG  1 
ATOM   825  O  OD1 . ASN A 1 106 ? -5.131  11.828  -6.522  1.00 7.73  ? 106 ASN A OD1 1 
ATOM   826  N  ND2 . ASN A 1 106 ? -7.029  11.699  -5.317  1.00 7.91  ? 106 ASN A ND2 1 
ATOM   827  N  N   . ALA A 1 107 ? -3.736  9.798   -1.615  1.00 6.94  ? 107 ALA A N   1 
ATOM   828  C  CA  . ALA A 1 107 ? -2.867  9.679   -0.417  1.00 7.92  ? 107 ALA A CA  1 
ATOM   829  C  C   . ALA A 1 107 ? -1.513  9.135   -0.858  1.00 7.03  ? 107 ALA A C   1 
ATOM   830  O  O   . ALA A 1 107 ? -0.483  9.473   -0.235  1.00 9.18  ? 107 ALA A O   1 
ATOM   831  C  CB  . ALA A 1 107 ? -3.460  8.784   0.621   1.00 8.91  ? 107 ALA A CB  1 
ATOM   832  N  N   . TRP A 1 108 ? -1.460  8.202   -1.818  1.00 6.42  ? 108 TRP A N   1 
ATOM   833  C  CA  . TRP A 1 108 ? -0.216  7.692   -2.348  1.00 6.31  ? 108 TRP A CA  1 
ATOM   834  C  C   . TRP A 1 108 ? 0.177   8.610   -3.519  1.00 6.86  ? 108 TRP A C   1 
ATOM   835  O  O   . TRP A 1 108 ? -0.348  8.522   -4.605  1.00 6.88  ? 108 TRP A O   1 
ATOM   836  C  CB  . TRP A 1 108 ? -0.393  6.260   -2.859  1.00 7.12  ? 108 TRP A CB  1 
ATOM   837  C  CG  . TRP A 1 108 ? -0.585  5.264   -1.735  1.00 6.47  ? 108 TRP A CG  1 
ATOM   838  C  CD1 . TRP A 1 108 ? 0.421   4.597   -1.092  1.00 6.88  ? 108 TRP A CD1 1 
ATOM   839  C  CD2 . TRP A 1 108 ? -1.812  4.816   -1.147  1.00 6.24  ? 108 TRP A CD2 1 
ATOM   840  N  NE1 . TRP A 1 108 ? -0.093  3.776   -0.167  1.00 7.38  ? 108 TRP A NE1 1 
ATOM   841  C  CE2 . TRP A 1 108 ? -1.478  3.871   -0.148  1.00 6.20  ? 108 TRP A CE2 1 
ATOM   842  C  CE3 . TRP A 1 108 ? -3.165  5.112   -1.370  1.00 6.51  ? 108 TRP A CE3 1 
ATOM   843  C  CZ2 . TRP A 1 108 ? -2.442  3.223   0.613   1.00 6.66  ? 108 TRP A CZ2 1 
ATOM   844  C  CZ3 . TRP A 1 108 ? -4.115  4.462   -0.611  1.00 6.69  ? 108 TRP A CZ3 1 
ATOM   845  C  CH2 . TRP A 1 108 ? -3.750  3.555   0.388   1.00 6.58  ? 108 TRP A CH2 1 
ATOM   846  N  N   . VAL A 1 109 ? 1.170   9.482   -3.278  1.00 7.84  ? 109 VAL A N   1 
ATOM   847  C  CA  . VAL A 1 109 ? 1.617   10.406  -4.291  1.00 8.37  ? 109 VAL A CA  1 
ATOM   848  C  C   . VAL A 1 109 ? 2.070   9.659   -5.549  1.00 7.87  ? 109 VAL A C   1 
ATOM   849  O  O   . VAL A 1 109 ? 1.775   10.074  -6.659  1.00 8.03  ? 109 VAL A O   1 
ATOM   850  C  CB  . VAL A 1 109 ? 2.701   11.340  -3.741  1.00 10.30 ? 109 VAL A CB  1 
ATOM   851  C  CG1 . VAL A 1 109 ? 3.417   12.110  -4.845  1.00 12.46 ? 109 VAL A CG1 1 
ATOM   852  C  CG2 . VAL A 1 109 ? 2.151   12.224  -2.654  1.00 12.67 ? 109 VAL A CG2 1 
ATOM   853  N  N   . ALA A 1 110 ? 2.726   8.559   -5.398  1.00 7.55  ? 110 ALA A N   1 
ATOM   854  C  CA  . ALA A 1 110 ? 3.127   7.751   -6.563  1.00 8.08  ? 110 ALA A CA  1 
ATOM   855  C  C   . ALA A 1 110 ? 1.958   7.204   -7.348  1.00 7.31  ? 110 ALA A C   1 
ATOM   856  O  O   . ALA A 1 110 ? 2.046   7.068   -8.571  1.00 7.88  ? 110 ALA A O   1 
ATOM   857  C  CB  . ALA A 1 110 ? 4.009   6.613   -6.196  1.00 9.50  ? 110 ALA A CB  1 
ATOM   858  N  N   . TRP A 1 111 ? 0.833   6.849   -6.676  1.00 6.64  ? 111 TRP A N   1 
ATOM   859  C  CA  . TRP A 1 111 ? -0.363  6.474   -7.428  1.00 6.83  ? 111 TRP A CA  1 
ATOM   860  C  C   . TRP A 1 111 ? -0.842  7.692   -8.259  1.00 6.33  ? 111 TRP A C   1 
ATOM   861  O  O   . TRP A 1 111 ? -1.115  7.542   -9.461  1.00 6.77  ? 111 TRP A O   1 
ATOM   862  C  CB  . TRP A 1 111 ? -1.490  5.943   -6.513  1.00 6.75  ? 111 TRP A CB  1 
ATOM   863  C  CG  . TRP A 1 111 ? -2.739  5.667   -7.281  1.00 6.64  ? 111 TRP A CG  1 
ATOM   864  C  CD1 . TRP A 1 111 ? -3.053  4.527   -7.932  1.00 6.27  ? 111 TRP A CD1 1 
ATOM   865  C  CD2 . TRP A 1 111 ? -3.797  6.593   -7.533  1.00 6.54  ? 111 TRP A CD2 1 
ATOM   866  N  NE1 . TRP A 1 111 ? -4.298  4.673   -8.579  1.00 6.88  ? 111 TRP A NE1 1 
ATOM   867  C  CE2 . TRP A 1 111 ? -4.756  5.915   -8.339  1.00 6.07  ? 111 TRP A CE2 1 
ATOM   868  C  CE3 . TRP A 1 111 ? -4.095  7.887   -7.113  1.00 6.82  ? 111 TRP A CE3 1 
ATOM   869  C  CZ2 . TRP A 1 111 ? -5.978  6.513   -8.723  1.00 7.10  ? 111 TRP A CZ2 1 
ATOM   870  C  CZ3 . TRP A 1 111 ? -5.269  8.471   -7.490  1.00 7.55  ? 111 TRP A CZ3 1 
ATOM   871  C  CH2 . TRP A 1 111 ? -6.205  7.784   -8.240  1.00 7.66  ? 111 TRP A CH2 1 
ATOM   872  N  N   . ARG A 1 112 ? -0.934  8.850   -7.674  1.00 6.69  ? 112 ARG A N   1 
ATOM   873  C  CA  . ARG A 1 112 ? -1.378  10.023  -8.404  1.00 6.92  ? 112 ARG A CA  1 
ATOM   874  C  C   . ARG A 1 112 ? -0.490  10.254  -9.592  1.00 6.78  ? 112 ARG A C   1 
ATOM   875  O  O   . ARG A 1 112 ? -0.942  10.580  -10.688 1.00 7.79  ? 112 ARG A O   1 
ATOM   876  C  CB  . ARG A 1 112 ? -1.465  11.252  -7.480  1.00 8.70  ? 112 ARG A CB  1 
ATOM   877  C  CG  . ARG A 1 112 ? -1.903  12.464  -8.211  1.00 10.57 ? 112 ARG A CG  1 
ATOM   878  C  CD  . ARG A 1 112 ? -2.256  13.699  -7.361  1.00 11.92 ? 112 ARG A CD  1 
ATOM   879  N  NE  . ARG A 1 112 ? -1.170  14.025  -6.490  1.00 13.73 ? 112 ARG A NE  1 
ATOM   880  C  CZ  . ARG A 1 112 ? -0.033  14.704  -6.820  1.00 15.99 ? 112 ARG A CZ  1 
ATOM   881  N  NH1 . ARG A 1 112 ? 0.161   15.165  -8.099  1.00 17.41 ? 112 ARG A NH1 1 
ATOM   882  N  NH2 . ARG A 1 112 ? 0.872   14.810  -5.805  1.00 18.06 ? 112 ARG A NH2 1 
ATOM   883  N  N   . ASN A 1 113 ? 0.834   10.188  -9.352  1.00 6.79  ? 113 ASN A N   1 
ATOM   884  C  CA  . ASN A 1 113 ? 1.798   10.587  -10.396 1.00 7.01  ? 113 ASN A CA  1 
ATOM   885  C  C   . ASN A 1 113 ? 2.028   9.551   -11.437 1.00 7.24  ? 113 ASN A C   1 
ATOM   886  O  O   . ASN A 1 113 ? 2.489   9.901   -12.559 1.00 7.77  ? 113 ASN A O   1 
ATOM   887  C  CB  . ASN A 1 113 ? 3.093   11.050  -9.746  1.00 6.72  ? 113 ASN A CB  1 
ATOM   888  C  CG  . ASN A 1 113 ? 2.957   12.344  -9.063  1.00 7.72  ? 113 ASN A CG  1 
ATOM   889  O  OD1 . ASN A 1 113 ? 2.173   13.207  -9.471  1.00 9.91  ? 113 ASN A OD1 1 
ATOM   890  N  ND2 . ASN A 1 113 ? 3.729   12.584  -8.029  1.00 7.69  ? 113 ASN A ND2 1 
ATOM   891  N  N   . ARG A 1 114 ? 1.760   8.257   -11.151 1.00 7.29  ? 114 ARG A N   1 
ATOM   892  C  CA  . ARG A 1 114 ? 2.215   7.205   -12.073 1.00 7.15  ? 114 ARG A CA  1 
ATOM   893  C  C   . ARG A 1 114 ? 1.121   6.223   -12.457 1.00 6.95  ? 114 ARG A C   1 
ATOM   894  O  O   . ARG A 1 114 ? 1.299   5.498   -13.463 1.00 8.33  ? 114 ARG A O   1 
ATOM   895  C  CB  . ARG A 1 114 ? 3.361   6.469   -11.470 1.00 8.27  ? 114 ARG A CB  1 
ATOM   896  C  CG  . ARG A 1 114 ? 4.495   7.398   -11.100 1.00 7.84  ? 114 ARG A CG  1 
ATOM   897  C  CD  . ARG A 1 114 ? 5.721   6.762   -10.518 1.00 9.01  ? 114 ARG A CD  1 
ATOM   898  N  NE  . ARG A 1 114 ? 6.443   6.018   -11.498 1.00 8.33  ? 114 ARG A NE  1 
ATOM   899  C  CZ  . ARG A 1 114 ? 7.600   5.411   -11.214 1.00 8.41  ? 114 ARG A CZ  1 
ATOM   900  N  NH1 . ARG A 1 114 ? 8.107   5.449   -10.033 1.00 8.78  ? 114 ARG A NH1 1 
ATOM   901  N  NH2 . ARG A 1 114 ? 8.249   4.796   -12.169 1.00 9.10  ? 114 ARG A NH2 1 
ATOM   902  N  N   . CYS A 1 115 ? 0.002   6.198   -11.741 1.00 6.75  ? 115 CYS A N   1 
ATOM   903  C  CA  . CYS A 1 115 ? -1.078  5.251   -12.018 1.00 7.08  ? 115 CYS A CA  1 
ATOM   904  C  C   . CYS A 1 115 ? -2.373  5.942   -12.382 1.00 6.85  ? 115 CYS A C   1 
ATOM   905  O  O   . CYS A 1 115 ? -3.075  5.446   -13.312 1.00 7.79  ? 115 CYS A O   1 
ATOM   906  C  CB  . CYS A 1 115 ? -1.346  4.350   -10.775 1.00 7.06  ? 115 CYS A CB  1 
ATOM   907  S  SG  . CYS A 1 115 ? 0.097   3.396   -10.255 1.00 7.75  ? 115 CYS A SG  1 
ATOM   908  N  N   . LYS A 1 116 ? -2.741  6.983   -11.714 1.00 7.26  ? 116 LYS A N   1 
ATOM   909  C  CA  . LYS A 1 116 ? -4.010  7.709   -11.935 1.00 7.93  ? 116 LYS A CA  1 
ATOM   910  C  C   . LYS A 1 116 ? -4.121  8.058   -13.399 1.00 7.68  ? 116 LYS A C   1 
ATOM   911  O  O   . LYS A 1 116 ? -3.248  8.640   -13.978 1.00 8.84  ? 116 LYS A O   1 
ATOM   912  C  CB  . LYS A 1 116 ? -4.013  8.903   -11.050 1.00 7.77  ? 116 LYS A CB  1 
ATOM   913  C  CG  . LYS A 1 116 ? -5.282  9.747   -11.115 1.00 7.46  ? 116 LYS A CG  1 
ATOM   914  C  CD  . LYS A 1 116 ? -5.157  10.937  -10.182 1.00 7.43  ? 116 LYS A CD  1 
ATOM   915  C  CE  . LYS A 1 116 ? -6.462  11.636  -9.987  1.00 8.08  ? 116 LYS A CE  1 
ATOM   916  N  NZ  . LYS A 1 116 ? -6.310  12.820  -9.080  1.00 8.90  ? 116 LYS A NZ  1 
ATOM   917  N  N   . GLY A 1 117 ? -5.277  7.715   -13.976 1.00 10.15 ? 117 GLY A N   1 
ATOM   918  C  CA  . GLY A 1 117 ? -5.575  8.011   -15.333 1.00 10.83 ? 117 GLY A CA  1 
ATOM   919  C  C   . GLY A 1 117 ? -4.955  7.124   -16.340 1.00 10.85 ? 117 GLY A C   1 
ATOM   920  O  O   . GLY A 1 117 ? -5.273  7.297   -17.548 1.00 15.00 ? 117 GLY A O   1 
ATOM   921  N  N   . THR A 1 118 ? -4.194  6.135   -15.983 1.00 10.36 ? 118 THR A N   1 
ATOM   922  C  CA  . THR A 1 118 ? -3.538  5.251   -16.932 1.00 10.21 ? 118 THR A CA  1 
ATOM   923  C  C   . THR A 1 118 ? -4.378  3.981   -17.027 1.00 10.50 ? 118 THR A C   1 
ATOM   924  O  O   . THR A 1 118 ? -5.328  3.777   -16.324 1.00 10.72 ? 118 THR A O   1 
ATOM   925  C  CB  . THR A 1 118 ? -2.104  4.914   -16.463 1.00 10.53 ? 118 THR A CB  1 
ATOM   926  O  OG1 . THR A 1 118 ? -2.140  4.003   -15.361 1.00 9.61  ? 118 THR A OG1 1 
ATOM   927  C  CG2 . THR A 1 118 ? -1.294  6.128   -16.145 1.00 11.22 ? 118 THR A CG2 1 
ATOM   928  N  N   . ASP A 1 119 ? -3.965  3.102   -17.977 1.00 11.36 ? 119 ASP A N   1 
ATOM   929  C  CA  . ASP A 1 119 ? -4.634  1.839   -18.165 1.00 12.72 ? 119 ASP A CA  1 
ATOM   930  C  C   . ASP A 1 119 ? -4.235  0.790   -17.085 1.00 11.53 ? 119 ASP A C   1 
ATOM   931  O  O   . ASP A 1 119 ? -3.491  -0.112  -17.296 1.00 12.65 ? 119 ASP A O   1 
ATOM   932  C  CB  . ASP A 1 119 ? -4.327  1.289   -19.564 1.00 14.25 ? 119 ASP A CB  1 
ATOM   933  C  CG  . ASP A 1 119 ? -4.935  -0.130  -19.784 1.00 18.81 ? 119 ASP A CG  1 
ATOM   934  O  OD1 . ASP A 1 119 ? -6.005  -0.488  -19.128 1.00 22.13 ? 119 ASP A OD1 1 
ATOM   935  O  OD2 . ASP A 1 119 ? -4.513  -0.861  -20.739 1.00 25.05 ? 119 ASP A OD2 1 
ATOM   936  N  N   . VAL A 1 120 ? -4.780  1.036   -15.894 1.00 11.64 ? 120 VAL A N   1 
ATOM   937  C  CA  . VAL A 1 120 ? -4.349  0.264   -14.735 1.00 9.80  ? 120 VAL A CA  1 
ATOM   938  C  C   . VAL A 1 120 ? -4.763  -1.185  -14.851 1.00 10.39 ? 120 VAL A C   1 
ATOM   939  O  O   . VAL A 1 120 ? -4.169  -2.075  -14.196 1.00 10.45 ? 120 VAL A O   1 
ATOM   940  C  CB  . VAL A 1 120 ? -4.794  0.859   -13.381 1.00 11.59 ? 120 VAL A CB  1 
ATOM   941  C  CG1 . VAL A 1 120 ? -4.105  2.187   -13.106 1.00 11.84 ? 120 VAL A CG1 1 
ATOM   942  C  CG2 . VAL A 1 120 ? -6.321  0.897   -13.333 1.00 12.70 ? 120 VAL A CG2 1 
ATOM   943  N  N   . GLN A 1 121 ? -5.793  -1.490  -15.675 1.00 11.51 ? 121 GLN A N   1 
ATOM   944  C  CA  . GLN A 1 121 ? -6.119  -2.888  -15.811 1.00 12.89 ? 121 GLN A CA  1 
ATOM   945  C  C   . GLN A 1 121 ? -4.994  -3.692  -16.443 1.00 11.95 ? 121 GLN A C   1 
ATOM   946  O  O   . GLN A 1 121 ? -4.929  -4.935  -16.244 1.00 12.43 ? 121 GLN A O   1 
ATOM   947  C  CB  . GLN A 1 121 ? -7.396  -2.972  -16.621 1.00 16.12 ? 121 GLN A CB  1 
ATOM   948  C  CG  . GLN A 1 121 ? -7.937  -4.366  -16.748 1.00 21.62 ? 121 GLN A CG  1 
ATOM   949  C  CD  . GLN A 1 121 ? -7.323  -5.220  -17.847 1.00 29.25 ? 121 GLN A CD  1 
ATOM   950  O  OE1 . GLN A 1 121 ? -6.790  -4.724  -18.876 1.00 32.64 ? 121 GLN A OE1 1 
ATOM   951  N  NE2 . GLN A 1 121 ? -7.382  -6.547  -17.633 1.00 34.85 ? 121 GLN A NE2 1 
ATOM   952  N  N   . ALA A 1 122 ? -4.093  -3.075  -17.112 1.00 11.03 ? 122 ALA A N   1 
ATOM   953  C  CA  . ALA A 1 122 ? -2.936  -3.821  -17.617 1.00 11.11 ? 122 ALA A CA  1 
ATOM   954  C  C   . ALA A 1 122 ? -2.197  -4.537  -16.531 1.00 10.72 ? 122 ALA A C   1 
ATOM   955  O  O   . ALA A 1 122 ? -1.557  -5.591  -16.746 1.00 12.25 ? 122 ALA A O   1 
ATOM   956  C  CB  . ALA A 1 122 ? -1.987  -2.928  -18.375 1.00 14.36 ? 122 ALA A CB  1 
ATOM   957  N  N   . TRP A 1 123 ? -2.214  -3.991  -15.296 1.00 9.87  ? 123 TRP A N   1 
ATOM   958  C  CA  . TRP A 1 123 ? -1.505  -4.613  -14.196 1.00 9.65  ? 123 TRP A CA  1 
ATOM   959  C  C   . TRP A 1 123 ? -2.074  -5.962  -13.745 1.00 9.65  ? 123 TRP A C   1 
ATOM   960  O  O   . TRP A 1 123 ? -1.365  -6.734  -13.061 1.00 12.07 ? 123 TRP A O   1 
ATOM   961  C  CB  . TRP A 1 123 ? -1.404  -3.685  -12.995 1.00 9.00  ? 123 TRP A CB  1 
ATOM   962  C  CG  . TRP A 1 123 ? -0.484  -2.574  -13.305 1.00 10.14 ? 123 TRP A CG  1 
ATOM   963  C  CD1 . TRP A 1 123 ? -0.872  -1.358  -13.725 1.00 11.40 ? 123 TRP A CD1 1 
ATOM   964  C  CD2 . TRP A 1 123 ? 0.878   -2.606  -13.265 1.00 10.71 ? 123 TRP A CD2 1 
ATOM   965  N  NE1 . TRP A 1 123 ? 0.165   -0.637  -13.986 1.00 12.67 ? 123 TRP A NE1 1 
ATOM   966  C  CE2 . TRP A 1 123 ? 1.298   -1.318  -13.800 1.00 12.49 ? 123 TRP A CE2 1 
ATOM   967  C  CE3 . TRP A 1 123 ? 1.805   -3.609  -12.964 1.00 11.61 ? 123 TRP A CE3 1 
ATOM   968  C  CZ2 . TRP A 1 123 ? 2.558   -0.958  -13.890 1.00 15.02 ? 123 TRP A CZ2 1 
ATOM   969  C  CZ3 . TRP A 1 123 ? 3.178   -3.290  -13.137 1.00 15.38 ? 123 TRP A CZ3 1 
ATOM   970  C  CH2 . TRP A 1 123 ? 3.482   -1.901  -13.624 1.00 15.87 ? 123 TRP A CH2 1 
ATOM   971  N  N   . ILE A 1 124 ? -3.301  -6.271  -14.126 1.00 9.89  ? 124 ILE A N   1 
ATOM   972  C  CA  . ILE A 1 124 ? -3.882  -7.569  -13.786 1.00 11.00 ? 124 ILE A CA  1 
ATOM   973  C  C   . ILE A 1 124 ? -4.193  -8.388  -15.042 1.00 11.62 ? 124 ILE A C   1 
ATOM   974  O  O   . ILE A 1 124 ? -4.717  -9.514  -14.927 1.00 12.08 ? 124 ILE A O   1 
ATOM   975  C  CB  . ILE A 1 124 ? -5.142  -7.468  -12.896 1.00 12.90 ? 124 ILE A CB  1 
ATOM   976  C  CG1 . ILE A 1 124 ? -6.269  -6.697  -13.584 1.00 15.37 ? 124 ILE A CG1 1 
ATOM   977  C  CG2 . ILE A 1 124 ? -4.771  -6.804  -11.530 1.00 13.25 ? 124 ILE A CG2 1 
ATOM   978  C  CD1 . ILE A 1 124 ? -7.630  -6.748  -12.919 1.00 22.31 ? 124 ILE A CD1 1 
ATOM   979  N  N   . ARG A 1 125 ? -3.797  -7.884  -16.197 1.00 12.77 ? 125 ARG A N   1 
ATOM   980  C  CA  . ARG A 1 125 ? -4.113  -8.541  -17.506 1.00 14.98 ? 125 ARG A CA  1 
ATOM   981  C  C   . ARG A 1 125 ? -3.393  -9.816  -17.486 1.00 15.25 ? 125 ARG A C   1 
ATOM   982  O  O   . ARG A 1 125 ? -2.227  -9.930  -17.208 1.00 17.77 ? 125 ARG A O   1 
ATOM   983  C  CB  . ARG A 1 125 ? -3.709  -7.651  -18.659 1.00 18.93 ? 125 ARG A CB  1 
ATOM   984  C  CG  . ARG A 1 125 ? -4.005  -8.240  -20.092 1.00 21.78 ? 125 ARG A CG  1 
ATOM   985  C  CD  . ARG A 1 125 ? -3.756  -7.086  -21.075 1.00 25.13 ? 125 ARG A CD  1 
ATOM   986  N  NE  . ARG A 1 125 ? -4.483  -5.839  -20.685 1.00 30.94 ? 125 ARG A NE  1 
ATOM   987  C  CZ  . ARG A 1 125 ? -4.105  -4.574  -20.997 1.00 32.27 ? 125 ARG A CZ  1 
ATOM   988  N  NH1 . ARG A 1 125 ? -4.823  -3.531  -20.546 1.00 29.84 ? 125 ARG A NH1 1 
ATOM   989  N  NH2 . ARG A 1 125 ? -3.004  -4.332  -21.726 1.00 36.49 ? 125 ARG A NH2 1 
ATOM   990  N  N   . GLY A 1 126 ? -4.080  -10.921 -17.859 1.00 16.89 ? 126 GLY A N   1 
ATOM   991  C  CA  . GLY A 1 126 ? -3.414  -12.182 -17.889 1.00 20.14 ? 126 GLY A CA  1 
ATOM   992  C  C   . GLY A 1 126 ? -3.531  -13.006 -16.700 1.00 18.80 ? 126 GLY A C   1 
ATOM   993  O  O   . GLY A 1 126 ? -3.345  -14.219 -16.728 1.00 23.62 ? 126 GLY A O   1 
ATOM   994  N  N   . CYS A 1 127 ? -3.860  -12.420 -15.528 1.00 14.73 ? 127 CYS A N   1 
ATOM   995  C  CA  . CYS A 1 127 ? -3.864  -13.070 -14.325 1.00 12.60 ? 127 CYS A CA  1 
ATOM   996  C  C   . CYS A 1 127 ? -5.171  -13.911 -14.158 1.00 12.58 ? 127 CYS A C   1 
ATOM   997  O  O   . CYS A 1 127 ? -6.261  -13.494 -14.431 1.00 12.67 ? 127 CYS A O   1 
ATOM   998  C  CB  . CYS A 1 127 ? -3.792  -12.043 -13.180 1.00 12.30 ? 127 CYS A CB  1 
ATOM   999  S  SG  . CYS A 1 127 ? -2.366  -10.956 -13.143 1.00 14.40 ? 127 CYS A SG  1 
ATOM   1000 N  N   . ARG A 1 128 ? -4.927  -15.076 -13.544 1.00 14.42 ? 128 ARG A N   1 
ATOM   1001 C  CA  . ARG A 1 128 ? -6.077  -15.971 -13.269 1.00 13.99 ? 128 ARG A CA  1 
ATOM   1002 C  C   . ARG A 1 128 ? -6.609  -15.495 -11.952 1.00 15.66 ? 128 ARG A C   1 
ATOM   1003 O  O   . ARG A 1 128 ? -5.771  -15.514 -10.941 1.00 21.59 ? 128 ARG A O   1 
ATOM   1004 C  CB  . ARG A 1 128 ? -5.625  -17.415 -13.240 1.00 12.56 ? 128 ARG A CB  1 
ATOM   1005 C  CG  . ARG A 1 128 ? -6.659  -18.437 -13.290 1.00 12.81 ? 128 ARG A CG  1 
ATOM   1006 C  CD  . ARG A 1 128 ? -6.154  -19.839 -13.303 1.00 12.08 ? 128 ARG A CD  1 
ATOM   1007 N  NE  . ARG A 1 128 ? -7.206  -20.837 -13.347 1.00 14.05 ? 128 ARG A NE  1 
ATOM   1008 C  CZ  . ARG A 1 128 ? -7.716  -21.295 -14.476 1.00 14.17 ? 128 ARG A CZ  1 
ATOM   1009 N  NH1 . ARG A 1 128 ? -8.530  -22.325 -14.452 1.00 16.27 ? 128 ARG A NH1 1 
ATOM   1010 N  NH2 . ARG A 1 128 ? -7.348  -20.730 -15.690 1.00 16.24 ? 128 ARG A NH2 1 
ATOM   1011 N  N   . LEU A 1 129 ? -7.713  -14.809 -11.955 1.00 15.86 ? 129 LEU A N   1 
ATOM   1012 C  CA  . LEU A 1 129 ? -8.226  -14.114 -10.805 1.00 19.54 ? 129 LEU A CA  1 
ATOM   1013 C  C   . LEU A 1 129 ? -9.644  -14.497 -10.493 1.00 24.18 ? 129 LEU A C   1 
ATOM   1014 O  O   A LEU A 1 129 ? -10.409 -14.595 -11.451 0.50 19.43 ? 129 LEU A O   1 
ATOM   1015 O  O   B LEU A 1 129 ? -10.017 -14.538 -9.268  0.50 19.58 ? 129 LEU A O   1 
ATOM   1016 C  CB  . LEU A 1 129 ? -8.118  -12.573 -10.923 1.00 16.27 ? 129 LEU A CB  1 
ATOM   1017 C  CG  . LEU A 1 129 ? -6.726  -12.115 -10.782 1.00 17.14 ? 129 LEU A CG  1 
ATOM   1018 C  CD1 . LEU A 1 129 ? -6.566  -10.701 -11.168 1.00 16.77 ? 129 LEU A CD1 1 
ATOM   1019 C  CD2 . LEU A 1 129 ? -6.192  -12.265 -9.332  1.00 22.12 ? 129 LEU A CD2 1 
HETATM 1020 C  C2  . 9U3 B 2 .   ? 2.429   -0.060  -17.961 1.00 42.24 ? 201 9U3 A C2  1 
HETATM 1021 C  C5  . 9U3 B 2 .   ? 2.507   -3.002  -16.991 1.00 47.60 ? 201 9U3 A C5  1 
HETATM 1022 C  C7  . 9U3 B 2 .   ? 2.236   -4.936  -18.428 1.00 52.52 ? 201 9U3 A C7  1 
HETATM 1023 C  C1  . 9U3 B 2 .   ? 0.760   -1.057  -19.643 1.00 40.66 ? 201 9U3 A C1  1 
HETATM 1024 N  N1  . 9U3 B 2 .   ? 1.729   -1.266  -18.486 1.00 46.22 ? 201 9U3 A N1  1 
HETATM 1025 C  C4  . 9U3 B 2 .   ? 1.310   -2.144  -17.373 1.00 44.04 ? 201 9U3 A C4  1 
HETATM 1026 N  N6  . 9U3 B 2 .   ? 2.093   -4.414  -17.052 1.00 47.77 ? 201 9U3 A N6  1 
HETATM 1027 C  C8  . 9U3 B 2 .   ? 2.686   -5.336  -16.045 1.00 48.04 ? 201 9U3 A C8  1 
HETATM 1028 C  C1  . PGO C 3 .   ? -4.614  13.157  7.905   1.00 41.47 ? 202 PGO A C1  1 
HETATM 1029 C  C2  . PGO C 3 .   ? -5.709  12.233  8.302   1.00 35.75 ? 202 PGO A C2  1 
HETATM 1030 C  C3  . PGO C 3 .   ? -6.699  12.973  9.181   1.00 38.05 ? 202 PGO A C3  1 
HETATM 1031 O  O1  . PGO C 3 .   ? -3.717  12.322  7.171   1.00 45.05 ? 202 PGO A O1  1 
HETATM 1032 O  O2  . PGO C 3 .   ? -5.282  10.994  8.919   1.00 37.90 ? 202 PGO A O2  1 
HETATM 1033 C  C1  . PGO D 3 .   ? 2.304   6.470   3.250   1.00 9.83  ? 203 PGO A C1  1 
HETATM 1034 C  C2  . PGO D 3 .   ? 1.460   6.784   2.025   1.00 13.74 ? 203 PGO A C2  1 
HETATM 1035 C  C3  . PGO D 3 .   ? 1.535   8.211   1.627   1.00 15.56 ? 203 PGO A C3  1 
HETATM 1036 O  O1  . PGO D 3 .   ? 1.087   6.436   4.076   1.00 22.32 ? 203 PGO A O1  1 
HETATM 1037 O  O2  . PGO D 3 .   ? 0.039   6.369   2.270   1.00 22.55 ? 203 PGO A O2  1 
HETATM 1038 C  C1  . PGO E 3 .   ? 5.103   12.468  6.599   1.00 21.73 ? 204 PGO A C1  1 
HETATM 1039 C  C2  . PGO E 3 .   ? 5.497   11.603  5.496   1.00 29.70 ? 204 PGO A C2  1 
HETATM 1040 C  C3  . PGO E 3 .   ? 6.595   12.401  4.784   1.00 21.99 ? 204 PGO A C3  1 
HETATM 1041 O  O1  . PGO E 3 .   ? 3.808   12.285  7.114   1.00 31.49 ? 204 PGO A O1  1 
HETATM 1042 O  O2  . PGO E 3 .   ? 4.368   11.117  4.798   1.00 33.95 ? 204 PGO A O2  1 
HETATM 1043 CL CL  . CL  F 4 .   ? -12.303 8.415   -4.336  1.00 9.45  ? 205 CL  A CL  1 
HETATM 1044 CL CL  . CL  G 4 .   ? -8.201  -2.961  -12.902 1.00 15.06 ? 206 CL  A CL  1 
HETATM 1045 CL CL  . CL  H 4 .   ? 6.704   7.622   17.395  1.00 9.72  ? 207 CL  A CL  1 
HETATM 1046 NA NA  . NA  I 5 .   ? 3.431   6.797   14.158  1.00 7.74  ? 208 NA  A NA  1 
HETATM 1047 C  C   . ACT J 6 .   ? -3.124  7.035   17.504  0.63 9.47  ? 209 ACT A C   1 
HETATM 1048 O  O   . ACT J 6 .   ? -3.680  6.049   17.670  0.63 26.16 ? 209 ACT A O   1 
HETATM 1049 O  OXT . ACT J 6 .   ? -3.404  7.632   16.707  0.63 21.12 ? 209 ACT A OXT 1 
HETATM 1050 C  CH3 . ACT J 6 .   ? -1.954  7.294   18.254  0.63 15.14 ? 209 ACT A CH3 1 
HETATM 1051 O  O   . HOH K 7 .   ? 16.287  4.745   13.634  1.00 12.93 ? 301 HOH A O   1 
HETATM 1052 O  O   . HOH K 7 .   ? 14.546  5.938   0.130   1.00 12.51 ? 302 HOH A O   1 
HETATM 1053 O  O   . HOH K 7 .   ? -2.671  -13.882 8.284   1.00 36.67 ? 303 HOH A O   1 
HETATM 1054 O  O   . HOH K 7 .   ? -8.053  -2.479  10.805  1.00 29.75 ? 304 HOH A O   1 
HETATM 1055 O  O   . HOH K 7 .   ? -3.378  3.176   18.300  1.00 40.77 ? 305 HOH A O   1 
HETATM 1056 O  O   . HOH K 7 .   ? 13.101  8.439   -0.973  1.00 20.78 ? 306 HOH A O   1 
HETATM 1057 O  O   . HOH K 7 .   ? -5.452  -16.201 -8.713  1.00 18.78 ? 307 HOH A O   1 
HETATM 1058 O  O   . HOH K 7 .   ? -5.573  4.881   16.858  1.00 37.78 ? 308 HOH A O   1 
HETATM 1059 O  O   . HOH K 7 .   ? 13.269  9.236   1.009   1.00 23.84 ? 309 HOH A O   1 
HETATM 1060 O  O   . HOH K 7 .   ? 6.257   6.498   -1.405  1.00 15.03 ? 310 HOH A O   1 
HETATM 1061 O  O   . HOH K 7 .   ? -3.182  -14.536 0.392   1.00 43.18 ? 311 HOH A O   1 
HETATM 1062 O  O   . HOH K 7 .   ? -5.871  9.234   -18.909 1.00 30.48 ? 312 HOH A O   1 
HETATM 1063 O  O   . HOH K 7 .   ? 7.171   9.249   1.454   1.00 17.00 ? 313 HOH A O   1 
HETATM 1064 O  O   . HOH K 7 .   ? 8.847   4.087   -2.989  1.00 22.51 ? 314 HOH A O   1 
HETATM 1065 O  O   . HOH K 7 .   ? 9.588   2.535   -7.367  1.00 18.74 ? 315 HOH A O   1 
HETATM 1066 O  O   . HOH K 7 .   ? 7.448   5.778   -2.893  1.00 15.93 ? 316 HOH A O   1 
HETATM 1067 O  O   . HOH K 7 .   ? 7.924   -9.459  -8.897  1.00 14.72 ? 317 HOH A O   1 
HETATM 1068 O  O   . HOH K 7 .   ? -11.966 -7.613  -8.651  1.00 22.78 ? 318 HOH A O   1 
HETATM 1069 O  O   . HOH K 7 .   ? 3.926   7.763   -2.804  1.00 10.55 ? 319 HOH A O   1 
HETATM 1070 O  O   . HOH K 7 .   ? 14.577  2.508   5.993   0.50 26.57 ? 320 HOH A O   1 
HETATM 1071 O  O   . HOH K 7 .   ? 0.022   11.236  1.632   1.00 23.13 ? 321 HOH A O   1 
HETATM 1072 O  O   . HOH K 7 .   ? 7.536   -14.483 6.602   1.00 27.78 ? 322 HOH A O   1 
HETATM 1073 O  O   . HOH K 7 .   ? 3.653   -4.883  3.005   1.00 10.48 ? 323 HOH A O   1 
HETATM 1074 O  O   . HOH K 7 .   ? -11.085 8.851   0.741   1.00 10.83 ? 324 HOH A O   1 
HETATM 1075 O  O   . HOH K 7 .   ? -9.312  -15.866 3.039   1.00 41.74 ? 325 HOH A O   1 
HETATM 1076 O  O   . HOH K 7 .   ? 9.005   14.361  4.529   1.00 18.67 ? 326 HOH A O   1 
HETATM 1077 O  O   . HOH K 7 .   ? 5.004   9.131   2.923   1.00 14.76 ? 327 HOH A O   1 
HETATM 1078 O  O   . HOH K 7 .   ? 3.072   4.837   -15.369 1.00 11.34 ? 328 HOH A O   1 
HETATM 1079 O  O   . HOH K 7 .   ? 9.870   12.646  12.348  1.00 23.05 ? 329 HOH A O   1 
HETATM 1080 O  O   . HOH K 7 .   ? 10.548  6.961   11.194  1.00 6.87  ? 330 HOH A O   1 
HETATM 1081 O  O   . HOH K 7 .   ? 8.310   -4.774  15.962  1.00 10.56 ? 331 HOH A O   1 
HETATM 1082 O  O   . HOH K 7 .   ? 2.446   -14.151 1.362   1.00 19.41 ? 332 HOH A O   1 
HETATM 1083 O  O   . HOH K 7 .   ? 6.773   -14.558 -4.485  1.00 19.12 ? 333 HOH A O   1 
HETATM 1084 O  O   . HOH K 7 .   ? 3.014   -7.231  3.819   1.00 10.30 ? 334 HOH A O   1 
HETATM 1085 O  O   . HOH K 7 .   ? -0.185  -6.653  -18.811 1.00 36.04 ? 335 HOH A O   1 
HETATM 1086 O  O   . HOH K 7 .   ? -14.116 -5.463  -0.243  1.00 22.38 ? 336 HOH A O   1 
HETATM 1087 O  O   . HOH K 7 .   ? 5.328   16.012  7.286   1.00 23.24 ? 337 HOH A O   1 
HETATM 1088 O  O   . HOH K 7 .   ? -14.502 -9.482  -5.929  1.00 25.77 ? 338 HOH A O   1 
HETATM 1089 O  O   . HOH K 7 .   ? 14.047  -1.830  3.570   1.00 7.75  ? 339 HOH A O   1 
HETATM 1090 O  O   . HOH K 7 .   ? 10.073  -13.472 -5.633  1.00 27.51 ? 340 HOH A O   1 
HETATM 1091 O  O   . HOH K 7 .   ? -10.154 -5.625  6.173   1.00 34.82 ? 341 HOH A O   1 
HETATM 1092 O  O   . HOH K 7 .   ? -7.012  -10.950 -15.037 1.00 23.35 ? 342 HOH A O   1 
HETATM 1093 O  O   . HOH K 7 .   ? -1.252  13.352  -3.799  1.00 21.00 ? 343 HOH A O   1 
HETATM 1094 O  O   . HOH K 7 .   ? -2.965  -13.613 4.107   1.00 38.38 ? 344 HOH A O   1 
HETATM 1095 O  O   . HOH K 7 .   ? 5.413   -17.370 -4.227  1.00 42.39 ? 345 HOH A O   1 
HETATM 1096 O  O   . HOH K 7 .   ? -16.973 -1.317  -4.570  1.00 22.68 ? 346 HOH A O   1 
HETATM 1097 O  O   . HOH K 7 .   ? -9.230  -1.548  8.050   1.00 18.90 ? 347 HOH A O   1 
HETATM 1098 O  O   . HOH K 7 .   ? -1.856  12.613  -12.273 1.00 21.11 ? 348 HOH A O   1 
HETATM 1099 O  O   . HOH K 7 .   ? -5.289  -12.872 7.183   1.00 27.10 ? 349 HOH A O   1 
HETATM 1100 O  O   . HOH K 7 .   ? -9.874  15.257  2.148   1.00 35.48 ? 350 HOH A O   1 
HETATM 1101 O  O   . HOH K 7 .   ? -9.951  6.531   7.485   1.00 21.52 ? 351 HOH A O   1 
HETATM 1102 O  O   . HOH K 7 .   ? 17.455  9.024   12.642  1.00 42.95 ? 352 HOH A O   1 
HETATM 1103 O  O   . HOH K 7 .   ? 9.478   -11.773 3.814   1.00 13.40 ? 353 HOH A O   1 
HETATM 1104 O  O   . HOH K 7 .   ? 7.738   -7.982  10.056  1.00 16.70 ? 354 HOH A O   1 
HETATM 1105 O  O   . HOH K 7 .   ? -0.142  14.094  14.776  1.00 32.11 ? 355 HOH A O   1 
HETATM 1106 O  O   . HOH K 7 .   ? -16.266 -2.228  -2.916  1.00 30.55 ? 356 HOH A O   1 
HETATM 1107 O  O   . HOH K 7 .   ? 9.895   6.538   21.401  1.00 17.32 ? 357 HOH A O   1 
HETATM 1108 O  O   . HOH K 7 .   ? 5.285   11.628  19.792  0.50 11.39 ? 358 HOH A O   1 
HETATM 1109 O  O   . HOH K 7 .   ? 11.738  -9.233  0.655   1.00 7.96  ? 359 HOH A O   1 
HETATM 1110 O  O   . HOH K 7 .   ? 5.415   5.939   19.941  1.00 19.79 ? 360 HOH A O   1 
HETATM 1111 O  O   . HOH K 7 .   ? 1.468   14.872  -11.581 1.00 23.74 ? 361 HOH A O   1 
HETATM 1112 O  O   . HOH K 7 .   ? -8.081  4.251   14.172  1.00 31.26 ? 362 HOH A O   1 
HETATM 1113 O  O   . HOH K 7 .   ? -7.203  4.917   -14.617 1.00 15.25 ? 363 HOH A O   1 
HETATM 1114 O  O   . HOH K 7 .   ? -7.194  9.194   1.343   1.00 9.80  ? 364 HOH A O   1 
HETATM 1115 O  O   . HOH K 7 .   ? -3.471  -14.419 -9.814  1.00 24.48 ? 365 HOH A O   1 
HETATM 1116 O  O   . HOH K 7 .   ? 0.378   14.205  -11.354 1.00 28.26 ? 366 HOH A O   1 
HETATM 1117 O  O   . HOH K 7 .   ? -0.330  1.879   -15.479 1.00 12.64 ? 367 HOH A O   1 
HETATM 1118 O  O   . HOH K 7 .   ? 5.726   6.193   14.775  1.00 7.92  ? 368 HOH A O   1 
HETATM 1119 O  O   . HOH K 7 .   ? -0.853  0.590   -17.921 1.00 19.96 ? 369 HOH A O   1 
HETATM 1120 O  O   . HOH K 7 .   ? 1.896   -8.448  9.896   1.00 15.19 ? 370 HOH A O   1 
HETATM 1121 O  O   . HOH K 7 .   ? 11.466  16.147  11.928  1.00 19.69 ? 371 HOH A O   1 
HETATM 1122 O  O   . HOH K 7 .   ? -2.821  9.987   -16.405 1.00 18.82 ? 372 HOH A O   1 
HETATM 1123 O  O   . HOH K 7 .   ? 1.329   11.460  19.436  1.00 16.99 ? 373 HOH A O   1 
HETATM 1124 O  O   . HOH K 7 .   ? 8.134   5.511   -0.337  1.00 10.87 ? 374 HOH A O   1 
HETATM 1125 O  O   . HOH K 7 .   ? -4.883  -3.051  14.271  1.00 35.23 ? 375 HOH A O   1 
HETATM 1126 O  O   . HOH K 7 .   ? -13.250 5.876   -6.126  1.00 9.24  ? 376 HOH A O   1 
HETATM 1127 O  O   . HOH K 7 .   ? 7.370   5.549   -5.377  1.00 11.62 ? 377 HOH A O   1 
HETATM 1128 O  O   . HOH K 7 .   ? -13.454 -1.969  5.574   1.00 26.38 ? 378 HOH A O   1 
HETATM 1129 O  O   . HOH K 7 .   ? -14.655 -12.143 -8.997  1.00 28.01 ? 379 HOH A O   1 
HETATM 1130 O  O   . HOH K 7 .   ? -15.299 1.686   2.616   1.00 40.34 ? 380 HOH A O   1 
HETATM 1131 O  O   . HOH K 7 .   ? -13.933 0.871   -10.317 1.00 37.03 ? 381 HOH A O   1 
HETATM 1132 O  O   . HOH K 7 .   ? 14.779  8.391   0.966   1.00 24.33 ? 382 HOH A O   1 
HETATM 1133 O  O   . HOH K 7 .   ? 12.105  11.392  13.363  1.00 24.39 ? 383 HOH A O   1 
HETATM 1134 O  O   . HOH K 7 .   ? -3.364  -3.047  9.771   1.00 13.46 ? 384 HOH A O   1 
HETATM 1135 O  O   . HOH K 7 .   ? 0.003   -9.138  8.063   1.00 13.26 ? 385 HOH A O   1 
HETATM 1136 O  O   . HOH K 7 .   ? 2.524   -1.306  3.070   1.00 7.41  ? 386 HOH A O   1 
HETATM 1137 O  O   . HOH K 7 .   ? 4.883   -5.004  -17.383 1.00 46.02 ? 387 HOH A O   1 
HETATM 1138 O  O   . HOH K 7 .   ? 9.173   -6.965  -8.729  1.00 15.29 ? 388 HOH A O   1 
HETATM 1139 O  O   . HOH K 7 .   ? 8.426   14.561  13.560  1.00 31.05 ? 389 HOH A O   1 
HETATM 1140 O  O   . HOH K 7 .   ? -7.644  -14.440 -4.807  1.00 19.28 ? 390 HOH A O   1 
HETATM 1141 O  O   . HOH K 7 .   ? 3.200   6.147   16.489  1.00 9.78  ? 391 HOH A O   1 
HETATM 1142 O  O   . HOH K 7 .   ? 4.949   13.513  13.104  1.00 27.13 ? 392 HOH A O   1 
HETATM 1143 O  O   . HOH K 7 .   ? 11.405  -5.859  -5.569  1.00 16.18 ? 393 HOH A O   1 
HETATM 1144 O  O   . HOH K 7 .   ? 1.605   11.901  5.055   1.00 35.91 ? 394 HOH A O   1 
HETATM 1145 O  O   . HOH K 7 .   ? -13.415 -4.898  3.605   1.00 25.67 ? 395 HOH A O   1 
HETATM 1146 O  O   . HOH K 7 .   ? 9.212   0.020   -9.155  1.00 25.64 ? 396 HOH A O   1 
HETATM 1147 O  O   . HOH K 7 .   ? 11.780  -2.153  -2.903  1.00 18.51 ? 397 HOH A O   1 
HETATM 1148 O  O   . HOH K 7 .   ? -6.979  -21.581 -18.426 1.00 28.60 ? 398 HOH A O   1 
HETATM 1149 O  O   . HOH K 7 .   ? -0.528  9.408   -13.378 1.00 10.22 ? 399 HOH A O   1 
HETATM 1150 O  O   . HOH K 7 .   ? 5.567   -7.099  13.426  1.00 16.55 ? 400 HOH A O   1 
HETATM 1151 O  O   . HOH K 7 .   ? -6.769  5.346   -12.019 1.00 13.12 ? 401 HOH A O   1 
HETATM 1152 O  O   . HOH K 7 .   ? -14.528 -3.968  -2.485  1.00 24.22 ? 402 HOH A O   1 
HETATM 1153 O  O   . HOH K 7 .   ? -5.373  -1.560  10.783  1.00 16.78 ? 403 HOH A O   1 
HETATM 1154 O  O   . HOH K 7 .   ? -4.620  14.519  -10.710 1.00 14.31 ? 404 HOH A O   1 
HETATM 1155 O  O   . HOH K 7 .   ? -8.440  2.919   16.616  1.00 40.81 ? 405 HOH A O   1 
HETATM 1156 O  O   . HOH K 7 .   ? 4.306   6.249   0.066   1.00 18.49 ? 406 HOH A O   1 
HETATM 1157 O  O   . HOH K 7 .   ? -4.224  1.180   -22.791 1.00 33.43 ? 407 HOH A O   1 
HETATM 1158 O  O   . HOH K 7 .   ? -14.489 6.524   -2.907  1.00 19.39 ? 408 HOH A O   1 
HETATM 1159 O  O   . HOH K 7 .   ? -11.346 -4.911  -9.319  1.00 12.44 ? 409 HOH A O   1 
HETATM 1160 O  O   . HOH K 7 .   ? 1.488   -6.666  6.116   1.00 10.21 ? 410 HOH A O   1 
HETATM 1161 O  O   . HOH K 7 .   ? 5.904   -17.056 -0.367  1.00 36.32 ? 411 HOH A O   1 
HETATM 1162 O  O   . HOH K 7 .   ? 5.652   5.714   -14.316 1.00 9.52  ? 412 HOH A O   1 
HETATM 1163 O  O   . HOH K 7 .   ? -11.361 1.873   -10.438 1.00 11.65 ? 413 HOH A O   1 
HETATM 1164 O  O   . HOH K 7 .   ? 18.308  6.374   10.707  1.00 12.96 ? 414 HOH A O   1 
HETATM 1165 O  O   . HOH K 7 .   ? 2.967   9.246   -0.939  1.00 13.49 ? 415 HOH A O   1 
HETATM 1166 O  O   . HOH K 7 .   ? 7.526   -12.147 7.205   1.00 14.99 ? 416 HOH A O   1 
HETATM 1167 O  O   . HOH K 7 .   ? -7.463  -1.005  13.899  1.00 28.59 ? 417 HOH A O   1 
HETATM 1168 O  O   . HOH K 7 .   ? -10.132 0.713   13.741  1.00 38.83 ? 418 HOH A O   1 
HETATM 1169 O  O   . HOH K 7 .   ? 3.161   -15.468 4.417   1.00 23.81 ? 419 HOH A O   1 
HETATM 1170 O  O   . HOH K 7 .   ? -1.093  -14.837 -3.414  1.00 19.67 ? 420 HOH A O   1 
HETATM 1171 O  O   . HOH K 7 .   ? 11.067  2.372   -0.924  1.00 14.72 ? 421 HOH A O   1 
HETATM 1172 O  O   . HOH K 7 .   ? 14.942  3.279   4.387   1.00 13.13 ? 422 HOH A O   1 
HETATM 1173 O  O   . HOH K 7 .   ? -10.851 -9.990  -10.222 1.00 27.93 ? 423 HOH A O   1 
HETATM 1174 O  O   . HOH K 7 .   ? -15.590 0.151   -0.007  1.00 21.42 ? 424 HOH A O   1 
HETATM 1175 O  O   . HOH K 7 .   ? -9.277  -14.289 -14.462 1.00 35.45 ? 425 HOH A O   1 
HETATM 1176 O  O   . HOH K 7 .   ? 4.761   -9.166  -14.947 1.00 36.45 ? 426 HOH A O   1 
HETATM 1177 O  O   . HOH K 7 .   ? -1.890  3.850   -20.021 1.00 17.82 ? 427 HOH A O   1 
HETATM 1178 O  O   . HOH K 7 .   ? 10.775  -13.383 -1.981  1.00 19.05 ? 428 HOH A O   1 
HETATM 1179 O  O   . HOH K 7 .   ? -2.558  14.391  15.691  1.00 28.23 ? 429 HOH A O   1 
HETATM 1180 O  O   . HOH K 7 .   ? -3.949  12.752  1.177   1.00 24.84 ? 430 HOH A O   1 
HETATM 1181 O  O   . HOH K 7 .   ? -16.826 -0.244  -7.044  1.00 40.78 ? 431 HOH A O   1 
HETATM 1182 O  O   . HOH K 7 .   ? 1.817   16.307  16.691  1.00 36.46 ? 432 HOH A O   1 
HETATM 1183 O  O   . HOH K 7 .   ? 15.330  5.373   2.587   1.00 11.54 ? 433 HOH A O   1 
HETATM 1184 O  O   . HOH K 7 .   ? -15.696 7.349   -0.506  1.00 32.09 ? 434 HOH A O   1 
HETATM 1185 O  O   . HOH K 7 .   ? 11.314  10.414  0.577   1.00 31.47 ? 435 HOH A O   1 
HETATM 1186 O  O   . HOH K 7 .   ? 1.055   -15.899 -2.056  1.00 26.98 ? 436 HOH A O   1 
HETATM 1187 O  O   . HOH K 7 .   ? -7.837  0.427   -16.886 1.00 23.09 ? 437 HOH A O   1 
HETATM 1188 O  O   . HOH K 7 .   ? -11.626 1.681   6.283   1.00 39.33 ? 438 HOH A O   1 
HETATM 1189 O  O   . HOH K 7 .   ? -12.222 -8.074  3.341   1.00 36.39 ? 439 HOH A O   1 
HETATM 1190 O  O   . HOH K 7 .   ? 4.311   9.339   18.445  1.00 14.31 ? 440 HOH A O   1 
HETATM 1191 O  O   . HOH K 7 .   ? -10.740 1.094   -13.250 1.00 28.88 ? 441 HOH A O   1 
HETATM 1192 O  O   . HOH K 7 .   ? 12.883  -4.172  -4.044  1.00 15.57 ? 442 HOH A O   1 
HETATM 1193 O  O   . HOH K 7 .   ? -13.985 8.951   1.106   1.00 27.21 ? 443 HOH A O   1 
HETATM 1194 O  O   . HOH K 7 .   ? -4.267  10.022  -18.535 1.00 33.21 ? 444 HOH A O   1 
HETATM 1195 O  O   . HOH K 7 .   ? 13.915  6.633   -2.204  1.00 25.71 ? 445 HOH A O   1 
HETATM 1196 O  O   . HOH K 7 .   ? -16.841 0.934   -3.373  1.00 31.91 ? 446 HOH A O   1 
HETATM 1197 O  O   . HOH K 7 .   ? 6.182   -9.902  -11.373 1.00 32.37 ? 447 HOH A O   1 
HETATM 1198 O  O   . HOH K 7 .   ? 2.829   -14.000 -10.108 1.00 17.50 ? 448 HOH A O   1 
HETATM 1199 O  O   . HOH K 7 .   ? 6.773   11.307  1.704   1.00 37.20 ? 449 HOH A O   1 
HETATM 1200 O  O   . HOH K 7 .   ? 7.124   8.706   -0.437  1.00 37.70 ? 450 HOH A O   1 
HETATM 1201 O  O   . HOH K 7 .   ? -8.974  3.277   -12.807 1.00 16.18 ? 451 HOH A O   1 
HETATM 1202 O  O   . HOH K 7 .   ? -5.789  5.254   19.869  1.00 38.64 ? 452 HOH A O   1 
HETATM 1203 O  O   . HOH K 7 .   ? 16.411  10.876  11.617  1.00 30.81 ? 453 HOH A O   1 
HETATM 1204 O  O   . HOH K 7 .   ? 2.847   -12.617 -12.526 1.00 20.43 ? 454 HOH A O   1 
HETATM 1205 O  O   . HOH K 7 .   ? 11.845  -12.376 1.631   1.00 24.99 ? 455 HOH A O   1 
HETATM 1206 O  O   . HOH K 7 .   ? -10.043 -1.085  -14.271 1.00 39.35 ? 456 HOH A O   1 
HETATM 1207 O  O   . HOH K 7 .   ? -0.482  -9.161  -19.759 1.00 27.68 ? 457 HOH A O   1 
HETATM 1208 O  O   . HOH K 7 .   ? 7.652   2.124   20.388  1.00 6.43  ? 458 HOH A O   1 
HETATM 1209 O  O   . HOH K 7 .   ? -7.222  -9.546  -18.724 1.00 24.67 ? 459 HOH A O   1 
HETATM 1210 O  O   . HOH K 7 .   ? -8.096  -9.222  8.536   1.00 26.85 ? 460 HOH A O   1 
HETATM 1211 O  O   . HOH K 7 .   ? 0.672   -0.910  17.828  1.00 13.74 ? 461 HOH A O   1 
HETATM 1212 O  O   . HOH K 7 .   ? 12.549  -4.712  -11.500 1.00 24.52 ? 462 HOH A O   1 
HETATM 1213 O  O   . HOH K 7 .   ? -1.885  15.126  -10.573 1.00 23.38 ? 463 HOH A O   1 
HETATM 1214 O  O   . HOH K 7 .   ? -2.329  -16.042 -11.907 1.00 28.48 ? 464 HOH A O   1 
HETATM 1215 O  O   . HOH K 7 .   ? -1.869  -16.091 -13.600 1.00 23.66 ? 465 HOH A O   1 
HETATM 1216 O  O   . HOH K 7 .   ? 4.463   -16.748 1.751   1.00 35.04 ? 466 HOH A O   1 
HETATM 1217 O  O   . HOH K 7 .   ? -6.112  15.098  -6.782  1.00 23.44 ? 467 HOH A O   1 
HETATM 1218 O  O   . HOH K 7 .   ? -4.353  -21.883 -16.160 1.00 29.89 ? 468 HOH A O   1 
HETATM 1219 O  O   . HOH K 7 .   ? 9.972   13.034  1.927   1.00 15.07 ? 469 HOH A O   1 
HETATM 1220 O  O   . HOH K 7 .   ? 3.750   -0.736  18.394  1.00 9.57  ? 470 HOH A O   1 
HETATM 1221 O  O   . HOH K 7 .   ? -6.935  4.988   -19.134 1.00 35.29 ? 471 HOH A O   1 
HETATM 1222 O  O   . HOH K 7 .   ? 1.131   14.465  6.299   1.00 22.97 ? 472 HOH A O   1 
HETATM 1223 O  O   . HOH K 7 .   ? 2.559   16.086  -3.287  1.00 44.80 ? 473 HOH A O   1 
HETATM 1224 O  O   . HOH K 7 .   ? 1.161   3.629   19.536  1.00 10.66 ? 474 HOH A O   1 
HETATM 1225 O  O   . HOH K 7 .   ? 6.569   7.559   -3.252  1.00 19.42 ? 475 HOH A O   1 
HETATM 1226 O  O   . HOH K 7 .   ? -0.792  10.098  4.634   1.00 8.96  ? 476 HOH A O   1 
HETATM 1227 O  O   . HOH K 7 .   ? 6.925   13.382  11.109  1.00 28.25 ? 477 HOH A O   1 
HETATM 1228 O  O   . HOH K 7 .   ? 15.782  11.174  9.946   1.00 16.10 ? 478 HOH A O   1 
HETATM 1229 O  O   . HOH K 7 .   ? -4.118  -5.781  10.792  1.00 14.81 ? 479 HOH A O   1 
HETATM 1230 O  O   . HOH K 7 .   ? -2.682  14.287  18.504  1.00 22.28 ? 480 HOH A O   1 
HETATM 1231 O  O   . HOH K 7 .   ? -3.684  10.783  4.183   1.00 31.15 ? 481 HOH A O   1 
HETATM 1232 O  O   . HOH K 7 .   ? 0.307   -12.183 -18.579 1.00 32.30 ? 482 HOH A O   1 
HETATM 1233 O  O   . HOH K 7 .   ? 1.498   7.040   18.406  1.00 24.39 ? 483 HOH A O   1 
HETATM 1234 O  O   . HOH K 7 .   ? -0.520  -12.644 1.742   1.00 9.83  ? 484 HOH A O   1 
HETATM 1235 O  O   . HOH K 7 .   ? -11.256 -20.976 -16.069 1.00 34.60 ? 485 HOH A O   1 
HETATM 1236 O  O   . HOH K 7 .   ? -0.343  -3.439  18.214  1.00 29.10 ? 486 HOH A O   1 
HETATM 1237 O  O   . HOH K 7 .   ? -8.371  -9.016  5.423   1.00 38.56 ? 487 HOH A O   1 
HETATM 1238 O  O   . HOH K 7 .   ? -12.789 -9.833  1.464   1.00 35.38 ? 488 HOH A O   1 
HETATM 1239 O  O   . HOH K 7 .   ? 2.812   1.202   20.754  1.00 32.21 ? 489 HOH A O   1 
HETATM 1240 O  O   . HOH K 7 .   ? 10.658  9.029   -1.886  1.00 34.92 ? 490 HOH A O   1 
HETATM 1241 O  O   . HOH K 7 .   ? -6.213  11.101  -14.343 1.00 14.53 ? 491 HOH A O   1 
HETATM 1242 O  O   . HOH K 7 .   ? -0.367  8.204   19.109  1.00 32.54 ? 492 HOH A O   1 
HETATM 1243 O  O   . HOH K 7 .   ? -1.442  -11.028 9.696   1.00 40.77 ? 493 HOH A O   1 
HETATM 1244 O  O   . HOH K 7 .   ? 10.667  9.913   18.715  1.00 28.19 ? 494 HOH A O   1 
HETATM 1245 O  O   . HOH K 7 .   ? 10.831  0.190   -5.350  1.00 32.93 ? 495 HOH A O   1 
HETATM 1246 O  O   . HOH K 7 .   ? 8.236   9.764   19.072  1.00 16.49 ? 496 HOH A O   1 
HETATM 1247 O  O   . HOH K 7 .   ? 1.020   -3.911  -20.840 1.00 45.06 ? 497 HOH A O   1 
HETATM 1248 O  O   . HOH K 7 .   ? -5.645  11.164  2.405   1.00 22.85 ? 498 HOH A O   1 
HETATM 1249 O  O   . HOH K 7 .   ? -9.381  5.756   12.424  1.00 37.75 ? 499 HOH A O   1 
HETATM 1250 O  O   . HOH K 7 .   ? 15.654  10.970  14.110  1.00 34.50 ? 500 HOH A O   1 
HETATM 1251 O  O   . HOH K 7 .   ? -1.598  0.170   19.422  1.00 33.68 ? 501 HOH A O   1 
HETATM 1252 O  O   . HOH K 7 .   ? -6.556  -2.210  -23.542 1.00 34.58 ? 502 HOH A O   1 
HETATM 1253 O  O   . HOH K 7 .   ? 7.016   -10.691 9.759   1.00 18.42 ? 503 HOH A O   1 
HETATM 1254 O  O   . HOH K 7 .   ? -13.503 -11.006 -11.712 1.00 37.72 ? 504 HOH A O   1 
HETATM 1255 O  O   . HOH K 7 .   ? 7.578   -14.114 -8.908  1.00 30.59 ? 505 HOH A O   1 
HETATM 1256 O  O   . HOH K 7 .   ? 3.089   -15.440 7.379   1.00 34.54 ? 506 HOH A O   1 
HETATM 1257 O  O   . HOH K 7 .   ? -4.051  -15.535 -2.405  1.00 17.22 ? 507 HOH A O   1 
HETATM 1258 O  O   . HOH K 7 .   ? -8.874  6.383   -16.492 1.00 18.38 ? 508 HOH A O   1 
HETATM 1259 O  O   . HOH K 7 .   ? 13.103  -1.501  -11.065 1.00 40.29 ? 509 HOH A O   1 
HETATM 1260 O  O   . HOH K 7 .   ? -3.449  7.992   21.017  1.00 26.38 ? 510 HOH A O   1 
HETATM 1261 O  O   . HOH K 7 .   ? 9.827   6.424   -2.361  1.00 27.98 ? 511 HOH A O   1 
HETATM 1262 O  O   . HOH K 7 .   ? 13.505  -1.355  -6.587  1.00 36.53 ? 512 HOH A O   1 
HETATM 1263 O  O   . HOH K 7 .   ? -17.831 0.856   -5.108  1.00 27.33 ? 513 HOH A O   1 
HETATM 1264 O  O   . HOH K 7 .   ? 5.720   -6.386  -13.042 1.00 18.28 ? 514 HOH A O   1 
HETATM 1265 O  O   . HOH K 7 .   ? 2.506   2.007   -15.866 1.00 14.36 ? 515 HOH A O   1 
HETATM 1266 O  O   . HOH K 7 .   ? 6.506   -3.835  -15.208 1.00 37.42 ? 516 HOH A O   1 
HETATM 1267 O  O   . HOH K 7 .   ? 2.157   -16.210 2.511   1.00 34.77 ? 517 HOH A O   1 
HETATM 1268 O  O   . HOH K 7 .   ? -0.125  -15.185 3.582   1.00 37.18 ? 518 HOH A O   1 
HETATM 1269 O  O   . HOH K 7 .   ? -2.065  6.823   -20.003 1.00 26.40 ? 519 HOH A O   1 
HETATM 1270 O  O   . HOH K 7 .   ? -8.430  6.108   10.190  1.00 34.39 ? 520 HOH A O   1 
HETATM 1271 O  O   . HOH K 7 .   ? 7.804   -15.781 2.111   1.00 27.28 ? 521 HOH A O   1 
HETATM 1272 O  O   . HOH K 7 .   ? -2.423  17.876  11.636  1.00 40.20 ? 522 HOH A O   1 
HETATM 1273 O  O   . HOH K 7 .   ? -11.823 3.640   7.879   1.00 38.57 ? 523 HOH A O   1 
HETATM 1274 O  O   . HOH K 7 .   ? 4.676   -9.076  11.509  1.00 24.87 ? 524 HOH A O   1 
HETATM 1275 O  O   . HOH K 7 .   ? -6.415  11.394  -17.162 1.00 32.01 ? 525 HOH A O   1 
HETATM 1276 O  O   . HOH K 7 .   ? -11.407 0.050   8.086   1.00 35.89 ? 526 HOH A O   1 
HETATM 1277 O  O   . HOH K 7 .   ? 3.318   7.756   20.280  1.00 18.22 ? 527 HOH A O   1 
HETATM 1278 O  O   . HOH K 7 .   ? -4.231  -5.314  13.922  1.00 32.76 ? 528 HOH A O   1 
HETATM 1279 O  O   . HOH K 7 .   ? 0.626   9.319   21.153  1.00 25.52 ? 529 HOH A O   1 
HETATM 1280 O  O   . HOH K 7 .   ? 7.939   4.556   21.827  1.00 21.04 ? 530 HOH A O   1 
HETATM 1281 O  O   . HOH K 7 .   ? -10.281 -1.611  -18.570 1.00 43.66 ? 531 HOH A O   1 
HETATM 1282 O  O   . HOH K 7 .   ? -14.869 10.797  2.026   1.00 31.87 ? 532 HOH A O   1 
HETATM 1283 O  O   . HOH K 7 .   ? 17.460  7.660   3.833   0.50 19.20 ? 533 HOH A O   1 
HETATM 1284 O  O   . HOH K 7 .   ? 8.102   -16.137 -2.059  1.00 44.35 ? 534 HOH A O   1 
HETATM 1285 O  O   . HOH K 7 .   ? -4.423  13.027  -13.166 1.00 15.34 ? 535 HOH A O   1 
HETATM 1286 O  O   . HOH K 7 .   ? -15.538 -2.520  -0.223  1.00 31.90 ? 536 HOH A O   1 
HETATM 1287 O  O   . HOH K 7 .   ? 3.526   -4.191  -21.501 1.00 44.32 ? 537 HOH A O   1 
HETATM 1288 O  O   . HOH K 7 .   ? 2.349   13.013  1.013   1.00 40.35 ? 538 HOH A O   1 
HETATM 1289 O  O   . HOH K 7 .   ? 6.745   -1.005  -15.163 1.00 34.80 ? 539 HOH A O   1 
HETATM 1290 O  O   . HOH K 7 .   ? 8.117   -16.850 -4.659  1.00 36.05 ? 540 HOH A O   1 
HETATM 1291 O  O   . HOH K 7 .   ? -15.595 -3.692  1.366   1.00 37.20 ? 541 HOH A O   1 
HETATM 1292 O  O   . HOH K 7 .   ? 11.079  -14.138 4.057   1.00 29.83 ? 542 HOH A O   1 
HETATM 1293 O  O   . HOH K 7 .   ? 0.614   -6.472  14.543  1.00 21.33 ? 543 HOH A O   1 
HETATM 1294 O  O   . HOH K 7 .   ? 3.118   -7.398  14.860  1.00 25.39 ? 544 HOH A O   1 
HETATM 1295 O  O   . HOH K 7 .   ? 17.507  10.763  6.037   1.00 26.36 ? 545 HOH A O   1 
HETATM 1296 O  O   . HOH K 7 .   ? 0.206   -8.156  12.168  1.00 32.99 ? 546 HOH A O   1 
HETATM 1297 O  O   . HOH K 7 .   ? -1.982  -7.082  12.451  1.00 34.05 ? 547 HOH A O   1 
HETATM 1298 O  O   . HOH K 7 .   ? -5.810  -6.766  14.666  0.50 25.26 ? 548 HOH A O   1 
# 
